data_6IXV
#
_entry.id   6IXV
#
_cell.length_a   117.806
_cell.length_b   199.075
_cell.length_c   303.896
_cell.angle_alpha   90.00
_cell.angle_beta   90.00
_cell.angle_gamma   90.00
#
_symmetry.space_group_name_H-M   'I 2 2 2'
#
loop_
_entity.id
_entity.type
_entity.pdbx_description
1 polymer 'SH3 domain-binding protein 5'
2 polymer 'Ras-related protein Rab-11A'
3 non-polymer 'PHOSPHATE ION'
#
loop_
_entity_poly.entity_id
_entity_poly.type
_entity_poly.pdbx_seq_one_letter_code
_entity_poly.pdbx_strand_id
1 'polypeptide(L)'
;SHSEEPAEILPPARDEEEEEEEGMEQGLEEEEEVDPRIQGELEKLNQSTDDINRRETELEDARQKFRSVLVEATVKLDEL
VKKIGKAVEDSKPYWEARRVARQAQLEAQKATQDFQRATEVLRAAKETISLAEQRLLEDDKRQFDSAWQEMLNHATQRVM
EAEQTKTRSELVHKETAARYNAAMGRMRQLEKKLKRAINKSKPYFELKAKYYVQLEQLKKTVDDLQAKLTLAKGEYKMAL
KNLEMISDEIHERRRSSAMGPRGCGVGAE
;
A,B,C,D
2 'polypeptide(L)'
;SHMGTRDDEYDYLFKVVLIGDSGVGKSNLLSRFTRNEFNLESKSTIGVEFATRSIQVDGKTIKAQIWDTAGQERYRAITS
AYYRGAVGALLVYDIAKHLTYENVERWLKELRDHADSNIVIMLVGNKSDLRHLRAVPTDEARAFAEKNGLSFIETSALDS
TNVEAAFQTILTEIY
;
E,F,G,H
#
# COMPACT_ATOMS: atom_id res chain seq x y z
N ASP A 35 27.50 -28.52 39.00
CA ASP A 35 28.30 -29.74 38.87
C ASP A 35 27.61 -30.83 38.03
N PRO A 36 26.31 -31.12 38.30
CA PRO A 36 25.71 -32.13 37.43
C PRO A 36 25.29 -31.57 36.07
N ARG A 37 25.38 -30.25 35.93
CA ARG A 37 24.99 -29.58 34.70
C ARG A 37 26.01 -29.82 33.59
N ILE A 38 27.21 -30.23 33.98
CA ILE A 38 28.32 -30.39 33.05
C ILE A 38 28.06 -31.44 31.97
N GLN A 39 27.54 -32.60 32.37
CA GLN A 39 27.30 -33.69 31.44
C GLN A 39 26.32 -33.28 30.33
N GLY A 40 25.36 -32.43 30.69
CA GLY A 40 24.40 -31.94 29.73
C GLY A 40 25.01 -30.97 28.73
N GLU A 41 26.05 -30.26 29.15
CA GLU A 41 26.70 -29.28 28.30
C GLU A 41 27.71 -29.92 27.35
N LEU A 42 28.53 -30.81 27.88
CA LEU A 42 29.56 -31.49 27.09
C LEU A 42 28.95 -32.33 25.97
N GLU A 43 27.89 -33.05 26.29
CA GLU A 43 27.23 -33.92 25.32
C GLU A 43 26.58 -33.09 24.21
N LYS A 44 26.11 -31.90 24.56
CA LYS A 44 25.51 -31.00 23.59
C LYS A 44 26.60 -30.22 22.84
N LEU A 45 27.73 -29.99 23.52
CA LEU A 45 28.90 -29.43 22.87
C LEU A 45 29.41 -30.43 21.84
N ASN A 46 29.26 -31.71 22.16
CA ASN A 46 29.69 -32.79 21.29
C ASN A 46 28.83 -32.86 20.03
N GLN A 47 27.52 -32.77 20.22
CA GLN A 47 26.58 -32.82 19.11
C GLN A 47 26.66 -31.56 18.26
N SER A 48 26.90 -30.42 18.90
CA SER A 48 27.02 -29.15 18.19
C SER A 48 28.26 -29.12 17.32
N THR A 49 29.31 -29.81 17.76
CA THR A 49 30.54 -29.92 17.00
C THR A 49 30.28 -30.61 15.67
N ASP A 50 29.55 -31.71 15.72
CA ASP A 50 29.18 -32.45 14.51
C ASP A 50 28.13 -31.69 13.71
N ASP A 51 27.32 -30.90 14.41
CA ASP A 51 26.27 -30.12 13.77
C ASP A 51 26.88 -29.01 12.91
N ILE A 52 28.02 -28.49 13.34
CA ILE A 52 28.73 -27.47 12.57
C ILE A 52 29.32 -28.06 11.29
N ASN A 53 30.02 -29.18 11.43
CA ASN A 53 30.69 -29.82 10.30
C ASN A 53 29.70 -30.33 9.25
N ARG A 54 28.53 -30.77 9.70
CA ARG A 54 27.54 -31.33 8.78
C ARG A 54 26.85 -30.24 7.96
N ARG A 55 26.86 -29.01 8.47
CA ARG A 55 26.23 -27.90 7.78
C ARG A 55 27.21 -27.19 6.83
N GLU A 56 28.46 -27.06 7.27
CA GLU A 56 29.49 -26.43 6.45
C GLU A 56 29.79 -27.28 5.22
N THR A 57 29.68 -28.59 5.39
CA THR A 57 29.87 -29.53 4.28
C THR A 57 28.76 -29.38 3.25
N GLU A 58 27.52 -29.31 3.74
CA GLU A 58 26.38 -29.10 2.86
C GLU A 58 26.43 -27.71 2.24
N LEU A 59 26.96 -26.75 2.98
CA LEU A 59 27.15 -25.40 2.48
C LEU A 59 28.22 -25.38 1.40
N GLU A 60 29.29 -26.13 1.63
CA GLU A 60 30.39 -26.24 0.67
C GLU A 60 29.91 -26.94 -0.60
N ASP A 61 28.94 -27.83 -0.45
CA ASP A 61 28.40 -28.59 -1.58
C ASP A 61 27.38 -27.77 -2.35
N ALA A 62 26.48 -27.10 -1.63
CA ALA A 62 25.46 -26.28 -2.26
C ALA A 62 26.06 -25.10 -3.00
N ARG A 63 27.10 -24.52 -2.42
CA ARG A 63 27.80 -23.39 -3.04
C ARG A 63 28.58 -23.84 -4.27
N GLN A 64 29.13 -25.04 -4.22
CA GLN A 64 29.88 -25.59 -5.35
C GLN A 64 28.95 -25.86 -6.53
N LYS A 65 27.75 -26.34 -6.22
CA LYS A 65 26.75 -26.59 -7.26
C LYS A 65 26.15 -25.29 -7.76
N PHE A 66 26.28 -24.23 -6.97
CA PHE A 66 25.82 -22.91 -7.38
C PHE A 66 26.77 -22.29 -8.38
N ARG A 67 28.07 -22.43 -8.11
CA ARG A 67 29.10 -21.92 -9.01
C ARG A 67 29.08 -22.67 -10.33
N SER A 68 28.82 -23.97 -10.27
CA SER A 68 28.80 -24.83 -11.45
C SER A 68 27.71 -24.43 -12.44
N VAL A 69 26.64 -23.84 -11.92
CA VAL A 69 25.52 -23.44 -12.78
C VAL A 69 25.72 -22.04 -13.33
N LEU A 70 26.23 -21.12 -12.53
CA LEU A 70 26.42 -19.74 -12.96
C LEU A 70 27.46 -19.66 -14.07
N VAL A 71 28.45 -20.55 -14.03
CA VAL A 71 29.45 -20.61 -15.08
C VAL A 71 28.87 -21.31 -16.31
N GLU A 72 27.92 -22.20 -16.07
CA GLU A 72 27.21 -22.90 -17.14
C GLU A 72 26.24 -21.94 -17.81
N ALA A 73 25.60 -21.10 -17.01
CA ALA A 73 24.66 -20.11 -17.50
C ALA A 73 25.39 -18.99 -18.22
N THR A 74 26.65 -18.78 -17.85
CA THR A 74 27.45 -17.72 -18.45
C THR A 74 27.90 -18.08 -19.85
N VAL A 75 28.39 -19.31 -20.02
CA VAL A 75 28.94 -19.74 -21.30
C VAL A 75 27.85 -20.06 -22.32
N LYS A 76 26.68 -20.48 -21.84
CA LYS A 76 25.59 -20.84 -22.74
C LYS A 76 24.82 -19.61 -23.21
N LEU A 77 24.98 -18.50 -22.48
CA LEU A 77 24.37 -17.25 -22.88
C LEU A 77 25.21 -16.55 -23.94
N ASP A 78 26.54 -16.65 -23.80
CA ASP A 78 27.45 -16.02 -24.73
C ASP A 78 27.44 -16.68 -26.10
N GLU A 79 27.28 -18.00 -26.12
CA GLU A 79 27.25 -18.75 -27.38
C GLU A 79 25.98 -18.44 -28.16
N LEU A 80 24.96 -17.93 -27.47
CA LEU A 80 23.74 -17.49 -28.13
C LEU A 80 23.88 -16.04 -28.60
N VAL A 81 24.81 -15.32 -27.97
CA VAL A 81 25.13 -13.97 -28.41
C VAL A 81 25.98 -14.02 -29.67
N LYS A 82 26.92 -14.96 -29.71
CA LYS A 82 27.76 -15.17 -30.88
C LYS A 82 26.97 -15.76 -32.04
N LYS A 83 25.83 -16.36 -31.72
CA LYS A 83 24.96 -16.93 -32.73
C LYS A 83 24.14 -15.84 -33.41
N ILE A 84 23.14 -15.31 -32.68
CA ILE A 84 22.34 -14.20 -33.18
C ILE A 84 22.31 -13.07 -32.14
N GLY A 85 23.33 -12.22 -32.15
CA GLY A 85 23.41 -11.12 -31.21
C GLY A 85 22.75 -9.86 -31.71
N LYS A 86 22.32 -9.88 -32.96
CA LYS A 86 21.67 -8.74 -33.58
C LYS A 86 20.27 -8.54 -33.04
N ALA A 87 19.66 -9.63 -32.58
CA ALA A 87 18.29 -9.59 -32.10
C ALA A 87 18.21 -9.58 -30.57
N VAL A 88 19.31 -9.95 -29.92
CA VAL A 88 19.35 -10.00 -28.47
C VAL A 88 19.30 -8.60 -27.85
N GLU A 89 20.21 -7.74 -28.25
CA GLU A 89 20.31 -6.40 -27.69
C GLU A 89 19.18 -5.49 -28.17
N ASP A 90 18.51 -5.89 -29.25
CA ASP A 90 17.42 -5.10 -29.81
C ASP A 90 16.07 -5.46 -29.19
N SER A 91 16.00 -6.64 -28.57
CA SER A 91 14.76 -7.12 -27.97
C SER A 91 14.71 -6.83 -26.48
N LYS A 92 15.86 -6.51 -25.89
CA LYS A 92 15.94 -6.17 -24.48
C LYS A 92 14.98 -5.04 -24.04
N PRO A 93 14.79 -4.01 -24.89
CA PRO A 93 13.75 -3.03 -24.51
C PRO A 93 12.36 -3.64 -24.40
N TYR A 94 12.06 -4.65 -25.20
CA TYR A 94 10.75 -5.30 -25.19
C TYR A 94 10.51 -6.07 -23.90
N TRP A 95 11.39 -7.02 -23.62
CA TRP A 95 11.24 -7.89 -22.44
C TRP A 95 11.30 -7.09 -21.15
N GLU A 96 12.03 -5.99 -21.17
CA GLU A 96 12.10 -5.10 -20.01
C GLU A 96 10.82 -4.28 -19.92
N ALA A 97 10.13 -4.13 -21.05
CA ALA A 97 8.85 -3.43 -21.07
C ALA A 97 7.71 -4.39 -20.83
N ARG A 98 8.03 -5.69 -20.76
CA ARG A 98 7.03 -6.71 -20.50
C ARG A 98 6.99 -7.06 -19.01
N ARG A 99 8.15 -7.03 -18.37
CA ARG A 99 8.23 -7.26 -16.94
C ARG A 99 7.57 -6.11 -16.19
N VAL A 100 7.59 -4.93 -16.80
CA VAL A 100 6.94 -3.76 -16.25
C VAL A 100 5.42 -3.92 -16.31
N ALA A 101 4.94 -4.38 -17.46
CA ALA A 101 3.51 -4.62 -17.66
C ALA A 101 2.99 -5.63 -16.65
N ARG A 102 3.79 -6.66 -16.37
CA ARG A 102 3.43 -7.68 -15.39
C ARG A 102 3.44 -7.08 -13.98
N GLN A 103 4.42 -6.23 -13.72
CA GLN A 103 4.54 -5.56 -12.43
C GLN A 103 3.37 -4.59 -12.22
N ALA A 104 3.05 -3.83 -13.25
CA ALA A 104 1.94 -2.87 -13.19
C ALA A 104 0.60 -3.59 -13.19
N GLN A 105 0.62 -4.88 -13.48
CA GLN A 105 -0.58 -5.69 -13.46
C GLN A 105 -0.93 -6.13 -12.04
N LEU A 106 0.09 -6.56 -11.31
CA LEU A 106 -0.09 -6.97 -9.93
C LEU A 106 -0.49 -5.78 -9.05
N GLU A 107 -0.02 -4.60 -9.43
CA GLU A 107 -0.39 -3.38 -8.72
C GLU A 107 -1.86 -3.04 -8.94
N ALA A 108 -2.31 -3.17 -10.19
CA ALA A 108 -3.69 -2.91 -10.53
C ALA A 108 -4.60 -4.04 -10.03
N GLN A 109 -3.98 -5.17 -9.71
CA GLN A 109 -4.71 -6.33 -9.22
C GLN A 109 -4.87 -6.27 -7.70
N LYS A 110 -3.84 -5.78 -7.02
CA LYS A 110 -3.89 -5.59 -5.57
C LYS A 110 -4.78 -4.42 -5.20
N ALA A 111 -4.67 -3.34 -5.96
CA ALA A 111 -5.46 -2.14 -5.72
C ALA A 111 -6.95 -2.42 -5.93
N THR A 112 -7.25 -3.31 -6.86
CA THR A 112 -8.62 -3.71 -7.12
C THR A 112 -9.18 -4.50 -5.94
N GLN A 113 -8.36 -5.36 -5.37
CA GLN A 113 -8.76 -6.15 -4.20
C GLN A 113 -8.89 -5.26 -2.97
N ASP A 114 -8.00 -4.27 -2.86
CA ASP A 114 -8.02 -3.34 -1.73
C ASP A 114 -9.17 -2.35 -1.87
N PHE A 115 -9.57 -2.06 -3.10
CA PHE A 115 -10.72 -1.19 -3.34
C PHE A 115 -12.01 -1.95 -3.09
N GLN A 116 -12.07 -3.19 -3.59
CA GLN A 116 -13.22 -4.05 -3.40
C GLN A 116 -13.46 -4.32 -1.91
N ARG A 117 -12.36 -4.42 -1.16
CA ARG A 117 -12.44 -4.63 0.28
C ARG A 117 -12.89 -3.35 0.99
N ALA A 118 -12.45 -2.20 0.46
CA ALA A 118 -12.78 -0.91 1.06
C ALA A 118 -14.20 -0.47 0.72
N THR A 119 -14.78 -1.08 -0.31
CA THR A 119 -16.15 -0.77 -0.69
C THR A 119 -17.15 -1.53 0.18
N GLU A 120 -16.74 -2.71 0.65
CA GLU A 120 -17.59 -3.51 1.52
C GLU A 120 -17.58 -2.97 2.94
N VAL A 121 -16.67 -2.04 3.20
CA VAL A 121 -16.61 -1.37 4.50
C VAL A 121 -17.80 -0.42 4.67
N LEU A 122 -18.10 0.34 3.63
CA LEU A 122 -19.24 1.25 3.64
C LEU A 122 -20.56 0.49 3.66
N ARG A 123 -20.60 -0.62 2.93
CA ARG A 123 -21.81 -1.43 2.83
C ARG A 123 -22.25 -1.94 4.20
N ALA A 124 -21.27 -2.24 5.06
CA ALA A 124 -21.56 -2.70 6.41
C ALA A 124 -21.71 -1.52 7.36
N ALA A 125 -21.23 -0.35 6.92
CA ALA A 125 -21.30 0.85 7.73
C ALA A 125 -22.58 1.64 7.44
N LYS A 126 -22.87 1.85 6.17
CA LYS A 126 -24.08 2.58 5.77
C LYS A 126 -25.33 1.78 6.08
N GLU A 127 -25.19 0.47 6.23
CA GLU A 127 -26.32 -0.38 6.60
C GLU A 127 -26.69 -0.15 8.06
N THR A 128 -25.66 0.07 8.88
CA THR A 128 -25.86 0.32 10.31
C THR A 128 -26.48 1.70 10.52
N ILE A 129 -26.06 2.66 9.72
CA ILE A 129 -26.56 4.03 9.84
C ILE A 129 -27.92 4.18 9.16
N SER A 130 -28.33 3.14 8.44
CA SER A 130 -29.64 3.13 7.79
C SER A 130 -30.69 2.47 8.68
N LEU A 131 -30.27 1.40 9.37
CA LEU A 131 -31.16 0.70 10.28
C LEU A 131 -31.54 1.59 11.45
N ALA A 132 -30.63 2.47 11.84
CA ALA A 132 -30.87 3.41 12.93
C ALA A 132 -31.96 4.40 12.55
N GLU A 133 -31.97 4.83 11.29
CA GLU A 133 -32.98 5.75 10.79
C GLU A 133 -34.34 5.08 10.69
N GLN A 134 -34.32 3.76 10.50
CA GLN A 134 -35.55 2.98 10.42
C GLN A 134 -36.24 2.93 11.78
N ARG A 135 -35.44 2.78 12.84
CA ARG A 135 -35.97 2.74 14.19
C ARG A 135 -36.47 4.11 14.63
N LEU A 136 -36.05 5.15 13.91
CA LEU A 136 -36.49 6.51 14.17
C LEU A 136 -37.90 6.74 13.61
N LEU A 137 -38.20 6.08 12.50
CA LEU A 137 -39.51 6.18 11.88
C LEU A 137 -40.53 5.32 12.63
N GLU A 138 -40.08 4.18 13.13
CA GLU A 138 -40.93 3.30 13.93
C GLU A 138 -41.34 4.00 15.22
N ASP A 139 -40.34 4.48 15.97
CA ASP A 139 -40.57 5.23 17.19
C ASP A 139 -39.87 6.58 17.11
N ASP A 140 -40.65 7.64 16.96
CA ASP A 140 -40.08 8.98 16.80
C ASP A 140 -39.47 9.49 18.09
N LYS A 141 -39.88 8.91 19.22
CA LYS A 141 -39.39 9.31 20.53
C LYS A 141 -38.06 8.62 20.87
N ARG A 142 -37.53 7.86 19.91
CA ARG A 142 -36.30 7.13 20.12
C ARG A 142 -35.08 8.03 19.94
N GLN A 143 -35.32 9.22 19.40
CA GLN A 143 -34.24 10.18 19.12
C GLN A 143 -33.75 10.87 20.39
N PHE A 144 -34.43 10.60 21.50
CA PHE A 144 -34.03 11.16 22.79
C PHE A 144 -33.37 10.10 23.65
N ASP A 145 -33.48 8.84 23.22
CA ASP A 145 -32.89 7.73 23.94
C ASP A 145 -31.37 7.76 23.79
N SER A 146 -30.67 7.75 24.92
CA SER A 146 -29.21 7.84 24.93
C SER A 146 -28.56 6.60 24.31
N ALA A 147 -29.23 5.46 24.43
CA ALA A 147 -28.71 4.21 23.90
C ALA A 147 -28.74 4.20 22.37
N TRP A 148 -29.74 4.88 21.79
CA TRP A 148 -29.88 4.94 20.35
C TRP A 148 -28.94 5.97 19.74
N GLN A 149 -28.63 7.02 20.50
CA GLN A 149 -27.71 8.04 20.04
C GLN A 149 -26.29 7.49 19.95
N GLU A 150 -25.97 6.54 20.82
CA GLU A 150 -24.66 5.89 20.80
C GLU A 150 -24.56 4.89 19.65
N MET A 151 -25.67 4.26 19.31
CA MET A 151 -25.71 3.33 18.19
C MET A 151 -25.63 4.09 16.86
N LEU A 152 -25.87 5.39 16.92
CA LEU A 152 -25.75 6.25 15.75
C LEU A 152 -24.37 6.90 15.72
N ASN A 153 -23.88 7.28 16.90
CA ASN A 153 -22.60 7.98 17.01
C ASN A 153 -21.44 7.16 16.47
N HIS A 154 -21.40 5.87 16.81
CA HIS A 154 -20.36 4.98 16.31
C HIS A 154 -20.62 4.59 14.87
N ALA A 155 -21.90 4.48 14.51
CA ALA A 155 -22.27 4.14 13.13
C ALA A 155 -21.94 5.28 12.18
N THR A 156 -22.19 6.50 12.62
CA THR A 156 -21.91 7.67 11.79
C THR A 156 -20.43 8.02 11.86
N GLN A 157 -19.70 7.39 12.77
CA GLN A 157 -18.26 7.60 12.88
C GLN A 157 -17.53 6.69 11.89
N ARG A 158 -18.06 5.48 11.71
CA ARG A 158 -17.46 4.52 10.80
C ARG A 158 -17.56 4.98 9.34
N VAL A 159 -18.72 5.54 8.99
CA VAL A 159 -18.95 5.99 7.62
C VAL A 159 -18.07 7.18 7.24
N MET A 160 -17.67 7.97 8.24
CA MET A 160 -16.75 9.08 8.01
C MET A 160 -15.38 8.53 7.63
N GLU A 161 -14.98 7.48 8.34
CA GLU A 161 -13.68 6.86 8.13
C GLU A 161 -13.72 5.87 6.97
N ALA A 162 -14.93 5.45 6.61
CA ALA A 162 -15.10 4.50 5.51
C ALA A 162 -14.98 5.18 4.16
N GLU A 163 -15.62 6.34 4.02
CA GLU A 163 -15.55 7.11 2.79
C GLU A 163 -14.14 7.63 2.54
N GLN A 164 -13.39 7.82 3.62
CA GLN A 164 -12.01 8.29 3.52
C GLN A 164 -11.13 7.20 2.91
N THR A 165 -11.23 5.99 3.45
CA THR A 165 -10.44 4.87 2.97
C THR A 165 -10.92 4.40 1.59
N LYS A 166 -12.18 4.65 1.29
CA LYS A 166 -12.74 4.28 0.00
C LYS A 166 -12.16 5.10 -1.13
N THR A 167 -12.25 6.42 -1.00
CA THR A 167 -11.77 7.35 -2.02
C THR A 167 -10.27 7.22 -2.23
N ARG A 168 -9.55 6.94 -1.14
CA ARG A 168 -8.10 6.71 -1.23
C ARG A 168 -7.80 5.46 -2.02
N SER A 169 -8.60 4.41 -1.81
CA SER A 169 -8.43 3.16 -2.52
C SER A 169 -9.00 3.24 -3.93
N GLU A 170 -9.90 4.20 -4.15
CA GLU A 170 -10.54 4.35 -5.45
C GLU A 170 -9.59 4.99 -6.45
N LEU A 171 -8.83 5.99 -6.00
CA LEU A 171 -7.88 6.66 -6.87
C LEU A 171 -6.68 5.76 -7.17
N VAL A 172 -6.29 4.96 -6.19
CA VAL A 172 -5.20 4.01 -6.38
C VAL A 172 -5.61 2.92 -7.37
N HIS A 173 -6.87 2.51 -7.29
CA HIS A 173 -7.41 1.52 -8.21
C HIS A 173 -7.34 2.01 -9.65
N LYS A 174 -7.62 3.31 -9.85
CA LYS A 174 -7.64 3.89 -11.18
C LYS A 174 -6.24 4.26 -11.67
N GLU A 175 -5.38 4.69 -10.74
CA GLU A 175 -4.02 5.05 -11.09
C GLU A 175 -3.19 3.84 -11.47
N THR A 176 -3.31 2.77 -10.68
CA THR A 176 -2.59 1.53 -10.95
C THR A 176 -3.10 0.87 -12.22
N ALA A 177 -4.36 1.13 -12.56
CA ALA A 177 -4.94 0.63 -13.79
C ALA A 177 -4.44 1.43 -14.98
N ALA A 178 -4.13 2.69 -14.73
CA ALA A 178 -3.61 3.58 -15.77
C ALA A 178 -2.20 3.19 -16.17
N ARG A 179 -1.37 2.87 -15.17
CA ARG A 179 0.00 2.44 -15.41
C ARG A 179 0.01 1.11 -16.16
N TYR A 180 -1.00 0.28 -15.89
CA TYR A 180 -1.14 -1.01 -16.56
C TYR A 180 -1.45 -0.83 -18.04
N ASN A 181 -2.47 -0.02 -18.34
CA ASN A 181 -2.86 0.25 -19.71
C ASN A 181 -1.76 0.95 -20.50
N ALA A 182 -0.96 1.76 -19.79
CA ALA A 182 0.17 2.45 -20.41
C ALA A 182 1.31 1.47 -20.67
N ALA A 183 1.51 0.54 -19.73
CA ALA A 183 2.55 -0.48 -19.88
C ALA A 183 2.16 -1.50 -20.94
N MET A 184 0.86 -1.65 -21.16
CA MET A 184 0.36 -2.53 -22.20
C MET A 184 0.55 -1.89 -23.57
N GLY A 185 0.54 -0.56 -23.60
CA GLY A 185 0.79 0.17 -24.83
C GLY A 185 2.27 0.17 -25.18
N ARG A 186 3.11 0.38 -24.17
CA ARG A 186 4.55 0.35 -24.33
C ARG A 186 5.01 -1.01 -24.85
N MET A 187 4.40 -2.06 -24.34
CA MET A 187 4.75 -3.42 -24.71
C MET A 187 4.28 -3.77 -26.12
N ARG A 188 3.03 -3.43 -26.43
CA ARG A 188 2.45 -3.76 -27.73
C ARG A 188 3.12 -2.98 -28.86
N GLN A 189 3.46 -1.73 -28.58
CA GLN A 189 4.12 -0.88 -29.58
C GLN A 189 5.51 -1.39 -29.91
N LEU A 190 6.22 -1.87 -28.89
CA LEU A 190 7.56 -2.42 -29.07
C LEU A 190 7.50 -3.79 -29.74
N GLU A 191 6.34 -4.43 -29.65
CA GLU A 191 6.12 -5.73 -30.29
C GLU A 191 6.03 -5.57 -31.80
N LYS A 192 5.53 -4.43 -32.24
CA LYS A 192 5.42 -4.13 -33.67
C LYS A 192 6.79 -3.83 -34.27
N LYS A 193 7.56 -3.02 -33.56
CA LYS A 193 8.88 -2.58 -34.02
C LYS A 193 9.88 -3.72 -34.06
N LEU A 194 9.84 -4.57 -33.03
CA LEU A 194 10.82 -5.65 -32.91
C LEU A 194 10.17 -7.02 -33.05
N LYS A 195 9.34 -7.18 -34.08
CA LYS A 195 8.67 -8.46 -34.30
C LYS A 195 9.66 -9.55 -34.69
N ARG A 196 10.48 -9.28 -35.69
CA ARG A 196 11.48 -10.22 -36.14
C ARG A 196 12.62 -10.36 -35.13
N ALA A 197 12.81 -9.32 -34.33
CA ALA A 197 13.89 -9.30 -33.35
C ALA A 197 13.61 -10.24 -32.19
N ILE A 198 12.42 -10.13 -31.60
CA ILE A 198 12.08 -10.93 -30.42
C ILE A 198 11.93 -12.41 -30.76
N ASN A 199 11.69 -12.72 -32.03
CA ASN A 199 11.53 -14.10 -32.47
C ASN A 199 12.87 -14.84 -32.50
N LYS A 200 13.92 -14.14 -32.92
CA LYS A 200 15.25 -14.73 -32.99
C LYS A 200 15.96 -14.65 -31.64
N SER A 201 15.39 -13.88 -30.73
CA SER A 201 15.98 -13.71 -29.41
C SER A 201 15.17 -14.41 -28.33
N LYS A 202 14.03 -14.97 -28.74
CA LYS A 202 13.14 -15.67 -27.80
C LYS A 202 13.80 -16.85 -27.07
N PRO A 203 14.61 -17.68 -27.76
CA PRO A 203 15.23 -18.76 -26.99
C PRO A 203 16.30 -18.28 -26.02
N TYR A 204 16.79 -17.06 -26.20
CA TYR A 204 17.81 -16.50 -25.32
C TYR A 204 17.23 -16.16 -23.94
N PHE A 205 16.19 -15.33 -23.94
CA PHE A 205 15.58 -14.87 -22.70
C PHE A 205 14.86 -16.01 -21.97
N GLU A 206 14.38 -17.00 -22.73
CA GLU A 206 13.70 -18.15 -22.16
C GLU A 206 14.68 -19.01 -21.37
N LEU A 207 15.86 -19.22 -21.94
CA LEU A 207 16.92 -19.97 -21.27
C LEU A 207 17.51 -19.15 -20.14
N LYS A 208 17.49 -17.84 -20.31
CA LYS A 208 18.02 -16.91 -19.31
C LYS A 208 17.20 -16.99 -18.03
N ALA A 209 15.90 -17.18 -18.17
CA ALA A 209 15.00 -17.26 -17.01
C ALA A 209 15.03 -18.65 -16.39
N LYS A 210 15.28 -19.67 -17.20
CA LYS A 210 15.35 -21.04 -16.73
C LYS A 210 16.53 -21.22 -15.78
N TYR A 211 17.64 -20.54 -16.09
CA TYR A 211 18.82 -20.58 -15.24
C TYR A 211 18.69 -19.59 -14.09
N TYR A 212 17.81 -18.61 -14.25
CA TYR A 212 17.59 -17.62 -13.22
C TYR A 212 16.94 -18.25 -11.99
N VAL A 213 15.84 -18.96 -12.22
CA VAL A 213 15.12 -19.61 -11.13
C VAL A 213 15.97 -20.69 -10.48
N GLN A 214 16.79 -21.36 -11.28
CA GLN A 214 17.67 -22.40 -10.77
C GLN A 214 18.71 -21.82 -9.82
N LEU A 215 19.31 -20.70 -10.22
CA LEU A 215 20.28 -20.01 -9.37
C LEU A 215 19.59 -19.39 -8.16
N GLU A 216 18.34 -18.98 -8.35
CA GLU A 216 17.54 -18.40 -7.28
C GLU A 216 17.31 -19.44 -6.17
N GLN A 217 16.96 -20.64 -6.57
CA GLN A 217 16.78 -21.75 -5.64
C GLN A 217 18.09 -22.08 -4.95
N LEU A 218 19.17 -22.12 -5.72
CA LEU A 218 20.49 -22.41 -5.19
C LEU A 218 20.98 -21.30 -4.28
N LYS A 219 20.49 -20.08 -4.49
CA LYS A 219 20.83 -18.96 -3.63
C LYS A 219 20.17 -19.13 -2.26
N LYS A 220 18.91 -19.56 -2.28
CA LYS A 220 18.16 -19.77 -1.04
C LYS A 220 18.75 -20.91 -0.23
N THR A 221 19.14 -22.00 -0.91
CA THR A 221 19.67 -23.17 -0.25
C THR A 221 21.07 -22.92 0.31
N VAL A 222 21.70 -21.83 -0.11
CA VAL A 222 23.00 -21.45 0.41
C VAL A 222 22.84 -20.44 1.56
N ASP A 223 21.98 -19.45 1.35
CA ASP A 223 21.77 -18.40 2.34
C ASP A 223 21.21 -18.94 3.66
N ASP A 224 20.37 -19.97 3.58
CA ASP A 224 19.76 -20.52 4.78
C ASP A 224 20.69 -21.50 5.48
N LEU A 225 21.52 -22.19 4.71
CA LEU A 225 22.48 -23.13 5.26
C LEU A 225 23.59 -22.40 6.01
N GLN A 226 23.96 -21.22 5.52
CA GLN A 226 24.96 -20.41 6.17
C GLN A 226 24.36 -19.75 7.41
N ALA A 227 23.03 -19.68 7.45
CA ALA A 227 22.32 -19.18 8.62
C ALA A 227 22.23 -20.28 9.67
N LYS A 228 22.02 -21.52 9.21
CA LYS A 228 21.98 -22.67 10.10
C LYS A 228 23.37 -22.97 10.64
N LEU A 229 24.39 -22.67 9.84
CA LEU A 229 25.78 -22.87 10.23
C LEU A 229 26.15 -21.89 11.35
N THR A 230 25.63 -20.66 11.25
CA THR A 230 25.89 -19.64 12.25
C THR A 230 25.23 -20.00 13.57
N LEU A 231 24.02 -20.55 13.50
CA LEU A 231 23.29 -20.97 14.69
C LEU A 231 23.90 -22.22 15.32
N ALA A 232 24.67 -22.96 14.52
CA ALA A 232 25.37 -24.13 15.02
C ALA A 232 26.63 -23.71 15.77
N LYS A 233 27.35 -22.75 15.21
CA LYS A 233 28.56 -22.23 15.84
C LYS A 233 28.21 -21.41 17.08
N GLY A 234 27.11 -20.66 17.00
CA GLY A 234 26.66 -19.84 18.10
C GLY A 234 26.23 -20.67 19.29
N GLU A 235 25.52 -21.77 19.01
CA GLU A 235 25.07 -22.67 20.06
C GLU A 235 26.25 -23.40 20.68
N TYR A 236 27.32 -23.54 19.90
CA TYR A 236 28.55 -24.16 20.38
C TYR A 236 29.37 -23.17 21.21
N LYS A 237 29.35 -21.91 20.81
CA LYS A 237 30.10 -20.86 21.48
C LYS A 237 29.48 -20.51 22.83
N MET A 238 28.17 -20.67 22.93
CA MET A 238 27.45 -20.37 24.16
C MET A 238 27.51 -21.54 25.13
N ALA A 239 27.65 -22.75 24.60
CA ALA A 239 27.73 -23.95 25.44
C ALA A 239 29.13 -24.13 26.01
N LEU A 240 30.02 -23.20 25.68
CA LEU A 240 31.36 -23.16 26.24
C LEU A 240 31.42 -22.11 27.34
N LYS A 241 30.82 -20.95 27.09
CA LYS A 241 30.84 -19.84 28.03
C LYS A 241 30.15 -20.17 29.34
N ASN A 242 29.13 -21.02 29.27
CA ASN A 242 28.43 -21.45 30.48
C ASN A 242 29.34 -22.33 31.35
N LEU A 243 30.19 -23.11 30.70
CA LEU A 243 31.14 -23.96 31.41
C LEU A 243 32.18 -23.11 32.13
N GLU A 244 32.58 -22.01 31.51
CA GLU A 244 33.51 -21.08 32.15
C GLU A 244 32.80 -20.41 33.34
N MET A 245 31.50 -20.18 33.19
CA MET A 245 30.70 -19.63 34.27
C MET A 245 30.58 -20.64 35.41
N ILE A 246 30.36 -21.91 35.08
CA ILE A 246 30.31 -22.97 36.06
C ILE A 246 31.64 -23.10 36.78
N SER A 247 32.73 -23.05 36.01
CA SER A 247 34.07 -23.13 36.57
C SER A 247 34.36 -21.96 37.50
N ASP A 248 33.94 -20.77 37.10
CA ASP A 248 34.16 -19.57 37.91
C ASP A 248 33.17 -19.47 39.07
N GLU A 249 32.05 -20.17 38.96
CA GLU A 249 31.05 -20.19 40.02
C GLU A 249 31.53 -21.03 41.20
N ILE A 250 32.24 -22.12 40.89
CA ILE A 250 32.77 -23.00 41.92
C ILE A 250 33.95 -22.37 42.63
N HIS A 251 34.78 -21.64 41.87
CA HIS A 251 35.94 -20.96 42.43
C HIS A 251 35.56 -19.93 43.49
N GLU A 252 34.39 -19.30 43.29
CA GLU A 252 33.90 -18.32 44.26
C GLU A 252 33.35 -19.01 45.50
N ARG A 253 32.85 -20.23 45.32
CA ARG A 253 32.32 -21.02 46.43
C ARG A 253 33.46 -21.68 47.22
N ARG A 254 34.59 -21.88 46.57
CA ARG A 254 35.76 -22.48 47.21
C ARG A 254 36.55 -21.44 47.99
N ARG A 255 36.21 -20.17 47.78
CA ARG A 255 36.84 -19.08 48.52
C ARG A 255 36.19 -18.90 49.88
N SER A 256 34.86 -18.89 49.91
CA SER A 256 34.11 -18.71 51.14
C SER A 256 33.93 -20.03 51.88
N SER A 257 33.00 -20.06 52.83
CA SER A 257 32.71 -21.26 53.60
C SER A 257 31.86 -22.24 52.79
N ALA A 258 31.78 -23.47 53.27
CA ALA A 258 31.02 -24.51 52.58
C ALA A 258 29.52 -24.26 52.71
N GLU B 32 -49.13 18.56 -33.24
CA GLU B 32 -50.04 19.68 -33.46
C GLU B 32 -49.27 20.94 -33.86
N GLU B 33 -48.38 20.78 -34.84
CA GLU B 33 -47.57 21.88 -35.38
C GLU B 33 -46.75 22.59 -34.30
N VAL B 34 -46.49 21.89 -33.19
CA VAL B 34 -45.72 22.45 -32.09
C VAL B 34 -45.23 21.32 -31.17
N ASP B 35 -44.06 21.50 -30.58
CA ASP B 35 -43.50 20.51 -29.68
C ASP B 35 -43.60 20.98 -28.22
N PRO B 36 -44.19 20.14 -27.35
CA PRO B 36 -44.43 20.49 -25.95
C PRO B 36 -43.18 20.44 -25.08
N ARG B 37 -42.16 19.73 -25.55
CA ARG B 37 -40.93 19.58 -24.77
C ARG B 37 -40.04 20.81 -24.89
N ILE B 38 -40.39 21.71 -25.79
CA ILE B 38 -39.62 22.93 -26.02
C ILE B 38 -39.69 23.88 -24.82
N GLN B 39 -40.91 24.17 -24.38
CA GLN B 39 -41.11 25.06 -23.25
C GLN B 39 -40.49 24.50 -21.98
N GLY B 40 -40.43 23.17 -21.90
CA GLY B 40 -39.80 22.50 -20.78
C GLY B 40 -38.30 22.75 -20.76
N GLU B 41 -37.68 22.74 -21.93
CA GLU B 41 -36.25 23.01 -22.06
C GLU B 41 -35.96 24.49 -21.81
N LEU B 42 -36.77 25.35 -22.44
CA LEU B 42 -36.60 26.80 -22.34
C LEU B 42 -36.75 27.29 -20.90
N GLU B 43 -37.70 26.71 -20.18
CA GLU B 43 -37.95 27.11 -18.80
C GLU B 43 -36.84 26.66 -17.87
N LYS B 44 -36.20 25.55 -18.21
CA LYS B 44 -35.14 24.99 -17.36
C LYS B 44 -33.76 25.57 -17.68
N LEU B 45 -33.49 25.82 -18.96
CA LEU B 45 -32.23 26.44 -19.34
C LEU B 45 -32.21 27.89 -18.86
N ASN B 46 -33.41 28.48 -18.76
CA ASN B 46 -33.55 29.82 -18.22
C ASN B 46 -33.32 29.81 -16.72
N GLN B 47 -33.80 28.75 -16.07
CA GLN B 47 -33.56 28.54 -14.64
C GLN B 47 -32.11 28.15 -14.41
N SER B 48 -31.54 27.43 -15.37
CA SER B 48 -30.14 27.02 -15.29
C SER B 48 -29.22 28.21 -15.51
N THR B 49 -29.63 29.14 -16.36
CA THR B 49 -28.85 30.34 -16.64
C THR B 49 -28.81 31.25 -15.41
N ASP B 50 -29.97 31.38 -14.75
CA ASP B 50 -30.05 32.15 -13.51
C ASP B 50 -29.23 31.48 -12.42
N ASP B 51 -29.15 30.15 -12.47
CA ASP B 51 -28.40 29.39 -11.49
C ASP B 51 -26.90 29.60 -11.65
N ILE B 52 -26.48 29.94 -12.87
CA ILE B 52 -25.07 30.22 -13.15
C ILE B 52 -24.62 31.51 -12.47
N ASN B 53 -25.41 32.57 -12.65
CA ASN B 53 -25.10 33.86 -12.06
C ASN B 53 -25.12 33.83 -10.54
N ARG B 54 -25.92 32.94 -9.98
CA ARG B 54 -25.99 32.75 -8.53
C ARG B 54 -24.70 32.13 -8.01
N ARG B 55 -24.23 31.09 -8.68
CA ARG B 55 -23.04 30.36 -8.25
C ARG B 55 -21.77 31.16 -8.49
N GLU B 56 -21.72 31.88 -9.60
CA GLU B 56 -20.56 32.70 -9.93
C GLU B 56 -20.35 33.80 -8.89
N THR B 57 -21.44 34.47 -8.52
CA THR B 57 -21.39 35.51 -7.50
C THR B 57 -21.08 34.90 -6.15
N GLU B 58 -21.61 33.71 -5.90
CA GLU B 58 -21.33 32.97 -4.67
C GLU B 58 -19.87 32.52 -4.67
N LEU B 59 -19.34 32.24 -5.85
CA LEU B 59 -17.93 31.91 -6.02
C LEU B 59 -17.08 33.16 -5.85
N GLU B 60 -17.54 34.25 -6.47
CA GLU B 60 -16.84 35.54 -6.39
C GLU B 60 -16.79 36.04 -4.96
N ASP B 61 -17.86 35.79 -4.21
CA ASP B 61 -17.95 36.22 -2.82
C ASP B 61 -17.04 35.37 -1.93
N ALA B 62 -17.10 34.06 -2.12
CA ALA B 62 -16.32 33.13 -1.31
C ALA B 62 -14.82 33.28 -1.55
N ARG B 63 -14.46 33.58 -2.79
CA ARG B 63 -13.06 33.76 -3.16
C ARG B 63 -12.55 35.11 -2.67
N GLN B 64 -13.44 36.11 -2.64
CA GLN B 64 -13.10 37.42 -2.11
C GLN B 64 -12.92 37.35 -0.60
N LYS B 65 -13.78 36.58 0.06
CA LYS B 65 -13.69 36.39 1.50
C LYS B 65 -12.47 35.55 1.86
N PHE B 66 -11.94 34.84 0.88
CA PHE B 66 -10.72 34.06 1.07
C PHE B 66 -9.52 35.00 1.17
N ARG B 67 -9.64 36.16 0.52
CA ARG B 67 -8.61 37.19 0.59
C ARG B 67 -8.60 37.88 1.95
N SER B 68 -9.79 38.16 2.47
CA SER B 68 -9.94 38.87 3.74
C SER B 68 -9.37 38.08 4.91
N VAL B 69 -9.27 36.76 4.74
CA VAL B 69 -8.75 35.90 5.79
C VAL B 69 -7.22 35.87 5.77
N LEU B 70 -6.64 35.74 4.58
CA LEU B 70 -5.19 35.63 4.44
C LEU B 70 -4.48 36.96 4.72
N VAL B 71 -5.20 38.07 4.56
CA VAL B 71 -4.62 39.37 4.89
C VAL B 71 -4.72 39.62 6.39
N GLU B 72 -5.77 39.08 7.01
CA GLU B 72 -5.95 39.19 8.45
C GLU B 72 -4.97 38.27 9.16
N ALA B 73 -4.74 37.10 8.58
CA ALA B 73 -3.80 36.13 9.13
C ALA B 73 -2.37 36.63 9.02
N THR B 74 -2.13 37.54 8.07
CA THR B 74 -0.82 38.10 7.86
C THR B 74 -0.48 39.17 8.90
N VAL B 75 -1.38 40.15 9.03
CA VAL B 75 -1.12 41.29 9.92
C VAL B 75 -1.06 40.88 11.39
N LYS B 76 -1.95 39.99 11.82
CA LYS B 76 -1.97 39.56 13.22
C LYS B 76 -0.77 38.69 13.55
N LEU B 77 -0.22 38.04 12.53
CA LEU B 77 1.00 37.26 12.71
C LEU B 77 2.22 38.17 12.77
N ASP B 78 2.16 39.26 12.01
CA ASP B 78 3.24 40.26 12.04
C ASP B 78 3.28 40.97 13.38
N GLU B 79 2.10 41.14 14.00
CA GLU B 79 2.01 41.75 15.32
C GLU B 79 2.73 40.89 16.35
N LEU B 80 2.72 39.58 16.13
CA LEU B 80 3.40 38.65 17.02
C LEU B 80 4.90 38.62 16.74
N VAL B 81 5.26 38.80 15.47
CA VAL B 81 6.66 38.83 15.06
C VAL B 81 7.37 40.05 15.65
N LYS B 82 6.70 41.20 15.57
CA LYS B 82 7.27 42.43 16.11
C LYS B 82 7.39 42.38 17.63
N LYS B 83 6.65 41.48 18.25
CA LYS B 83 6.71 41.29 19.69
C LYS B 83 7.99 40.56 20.07
N ILE B 84 8.06 39.28 19.73
CA ILE B 84 9.27 38.49 19.96
C ILE B 84 9.71 37.77 18.68
N GLY B 85 10.39 38.50 17.80
CA GLY B 85 10.88 37.92 16.56
C GLY B 85 12.13 37.09 16.77
N LYS B 86 12.72 37.22 17.94
CA LYS B 86 13.96 36.52 18.27
C LYS B 86 13.71 35.05 18.59
N ALA B 87 12.44 34.68 18.71
CA ALA B 87 12.09 33.32 19.08
C ALA B 87 11.22 32.63 18.02
N VAL B 88 10.55 33.45 17.19
CA VAL B 88 9.68 32.91 16.15
C VAL B 88 10.47 32.14 15.10
N GLU B 89 11.37 32.83 14.40
CA GLU B 89 12.12 32.22 13.32
C GLU B 89 13.15 31.21 13.85
N ASP B 90 13.55 31.40 15.11
CA ASP B 90 14.51 30.48 15.73
C ASP B 90 13.87 29.13 16.03
N SER B 91 12.59 29.15 16.39
CA SER B 91 11.88 27.94 16.78
C SER B 91 11.11 27.31 15.63
N LYS B 92 11.10 28.00 14.48
CA LYS B 92 10.41 27.52 13.30
C LYS B 92 10.92 26.15 12.79
N PRO B 93 12.24 25.90 12.87
CA PRO B 93 12.67 24.54 12.50
C PRO B 93 12.16 23.43 13.42
N TYR B 94 11.78 23.78 14.65
CA TYR B 94 11.24 22.80 15.58
C TYR B 94 9.86 22.31 15.16
N TRP B 95 8.97 23.25 14.90
CA TRP B 95 7.60 22.91 14.53
C TRP B 95 7.51 22.18 13.20
N GLU B 96 8.44 22.48 12.31
CA GLU B 96 8.54 21.76 11.05
C GLU B 96 9.01 20.34 11.30
N ALA B 97 9.87 20.18 12.30
CA ALA B 97 10.36 18.87 12.69
C ALA B 97 9.29 18.08 13.42
N ARG B 98 8.30 18.80 13.96
CA ARG B 98 7.18 18.16 14.65
C ARG B 98 6.15 17.65 13.64
N ARG B 99 6.01 18.37 12.52
CA ARG B 99 5.10 17.96 11.46
C ARG B 99 5.50 16.60 10.90
N VAL B 100 6.81 16.37 10.82
CA VAL B 100 7.33 15.10 10.34
C VAL B 100 7.00 13.99 11.33
N ALA B 101 7.03 14.33 12.62
CA ALA B 101 6.75 13.35 13.67
C ALA B 101 5.31 12.86 13.59
N ARG B 102 4.37 13.78 13.40
CA ARG B 102 2.95 13.43 13.33
C ARG B 102 2.63 12.69 12.04
N GLN B 103 3.27 13.10 10.95
CA GLN B 103 3.07 12.47 9.66
C GLN B 103 3.62 11.04 9.67
N ALA B 104 4.78 10.86 10.28
CA ALA B 104 5.39 9.53 10.39
C ALA B 104 4.62 8.66 11.38
N GLN B 105 3.87 9.32 12.26
CA GLN B 105 3.06 8.60 13.25
C GLN B 105 1.86 7.95 12.58
N LEU B 106 1.22 8.67 11.67
CA LEU B 106 0.06 8.16 10.94
C LEU B 106 0.45 6.97 10.07
N GLU B 107 1.62 7.06 9.44
CA GLU B 107 2.12 5.97 8.62
C GLU B 107 2.43 4.74 9.48
N ALA B 108 2.99 4.99 10.66
CA ALA B 108 3.34 3.92 11.59
C ALA B 108 2.09 3.21 12.11
N GLN B 109 0.99 3.96 12.19
CA GLN B 109 -0.27 3.41 12.66
C GLN B 109 -0.98 2.61 11.57
N LYS B 110 -1.01 3.17 10.36
CA LYS B 110 -1.62 2.49 9.23
C LYS B 110 -0.91 1.17 8.93
N ALA B 111 0.42 1.19 9.04
CA ALA B 111 1.21 0.00 8.86
C ALA B 111 0.92 -1.00 9.97
N THR B 112 0.73 -0.49 11.18
CA THR B 112 0.38 -1.32 12.32
C THR B 112 -0.99 -1.96 12.10
N GLN B 113 -1.90 -1.19 11.49
CA GLN B 113 -3.21 -1.71 11.14
C GLN B 113 -3.09 -2.79 10.07
N ASP B 114 -2.37 -2.48 9.00
CA ASP B 114 -2.19 -3.41 7.89
C ASP B 114 -1.46 -4.68 8.33
N PHE B 115 -0.55 -4.54 9.30
CA PHE B 115 0.16 -5.69 9.84
C PHE B 115 -0.75 -6.51 10.75
N GLN B 116 -1.63 -5.82 11.47
CA GLN B 116 -2.57 -6.49 12.38
C GLN B 116 -3.60 -7.28 11.58
N ARG B 117 -3.99 -6.75 10.43
CA ARG B 117 -4.90 -7.46 9.54
C ARG B 117 -4.24 -8.71 8.98
N ALA B 118 -3.03 -8.55 8.49
CA ALA B 118 -2.28 -9.63 7.87
C ALA B 118 -2.09 -10.82 8.81
N THR B 119 -1.69 -10.53 10.04
CA THR B 119 -1.47 -11.59 11.04
C THR B 119 -2.78 -12.30 11.37
N GLU B 120 -3.89 -11.58 11.27
CA GLU B 120 -5.20 -12.16 11.54
C GLU B 120 -5.60 -13.11 10.41
N VAL B 121 -5.11 -12.83 9.21
CA VAL B 121 -5.39 -13.69 8.05
C VAL B 121 -4.72 -15.04 8.20
N LEU B 122 -3.46 -15.03 8.68
CA LEU B 122 -2.74 -16.27 8.95
C LEU B 122 -3.46 -17.09 10.01
N ARG B 123 -3.84 -16.44 11.11
CA ARG B 123 -4.54 -17.09 12.20
C ARG B 123 -5.81 -17.77 11.72
N ALA B 124 -6.46 -17.17 10.73
CA ALA B 124 -7.66 -17.75 10.14
C ALA B 124 -7.30 -18.84 9.14
N ALA B 125 -6.27 -18.59 8.34
CA ALA B 125 -5.85 -19.52 7.31
C ALA B 125 -5.18 -20.76 7.92
N LYS B 126 -4.34 -20.55 8.93
CA LYS B 126 -3.66 -21.67 9.59
C LYS B 126 -4.65 -22.51 10.39
N GLU B 127 -5.70 -21.87 10.89
CA GLU B 127 -6.74 -22.57 11.65
C GLU B 127 -7.45 -23.57 10.75
N THR B 128 -7.64 -23.19 9.49
CA THR B 128 -8.30 -24.06 8.52
C THR B 128 -7.44 -25.31 8.28
N ILE B 129 -6.13 -25.12 8.21
CA ILE B 129 -5.21 -26.24 8.05
C ILE B 129 -5.19 -27.10 9.31
N SER B 130 -5.09 -26.46 10.47
CA SER B 130 -5.05 -27.16 11.74
C SER B 130 -6.35 -27.93 11.98
N LEU B 131 -7.44 -27.42 11.43
CA LEU B 131 -8.73 -28.09 11.53
C LEU B 131 -8.75 -29.36 10.69
N ALA B 132 -8.15 -29.30 9.50
CA ALA B 132 -8.08 -30.45 8.61
C ALA B 132 -7.18 -31.54 9.18
N GLU B 133 -6.18 -31.12 9.96
CA GLU B 133 -5.26 -32.06 10.60
C GLU B 133 -5.93 -32.76 11.77
N GLN B 134 -6.78 -32.04 12.49
CA GLN B 134 -7.52 -32.62 13.61
C GLN B 134 -8.59 -33.59 13.11
N ARG B 135 -9.04 -33.38 11.87
CA ARG B 135 -10.03 -34.27 11.27
C ARG B 135 -9.38 -35.58 10.83
N LEU B 136 -8.05 -35.58 10.74
CA LEU B 136 -7.32 -36.78 10.42
C LEU B 136 -7.20 -37.67 11.66
N LEU B 137 -7.31 -37.05 12.83
CA LEU B 137 -7.31 -37.77 14.09
C LEU B 137 -8.61 -38.53 14.28
N GLU B 138 -9.71 -37.90 13.88
CA GLU B 138 -11.03 -38.54 13.97
C GLU B 138 -11.11 -39.74 13.05
N ASP B 139 -10.72 -39.55 11.80
CA ASP B 139 -10.70 -40.63 10.81
C ASP B 139 -9.34 -40.70 10.13
N ASP B 140 -8.57 -41.73 10.45
CA ASP B 140 -7.23 -41.89 9.92
C ASP B 140 -7.24 -42.16 8.42
N LYS B 141 -8.36 -42.68 7.93
CA LYS B 141 -8.48 -43.07 6.52
C LYS B 141 -8.93 -41.91 5.64
N ARG B 142 -9.24 -40.76 6.25
CA ARG B 142 -9.72 -39.60 5.52
C ARG B 142 -8.66 -39.05 4.57
N GLN B 143 -7.40 -39.37 4.83
CA GLN B 143 -6.30 -38.88 4.00
C GLN B 143 -6.39 -39.36 2.55
N PHE B 144 -7.18 -40.40 2.31
CA PHE B 144 -7.35 -40.93 0.96
C PHE B 144 -8.58 -40.35 0.26
N ASP B 145 -9.39 -39.63 1.02
CA ASP B 145 -10.58 -38.98 0.47
C ASP B 145 -10.17 -37.87 -0.49
N SER B 146 -10.95 -37.68 -1.55
CA SER B 146 -10.63 -36.69 -2.57
C SER B 146 -11.33 -35.36 -2.34
N ALA B 147 -12.31 -35.36 -1.44
CA ALA B 147 -13.10 -34.16 -1.18
C ALA B 147 -12.40 -33.20 -0.23
N TRP B 148 -11.68 -33.74 0.74
CA TRP B 148 -11.01 -32.93 1.75
C TRP B 148 -9.65 -32.43 1.24
N GLN B 149 -9.11 -33.11 0.24
CA GLN B 149 -7.83 -32.72 -0.34
C GLN B 149 -7.95 -31.38 -1.06
N GLU B 150 -9.10 -31.15 -1.68
CA GLU B 150 -9.36 -29.87 -2.32
C GLU B 150 -9.46 -28.76 -1.28
N MET B 151 -10.00 -29.10 -0.12
CA MET B 151 -10.02 -28.17 1.01
C MET B 151 -8.61 -27.93 1.51
N LEU B 152 -7.85 -29.01 1.65
CA LEU B 152 -6.46 -28.93 2.06
C LEU B 152 -5.63 -28.15 1.06
N ASN B 153 -5.97 -28.29 -0.22
CA ASN B 153 -5.27 -27.58 -1.28
C ASN B 153 -5.54 -26.09 -1.24
N HIS B 154 -6.81 -25.72 -1.01
CA HIS B 154 -7.19 -24.32 -0.97
C HIS B 154 -6.81 -23.66 0.36
N ALA B 155 -6.68 -24.47 1.41
CA ALA B 155 -6.30 -23.96 2.72
C ALA B 155 -4.80 -23.76 2.81
N THR B 156 -4.04 -24.58 2.09
CA THR B 156 -2.59 -24.51 2.13
C THR B 156 -2.08 -23.45 1.15
N GLN B 157 -2.98 -22.93 0.33
CA GLN B 157 -2.63 -21.83 -0.57
C GLN B 157 -2.91 -20.49 0.10
N ARG B 158 -3.96 -20.46 0.91
CA ARG B 158 -4.34 -19.24 1.61
C ARG B 158 -3.31 -18.86 2.68
N VAL B 159 -2.64 -19.86 3.23
CA VAL B 159 -1.64 -19.60 4.28
C VAL B 159 -0.38 -18.98 3.69
N MET B 160 -0.07 -19.33 2.44
CA MET B 160 1.10 -18.79 1.76
C MET B 160 0.87 -17.35 1.34
N GLU B 161 -0.27 -17.12 0.71
CA GLU B 161 -0.67 -15.78 0.29
C GLU B 161 -0.85 -14.88 1.51
N ALA B 162 -1.01 -15.50 2.68
CA ALA B 162 -1.09 -14.78 3.94
C ALA B 162 0.29 -14.48 4.49
N GLU B 163 1.16 -15.48 4.50
CA GLU B 163 2.53 -15.32 4.99
C GLU B 163 3.29 -14.30 4.16
N GLN B 164 3.03 -14.27 2.86
CA GLN B 164 3.66 -13.31 1.97
C GLN B 164 3.20 -11.89 2.30
N THR B 165 1.90 -11.74 2.54
CA THR B 165 1.34 -10.43 2.87
C THR B 165 1.65 -10.02 4.30
N LYS B 166 2.05 -10.98 5.12
CA LYS B 166 2.46 -10.71 6.49
C LYS B 166 3.90 -10.19 6.54
N THR B 167 4.79 -10.93 5.90
CA THR B 167 6.21 -10.58 5.88
C THR B 167 6.44 -9.23 5.21
N ARG B 168 5.57 -8.89 4.26
CA ARG B 168 5.60 -7.58 3.63
C ARG B 168 5.13 -6.50 4.58
N SER B 169 4.10 -6.82 5.36
CA SER B 169 3.50 -5.85 6.27
C SER B 169 4.33 -5.68 7.54
N GLU B 170 5.02 -6.74 7.96
CA GLU B 170 5.79 -6.69 9.20
C GLU B 170 7.05 -5.86 9.05
N LEU B 171 7.58 -5.78 7.84
CA LEU B 171 8.76 -4.96 7.59
C LEU B 171 8.35 -3.50 7.47
N VAL B 172 7.22 -3.26 6.83
CA VAL B 172 6.67 -1.90 6.72
C VAL B 172 6.28 -1.39 8.10
N HIS B 173 5.72 -2.28 8.91
CA HIS B 173 5.35 -1.93 10.28
C HIS B 173 6.56 -1.47 11.08
N LYS B 174 7.70 -2.11 10.83
CA LYS B 174 8.93 -1.77 11.53
C LYS B 174 9.65 -0.59 10.87
N GLU B 175 9.58 -0.51 9.55
CA GLU B 175 10.17 0.59 8.82
C GLU B 175 9.47 1.91 9.16
N THR B 176 8.15 1.88 9.20
CA THR B 176 7.37 3.05 9.56
C THR B 176 7.54 3.40 11.03
N ALA B 177 7.78 2.38 11.85
CA ALA B 177 8.08 2.59 13.26
C ALA B 177 9.45 3.23 13.40
N ALA B 178 10.38 2.82 12.54
CA ALA B 178 11.72 3.38 12.53
C ALA B 178 11.68 4.85 12.15
N ARG B 179 10.92 5.18 11.11
CA ARG B 179 10.72 6.56 10.70
C ARG B 179 10.12 7.37 11.83
N TYR B 180 9.23 6.74 12.59
CA TYR B 180 8.57 7.39 13.71
C TYR B 180 9.56 7.69 14.83
N ASN B 181 10.26 6.66 15.29
CA ASN B 181 11.24 6.82 16.37
C ASN B 181 12.36 7.78 16.01
N ALA B 182 12.63 7.90 14.71
CA ALA B 182 13.65 8.81 14.23
C ALA B 182 13.16 10.26 14.26
N ALA B 183 11.94 10.47 13.82
CA ALA B 183 11.35 11.81 13.80
C ALA B 183 10.99 12.30 15.20
N MET B 184 10.67 11.37 16.08
CA MET B 184 10.34 11.69 17.45
C MET B 184 11.59 12.12 18.22
N GLY B 185 12.67 11.38 18.03
CA GLY B 185 13.92 11.69 18.71
C GLY B 185 14.63 12.88 18.10
N ARG B 186 14.16 13.32 16.93
CA ARG B 186 14.76 14.45 16.25
C ARG B 186 14.18 15.77 16.74
N MET B 187 12.90 15.76 17.11
CA MET B 187 12.25 16.97 17.62
C MET B 187 12.58 17.17 19.09
N ARG B 188 12.84 16.08 19.81
CA ARG B 188 13.25 16.17 21.21
C ARG B 188 14.64 16.79 21.31
N GLN B 189 15.47 16.51 20.32
CA GLN B 189 16.81 17.08 20.26
C GLN B 189 16.73 18.58 20.01
N LEU B 190 15.80 18.97 19.14
CA LEU B 190 15.57 20.38 18.84
C LEU B 190 14.86 21.08 19.98
N GLU B 191 14.05 20.32 20.73
CA GLU B 191 13.27 20.89 21.82
C GLU B 191 14.17 21.40 22.95
N LYS B 192 15.17 20.62 23.31
CA LYS B 192 16.10 20.99 24.37
C LYS B 192 16.94 22.20 23.99
N LYS B 193 17.36 22.26 22.73
CA LYS B 193 18.19 23.35 22.24
C LYS B 193 17.38 24.63 22.08
N LEU B 194 16.08 24.48 21.82
CA LEU B 194 15.22 25.62 21.52
C LEU B 194 14.15 25.83 22.60
N LYS B 195 14.47 25.50 23.84
CA LYS B 195 13.52 25.63 24.94
C LYS B 195 12.98 27.06 25.09
N ARG B 196 13.89 28.02 25.23
CA ARG B 196 13.52 29.42 25.39
C ARG B 196 12.76 29.94 24.17
N ALA B 197 13.07 29.39 23.00
CA ALA B 197 12.49 29.87 21.75
C ALA B 197 11.05 29.38 21.57
N ILE B 198 10.86 28.07 21.63
CA ILE B 198 9.56 27.48 21.32
C ILE B 198 8.45 27.92 22.27
N ASN B 199 8.80 28.22 23.52
CA ASN B 199 7.82 28.62 24.51
C ASN B 199 7.32 30.05 24.26
N LYS B 200 8.25 30.94 23.96
CA LYS B 200 7.91 32.34 23.71
C LYS B 200 7.26 32.50 22.34
N SER B 201 7.49 31.53 21.46
CA SER B 201 6.94 31.55 20.12
C SER B 201 5.74 30.62 20.00
N LYS B 202 5.39 29.97 21.09
CA LYS B 202 4.26 29.05 21.13
C LYS B 202 2.90 29.69 20.74
N PRO B 203 2.60 30.90 21.24
CA PRO B 203 1.31 31.47 20.84
C PRO B 203 1.26 31.94 19.38
N TYR B 204 2.41 31.96 18.72
CA TYR B 204 2.47 32.39 17.32
C TYR B 204 1.92 31.31 16.39
N PHE B 205 2.37 30.08 16.58
CA PHE B 205 2.02 28.99 15.68
C PHE B 205 0.59 28.51 15.88
N GLU B 206 0.05 28.69 17.08
CA GLU B 206 -1.31 28.27 17.37
C GLU B 206 -2.31 29.23 16.73
N LEU B 207 -1.90 30.48 16.54
CA LEU B 207 -2.72 31.45 15.81
C LEU B 207 -2.59 31.21 14.32
N LYS B 208 -1.42 30.70 13.92
CA LYS B 208 -1.17 30.32 12.54
C LYS B 208 -2.01 29.10 12.16
N ALA B 209 -2.05 28.13 13.04
CA ALA B 209 -2.81 26.89 12.82
C ALA B 209 -4.32 27.16 12.84
N LYS B 210 -4.72 28.18 13.58
CA LYS B 210 -6.13 28.57 13.63
C LYS B 210 -6.59 29.13 12.29
N TYR B 211 -5.74 29.96 11.68
CA TYR B 211 -6.09 30.61 10.42
C TYR B 211 -5.85 29.70 9.23
N TYR B 212 -4.89 28.79 9.35
CA TYR B 212 -4.58 27.87 8.26
C TYR B 212 -5.73 26.93 7.97
N VAL B 213 -6.35 26.40 9.03
CA VAL B 213 -7.45 25.47 8.88
C VAL B 213 -8.72 26.21 8.44
N GLN B 214 -8.80 27.49 8.77
CA GLN B 214 -9.97 28.29 8.40
C GLN B 214 -10.02 28.53 6.90
N LEU B 215 -8.87 28.85 6.30
CA LEU B 215 -8.81 29.09 4.87
C LEU B 215 -8.79 27.77 4.10
N GLU B 216 -8.36 26.70 4.76
CA GLU B 216 -8.37 25.38 4.16
C GLU B 216 -9.82 24.93 3.91
N GLN B 217 -10.71 25.35 4.80
CA GLN B 217 -12.14 25.11 4.62
C GLN B 217 -12.67 25.99 3.51
N LEU B 218 -12.19 27.23 3.47
CA LEU B 218 -12.56 28.15 2.40
C LEU B 218 -11.92 27.72 1.10
N LYS B 219 -10.83 26.95 1.20
CA LYS B 219 -10.18 26.38 0.02
C LYS B 219 -11.07 25.33 -0.60
N LYS B 220 -11.65 24.48 0.24
CA LYS B 220 -12.57 23.43 -0.22
C LYS B 220 -13.90 24.02 -0.66
N THR B 221 -14.34 25.06 0.05
CA THR B 221 -15.61 25.72 -0.25
C THR B 221 -15.61 26.28 -1.66
N VAL B 222 -14.50 26.91 -2.06
CA VAL B 222 -14.36 27.46 -3.40
C VAL B 222 -14.38 26.35 -4.45
N ASP B 223 -13.67 25.26 -4.16
CA ASP B 223 -13.57 24.13 -5.09
C ASP B 223 -14.93 23.46 -5.34
N ASP B 224 -15.72 23.33 -4.27
CA ASP B 224 -17.04 22.72 -4.40
C ASP B 224 -17.97 23.59 -5.23
N LEU B 225 -17.90 24.91 -5.00
CA LEU B 225 -18.71 25.86 -5.76
C LEU B 225 -18.31 25.88 -7.22
N GLN B 226 -17.01 25.76 -7.48
CA GLN B 226 -16.50 25.71 -8.84
C GLN B 226 -16.98 24.44 -9.54
N ALA B 227 -17.07 23.35 -8.78
CA ALA B 227 -17.59 22.09 -9.29
C ALA B 227 -19.09 22.20 -9.55
N LYS B 228 -19.74 23.07 -8.80
CA LYS B 228 -21.17 23.33 -8.99
C LYS B 228 -21.40 24.35 -10.10
N LEU B 229 -20.44 25.24 -10.28
CA LEU B 229 -20.50 26.24 -11.33
C LEU B 229 -20.36 25.59 -12.71
N THR B 230 -19.53 24.55 -12.78
CA THR B 230 -19.32 23.84 -14.03
C THR B 230 -20.55 23.01 -14.40
N LEU B 231 -21.22 22.47 -13.39
CA LEU B 231 -22.46 21.74 -13.60
C LEU B 231 -23.54 22.67 -14.14
N ALA B 232 -23.58 23.89 -13.61
CA ALA B 232 -24.54 24.90 -14.05
C ALA B 232 -24.29 25.29 -15.51
N LYS B 233 -23.02 25.45 -15.87
CA LYS B 233 -22.65 25.74 -17.25
C LYS B 233 -22.86 24.50 -18.10
N GLY B 234 -22.81 23.33 -17.46
CA GLY B 234 -23.03 22.07 -18.15
C GLY B 234 -24.51 21.83 -18.41
N GLU B 235 -25.33 22.11 -17.40
CA GLU B 235 -26.78 21.97 -17.53
C GLU B 235 -27.32 22.88 -18.63
N TYR B 236 -26.80 24.10 -18.69
CA TYR B 236 -27.24 25.08 -19.68
C TYR B 236 -26.80 24.70 -21.09
N LYS B 237 -25.61 24.11 -21.20
CA LYS B 237 -25.10 23.69 -22.50
C LYS B 237 -25.87 22.48 -23.03
N MET B 238 -26.20 21.56 -22.12
CA MET B 238 -26.97 20.37 -22.48
C MET B 238 -28.37 20.74 -22.93
N ALA B 239 -28.98 21.69 -22.23
CA ALA B 239 -30.35 22.11 -22.54
C ALA B 239 -30.43 22.84 -23.87
N LEU B 240 -29.31 23.44 -24.29
CA LEU B 240 -29.25 24.11 -25.58
C LEU B 240 -29.06 23.10 -26.70
N LYS B 241 -28.26 22.08 -26.45
CA LYS B 241 -28.04 21.01 -27.42
C LYS B 241 -29.31 20.16 -27.55
N ASN B 242 -30.15 20.20 -26.51
CA ASN B 242 -31.43 19.52 -26.56
C ASN B 242 -32.36 20.17 -27.56
N LEU B 243 -32.25 21.49 -27.70
CA LEU B 243 -33.08 22.25 -28.64
C LEU B 243 -32.62 22.03 -30.08
N GLU B 244 -31.31 21.99 -30.27
CA GLU B 244 -30.74 21.79 -31.60
C GLU B 244 -31.07 20.40 -32.13
N MET B 245 -31.25 19.45 -31.22
CA MET B 245 -31.62 18.09 -31.59
C MET B 245 -33.11 18.04 -31.96
N ILE B 246 -33.88 18.99 -31.43
CA ILE B 246 -35.30 19.09 -31.73
C ILE B 246 -35.53 19.76 -33.08
N SER B 247 -34.82 20.86 -33.32
CA SER B 247 -34.96 21.63 -34.55
C SER B 247 -34.66 20.79 -35.79
N ASP B 248 -33.56 20.05 -35.75
CA ASP B 248 -33.17 19.19 -36.86
C ASP B 248 -34.17 18.05 -37.08
N GLU B 249 -34.81 17.64 -35.99
CA GLU B 249 -35.79 16.55 -36.05
C GLU B 249 -37.06 16.99 -36.76
N ILE B 250 -37.41 18.26 -36.61
CA ILE B 250 -38.59 18.82 -37.27
C ILE B 250 -38.30 19.07 -38.75
N HIS B 251 -37.06 19.42 -39.05
CA HIS B 251 -36.63 19.63 -40.43
C HIS B 251 -36.58 18.30 -41.19
N GLU B 252 -36.64 17.20 -40.46
CA GLU B 252 -36.67 15.88 -41.07
C GLU B 252 -38.04 15.62 -41.70
N ARG B 253 -39.07 16.25 -41.13
CA ARG B 253 -40.41 16.17 -41.68
C ARG B 253 -40.48 16.84 -43.04
N ARG B 254 -39.82 17.99 -43.15
CA ARG B 254 -39.81 18.77 -44.38
C ARG B 254 -38.96 18.11 -45.46
N ARG B 255 -38.09 17.19 -45.04
CA ARG B 255 -37.26 16.43 -45.94
C ARG B 255 -38.09 15.44 -46.75
N SER B 256 -39.06 14.81 -46.08
CA SER B 256 -39.93 13.84 -46.72
C SER B 256 -41.13 14.51 -47.37
N SER B 257 -41.35 14.22 -48.64
CA SER B 257 -42.46 14.80 -49.39
C SER B 257 -43.30 13.71 -50.06
N VAL C 34 23.49 10.76 33.20
CA VAL C 34 24.05 11.46 34.35
C VAL C 34 23.00 12.34 35.01
N ASP C 35 23.36 12.96 36.12
CA ASP C 35 22.45 13.81 36.88
C ASP C 35 21.81 14.97 36.10
N PRO C 36 22.61 15.74 35.32
CA PRO C 36 21.96 16.86 34.63
C PRO C 36 20.99 16.40 33.53
N ARG C 37 21.18 15.18 33.04
CA ARG C 37 20.29 14.63 32.01
C ARG C 37 18.93 14.28 32.61
N ILE C 38 18.93 13.92 33.89
CA ILE C 38 17.71 13.50 34.57
C ILE C 38 16.78 14.69 34.85
N GLN C 39 17.37 15.79 35.34
CA GLN C 39 16.59 16.98 35.66
C GLN C 39 15.94 17.57 34.40
N GLY C 40 16.66 17.49 33.28
CA GLY C 40 16.15 18.01 32.01
C GLY C 40 15.02 17.19 31.44
N GLU C 41 14.87 15.95 31.92
CA GLU C 41 13.83 15.07 31.43
C GLU C 41 12.65 14.99 32.39
N LEU C 42 12.92 14.99 33.68
CA LEU C 42 11.88 14.92 34.70
C LEU C 42 10.96 16.14 34.64
N GLU C 43 11.51 17.29 34.27
CA GLU C 43 10.71 18.49 34.13
C GLU C 43 9.93 18.47 32.82
N LYS C 44 10.43 17.69 31.85
CA LYS C 44 9.73 17.49 30.60
C LYS C 44 8.76 16.32 30.72
N LEU C 45 9.14 15.33 31.53
CA LEU C 45 8.24 14.24 31.87
C LEU C 45 7.04 14.79 32.61
N ASN C 46 7.29 15.78 33.46
CA ASN C 46 6.24 16.49 34.17
C ASN C 46 5.43 17.37 33.24
N GLN C 47 6.13 18.05 32.32
CA GLN C 47 5.47 18.91 31.34
C GLN C 47 4.60 18.10 30.40
N SER C 48 5.14 16.99 29.92
CA SER C 48 4.40 16.09 29.03
C SER C 48 3.18 15.51 29.74
N THR C 49 3.33 15.26 31.03
CA THR C 49 2.24 14.72 31.85
C THR C 49 1.04 15.66 31.85
N ASP C 50 1.30 16.91 32.22
CA ASP C 50 0.27 17.94 32.21
C ASP C 50 -0.23 18.18 30.79
N ASP C 51 0.67 18.08 29.83
CA ASP C 51 0.34 18.31 28.43
C ASP C 51 -0.69 17.31 27.92
N ILE C 52 -0.67 16.10 28.47
CA ILE C 52 -1.62 15.07 28.08
C ILE C 52 -3.04 15.44 28.48
N ASN C 53 -3.22 15.80 29.75
CA ASN C 53 -4.54 16.15 30.28
C ASN C 53 -5.13 17.38 29.60
N ARG C 54 -4.26 18.29 29.15
CA ARG C 54 -4.69 19.50 28.46
C ARG C 54 -5.39 19.16 27.16
N ARG C 55 -4.81 18.24 26.40
CA ARG C 55 -5.34 17.90 25.09
C ARG C 55 -6.50 16.90 25.20
N GLU C 56 -6.46 16.05 26.22
CA GLU C 56 -7.53 15.09 26.44
C GLU C 56 -8.82 15.81 26.80
N THR C 57 -8.69 16.86 27.62
CA THR C 57 -9.84 17.66 28.02
C THR C 57 -10.42 18.38 26.80
N GLU C 58 -9.55 18.83 25.91
CA GLU C 58 -9.97 19.44 24.66
C GLU C 58 -10.62 18.40 23.75
N LEU C 59 -10.07 17.20 23.77
CA LEU C 59 -10.61 16.09 22.97
C LEU C 59 -11.98 15.67 23.47
N GLU C 60 -12.12 15.61 24.79
CA GLU C 60 -13.40 15.24 25.41
C GLU C 60 -14.46 16.28 25.06
N ASP C 61 -14.03 17.52 24.88
CA ASP C 61 -14.94 18.60 24.51
C ASP C 61 -15.17 18.58 23.00
N ALA C 62 -14.14 18.22 22.24
CA ALA C 62 -14.23 18.15 20.79
C ALA C 62 -15.16 17.04 20.34
N ARG C 63 -15.05 15.88 20.98
CA ARG C 63 -15.91 14.74 20.68
C ARG C 63 -17.36 15.08 21.03
N GLN C 64 -17.55 15.80 22.13
CA GLN C 64 -18.89 16.17 22.59
C GLN C 64 -19.57 17.11 21.61
N LYS C 65 -18.79 18.00 21.00
CA LYS C 65 -19.32 18.93 20.01
C LYS C 65 -19.71 18.20 18.73
N PHE C 66 -19.08 17.05 18.50
CA PHE C 66 -19.41 16.21 17.36
C PHE C 66 -20.73 15.50 17.60
N ARG C 67 -20.97 15.14 18.85
CA ARG C 67 -22.20 14.44 19.24
C ARG C 67 -23.39 15.39 19.28
N SER C 68 -23.13 16.63 19.65
CA SER C 68 -24.19 17.63 19.77
C SER C 68 -24.80 17.97 18.42
N VAL C 69 -23.96 18.11 17.41
CA VAL C 69 -24.41 18.44 16.06
C VAL C 69 -25.06 17.25 15.39
N LEU C 70 -24.55 16.05 15.67
CA LEU C 70 -25.06 14.82 15.08
C LEU C 70 -26.54 14.61 15.39
N VAL C 71 -26.87 14.58 16.68
CA VAL C 71 -28.24 14.38 17.11
C VAL C 71 -29.11 15.56 16.70
N GLU C 72 -28.51 16.74 16.63
CA GLU C 72 -29.20 17.94 16.18
C GLU C 72 -29.55 17.80 14.70
N ALA C 73 -28.63 17.23 13.94
CA ALA C 73 -28.84 16.98 12.52
C ALA C 73 -29.96 15.96 12.32
N THR C 74 -29.91 14.89 13.10
CA THR C 74 -30.86 13.79 12.97
C THR C 74 -32.30 14.22 13.23
N VAL C 75 -32.51 14.95 14.33
CA VAL C 75 -33.86 15.33 14.73
C VAL C 75 -34.47 16.40 13.80
N LYS C 76 -33.61 17.14 13.11
CA LYS C 76 -34.09 18.20 12.22
C LYS C 76 -34.22 17.69 10.79
N LEU C 77 -33.39 16.72 10.41
CA LEU C 77 -33.52 16.08 9.11
C LEU C 77 -34.77 15.19 9.11
N ASP C 78 -35.10 14.66 10.28
CA ASP C 78 -36.27 13.79 10.42
C ASP C 78 -37.56 14.60 10.35
N GLU C 79 -37.60 15.73 11.04
CA GLU C 79 -38.81 16.55 11.08
C GLU C 79 -39.13 17.16 9.72
N LEU C 80 -38.13 17.23 8.85
CA LEU C 80 -38.34 17.68 7.48
C LEU C 80 -38.89 16.54 6.64
N VAL C 81 -38.48 15.32 6.96
CA VAL C 81 -39.05 14.13 6.32
C VAL C 81 -40.48 13.94 6.79
N LYS C 82 -40.72 14.19 8.07
CA LYS C 82 -42.06 14.10 8.64
C LYS C 82 -42.95 15.21 8.10
N LYS C 83 -42.33 16.31 7.65
CA LYS C 83 -43.08 17.41 7.07
C LYS C 83 -43.49 17.09 5.63
N ILE C 84 -42.50 16.98 4.75
CA ILE C 84 -42.74 16.59 3.37
C ILE C 84 -41.86 15.41 2.98
N GLY C 85 -42.42 14.20 3.04
CA GLY C 85 -41.67 13.00 2.79
C GLY C 85 -41.98 12.34 1.46
N LYS C 86 -43.05 12.80 0.81
CA LYS C 86 -43.45 12.25 -0.48
C LYS C 86 -42.47 12.63 -1.58
N ALA C 87 -41.75 13.73 -1.36
CA ALA C 87 -40.83 14.25 -2.36
C ALA C 87 -39.39 13.82 -2.09
N VAL C 88 -39.07 13.60 -0.83
CA VAL C 88 -37.71 13.23 -0.43
C VAL C 88 -37.29 11.87 -0.98
N GLU C 89 -38.11 10.87 -0.73
CA GLU C 89 -37.79 9.49 -1.14
C GLU C 89 -37.85 9.30 -2.65
N ASP C 90 -38.50 10.23 -3.34
CA ASP C 90 -38.62 10.15 -4.79
C ASP C 90 -37.51 10.94 -5.47
N SER C 91 -36.89 11.86 -4.74
CA SER C 91 -35.84 12.70 -5.29
C SER C 91 -34.45 12.06 -5.16
N LYS C 92 -34.36 11.06 -4.29
CA LYS C 92 -33.10 10.36 -4.04
C LYS C 92 -32.45 9.77 -5.31
N PRO C 93 -33.25 9.21 -6.24
CA PRO C 93 -32.59 8.79 -7.48
C PRO C 93 -32.00 9.94 -8.27
N TYR C 94 -32.59 11.13 -8.17
CA TYR C 94 -32.12 12.30 -8.89
C TYR C 94 -30.79 12.81 -8.34
N TRP C 95 -30.75 13.05 -7.03
CA TRP C 95 -29.57 13.63 -6.40
C TRP C 95 -28.35 12.71 -6.48
N GLU C 96 -28.59 11.40 -6.46
CA GLU C 96 -27.50 10.43 -6.58
C GLU C 96 -27.02 10.35 -8.02
N ALA C 97 -27.92 10.60 -8.96
CA ALA C 97 -27.55 10.64 -10.38
C ALA C 97 -26.80 11.92 -10.68
N ARG C 98 -26.99 12.93 -9.82
CA ARG C 98 -26.29 14.19 -9.96
C ARG C 98 -24.86 14.06 -9.43
N ARG C 99 -24.68 13.23 -8.40
CA ARG C 99 -23.37 12.95 -7.86
C ARG C 99 -22.51 12.23 -8.90
N VAL C 100 -23.16 11.38 -9.69
CA VAL C 100 -22.49 10.66 -10.78
C VAL C 100 -22.06 11.66 -11.85
N ALA C 101 -22.91 12.65 -12.11
CA ALA C 101 -22.63 13.66 -13.12
C ALA C 101 -21.38 14.47 -12.75
N ARG C 102 -21.31 14.89 -11.49
CA ARG C 102 -20.18 15.68 -11.01
C ARG C 102 -18.93 14.83 -10.88
N GLN C 103 -19.11 13.54 -10.60
CA GLN C 103 -18.00 12.60 -10.53
C GLN C 103 -17.42 12.35 -11.90
N ALA C 104 -18.28 12.15 -12.89
CA ALA C 104 -17.85 11.95 -14.27
C ALA C 104 -17.30 13.24 -14.85
N GLN C 105 -17.70 14.36 -14.27
CA GLN C 105 -17.24 15.67 -14.71
C GLN C 105 -15.76 15.86 -14.38
N LEU C 106 -15.41 15.64 -13.11
CA LEU C 106 -14.04 15.81 -12.64
C LEU C 106 -13.11 14.80 -13.29
N GLU C 107 -13.63 13.62 -13.60
CA GLU C 107 -12.85 12.59 -14.27
C GLU C 107 -12.57 13.00 -15.72
N ALA C 108 -13.59 13.52 -16.40
CA ALA C 108 -13.44 13.99 -17.76
C ALA C 108 -12.60 15.26 -17.79
N GLN C 109 -12.63 16.02 -16.70
CA GLN C 109 -11.87 17.25 -16.58
C GLN C 109 -10.39 16.95 -16.44
N LYS C 110 -10.06 15.97 -15.62
CA LYS C 110 -8.68 15.54 -15.44
C LYS C 110 -8.16 14.83 -16.69
N ALA C 111 -9.07 14.13 -17.38
CA ALA C 111 -8.72 13.44 -18.62
C ALA C 111 -8.37 14.45 -19.71
N THR C 112 -9.07 15.59 -19.70
CA THR C 112 -8.80 16.66 -20.64
C THR C 112 -7.42 17.24 -20.38
N GLN C 113 -7.04 17.31 -19.11
CA GLN C 113 -5.72 17.81 -18.72
C GLN C 113 -4.62 16.86 -19.16
N ASP C 114 -4.81 15.57 -18.89
CA ASP C 114 -3.83 14.55 -19.23
C ASP C 114 -3.60 14.48 -20.74
N PHE C 115 -4.66 14.67 -21.51
CA PHE C 115 -4.55 14.72 -22.96
C PHE C 115 -3.78 15.95 -23.39
N GLN C 116 -3.99 17.05 -22.68
CA GLN C 116 -3.34 18.32 -23.00
C GLN C 116 -1.84 18.24 -22.72
N ARG C 117 -1.46 17.38 -21.78
CA ARG C 117 -0.05 17.16 -21.46
C ARG C 117 0.67 16.49 -22.61
N ALA C 118 0.09 15.39 -23.09
CA ALA C 118 0.71 14.57 -24.13
C ALA C 118 0.82 15.29 -25.47
N THR C 119 -0.06 16.26 -25.69
CA THR C 119 -0.07 17.00 -26.95
C THR C 119 1.22 17.80 -27.15
N GLU C 120 1.67 18.48 -26.10
CA GLU C 120 2.87 19.30 -26.19
C GLU C 120 4.13 18.44 -26.32
N VAL C 121 4.07 17.23 -25.76
CA VAL C 121 5.19 16.30 -25.84
C VAL C 121 5.58 16.03 -27.29
N LEU C 122 4.57 15.89 -28.15
CA LEU C 122 4.81 15.68 -29.57
C LEU C 122 5.46 16.89 -30.22
N ARG C 123 4.85 18.06 -29.99
CA ARG C 123 5.34 19.31 -30.57
C ARG C 123 6.78 19.59 -30.13
N ALA C 124 7.08 19.24 -28.88
CA ALA C 124 8.43 19.37 -28.36
C ALA C 124 9.35 18.36 -29.02
N ALA C 125 8.81 17.19 -29.34
CA ALA C 125 9.57 16.14 -29.99
C ALA C 125 9.67 16.36 -31.49
N LYS C 126 8.66 17.03 -32.06
CA LYS C 126 8.63 17.32 -33.48
C LYS C 126 9.63 18.43 -33.85
N GLU C 127 10.33 18.95 -32.86
CA GLU C 127 11.31 20.00 -33.10
C GLU C 127 12.68 19.39 -33.38
N THR C 128 12.93 18.21 -32.80
CA THR C 128 14.17 17.49 -33.06
C THR C 128 14.14 16.86 -34.45
N ILE C 129 12.93 16.50 -34.88
CA ILE C 129 12.72 15.92 -36.20
C ILE C 129 12.40 17.00 -37.23
N SER C 130 13.10 16.97 -38.36
CA SER C 130 12.90 17.94 -39.43
C SER C 130 11.49 17.85 -40.01
N LEU C 131 11.04 18.93 -40.65
CA LEU C 131 9.68 19.04 -41.15
C LEU C 131 9.35 17.96 -42.18
N ALA C 132 10.37 17.50 -42.90
CA ALA C 132 10.19 16.50 -43.95
C ALA C 132 9.83 15.13 -43.37
N GLU C 133 10.37 14.83 -42.18
CA GLU C 133 10.16 13.54 -41.55
C GLU C 133 8.90 13.52 -40.70
N GLN C 134 8.34 14.70 -40.44
CA GLN C 134 7.17 14.83 -39.59
C GLN C 134 5.91 14.26 -40.22
N ARG C 135 5.55 14.80 -41.39
CA ARG C 135 4.30 14.44 -42.04
C ARG C 135 4.29 12.99 -42.53
N LEU C 136 5.48 12.37 -42.58
CA LEU C 136 5.57 10.95 -42.91
C LEU C 136 4.95 10.13 -41.80
N LEU C 137 5.15 10.56 -40.56
CA LEU C 137 4.57 9.89 -39.40
C LEU C 137 3.10 10.28 -39.23
N GLU C 138 2.66 11.24 -40.03
CA GLU C 138 1.28 11.71 -39.97
C GLU C 138 0.39 10.94 -40.93
N ASP C 139 0.98 10.43 -42.00
CA ASP C 139 0.23 9.68 -43.00
C ASP C 139 -0.18 8.31 -42.48
N ASP C 140 -0.94 7.58 -43.28
CA ASP C 140 -1.48 6.29 -42.86
C ASP C 140 -0.43 5.18 -42.81
N LYS C 141 0.40 5.12 -43.86
CA LYS C 141 1.42 4.08 -43.95
C LYS C 141 2.52 4.30 -42.92
N ARG C 142 2.37 3.68 -41.75
CA ARG C 142 3.31 3.85 -40.66
C ARG C 142 4.06 2.56 -40.34
N GLN C 143 3.94 1.57 -41.22
CA GLN C 143 4.58 0.27 -41.01
C GLN C 143 6.04 0.29 -41.40
N PHE C 144 6.57 1.49 -41.65
CA PHE C 144 7.98 1.67 -42.02
C PHE C 144 8.86 1.53 -40.78
N ASP C 145 9.45 0.35 -40.60
CA ASP C 145 10.21 0.06 -39.39
C ASP C 145 11.71 0.23 -39.59
N SER C 146 12.13 0.48 -40.83
CA SER C 146 13.54 0.69 -41.12
C SER C 146 13.91 2.16 -40.99
N ALA C 147 13.00 2.95 -40.44
CA ALA C 147 13.21 4.38 -40.26
C ALA C 147 14.31 4.66 -39.25
N TRP C 148 14.46 3.76 -38.28
CA TRP C 148 15.44 3.93 -37.21
C TRP C 148 16.88 3.92 -37.72
N GLN C 149 17.08 3.40 -38.94
CA GLN C 149 18.43 3.27 -39.48
C GLN C 149 18.80 4.38 -40.45
N GLU C 150 17.82 5.14 -40.92
CA GLU C 150 18.08 6.17 -41.92
C GLU C 150 17.61 7.56 -41.49
N MET C 151 16.47 7.62 -40.84
CA MET C 151 15.91 8.92 -40.46
C MET C 151 16.68 9.52 -39.28
N LEU C 152 16.49 8.96 -38.09
CA LEU C 152 17.21 9.40 -36.90
C LEU C 152 17.30 8.27 -35.88
N ASN C 153 18.52 7.93 -35.47
CA ASN C 153 18.76 6.79 -34.59
C ASN C 153 18.09 6.88 -33.23
N HIS C 154 17.89 8.10 -32.74
CA HIS C 154 17.33 8.29 -31.40
C HIS C 154 16.16 9.26 -31.39
N ALA C 155 16.11 10.17 -32.35
CA ALA C 155 15.10 11.22 -32.37
C ALA C 155 13.75 10.70 -32.88
N THR C 156 13.78 9.86 -33.90
CA THR C 156 12.55 9.32 -34.47
C THR C 156 11.85 8.37 -33.52
N GLN C 157 12.62 7.72 -32.66
CA GLN C 157 12.06 6.78 -31.69
C GLN C 157 11.16 7.50 -30.70
N ARG C 158 11.68 8.54 -30.06
CA ARG C 158 10.95 9.27 -29.03
C ARG C 158 9.69 9.94 -29.56
N VAL C 159 9.70 10.31 -30.84
CA VAL C 159 8.54 10.93 -31.45
C VAL C 159 7.44 9.90 -31.69
N MET C 160 7.82 8.72 -32.15
CA MET C 160 6.88 7.63 -32.36
C MET C 160 6.32 7.14 -31.03
N GLU C 161 7.16 7.20 -30.00
CA GLU C 161 6.74 6.80 -28.65
C GLU C 161 5.90 7.88 -28.00
N ALA C 162 5.89 9.07 -28.60
CA ALA C 162 5.08 10.18 -28.11
C ALA C 162 3.67 10.12 -28.66
N GLU C 163 3.55 9.78 -29.94
CA GLU C 163 2.26 9.67 -30.61
C GLU C 163 1.37 8.64 -29.92
N GLN C 164 1.99 7.55 -29.47
CA GLN C 164 1.28 6.49 -28.78
C GLN C 164 0.68 6.99 -27.47
N THR C 165 1.40 7.88 -26.80
CA THR C 165 0.94 8.46 -25.55
C THR C 165 -0.19 9.45 -25.79
N LYS C 166 -0.10 10.19 -26.88
CA LYS C 166 -1.14 11.16 -27.24
C LYS C 166 -2.45 10.47 -27.56
N THR C 167 -2.38 9.50 -28.47
CA THR C 167 -3.57 8.76 -28.90
C THR C 167 -4.21 7.99 -27.76
N ARG C 168 -3.39 7.53 -26.82
CA ARG C 168 -3.90 6.80 -25.67
C ARG C 168 -4.70 7.72 -24.76
N SER C 169 -4.19 8.94 -24.57
CA SER C 169 -4.87 9.92 -23.74
C SER C 169 -6.05 10.54 -24.49
N GLU C 170 -5.99 10.51 -25.81
CA GLU C 170 -7.04 11.10 -26.64
C GLU C 170 -8.33 10.31 -26.56
N LEU C 171 -8.22 8.98 -26.62
CA LEU C 171 -9.39 8.13 -26.50
C LEU C 171 -9.98 8.21 -25.10
N VAL C 172 -9.11 8.46 -24.12
CA VAL C 172 -9.54 8.66 -22.74
C VAL C 172 -10.39 9.93 -22.66
N HIS C 173 -9.94 10.97 -23.35
CA HIS C 173 -10.66 12.24 -23.38
C HIS C 173 -12.05 12.08 -24.00
N LYS C 174 -12.15 11.23 -25.01
CA LYS C 174 -13.41 11.02 -25.71
C LYS C 174 -14.35 10.12 -24.93
N GLU C 175 -13.80 9.07 -24.32
CA GLU C 175 -14.60 8.13 -23.55
C GLU C 175 -15.20 8.79 -22.31
N THR C 176 -14.39 9.54 -21.59
CA THR C 176 -14.85 10.24 -20.40
C THR C 176 -15.82 11.37 -20.77
N ALA C 177 -15.71 11.86 -22.00
CA ALA C 177 -16.64 12.86 -22.52
C ALA C 177 -18.01 12.23 -22.73
N ALA C 178 -18.01 11.01 -23.25
CA ALA C 178 -19.25 10.27 -23.50
C ALA C 178 -19.94 9.93 -22.18
N ARG C 179 -19.16 9.49 -21.20
CA ARG C 179 -19.68 9.14 -19.89
C ARG C 179 -20.25 10.35 -19.16
N TYR C 180 -19.57 11.49 -19.30
CA TYR C 180 -20.02 12.74 -18.70
C TYR C 180 -21.32 13.20 -19.36
N ASN C 181 -21.42 13.02 -20.66
CA ASN C 181 -22.64 13.36 -21.40
C ASN C 181 -23.75 12.37 -21.12
N ALA C 182 -23.38 11.12 -20.86
CA ALA C 182 -24.35 10.09 -20.50
C ALA C 182 -24.89 10.33 -19.10
N ALA C 183 -24.04 10.89 -18.24
CA ALA C 183 -24.44 11.24 -16.89
C ALA C 183 -25.34 12.47 -16.90
N MET C 184 -25.15 13.33 -17.88
CA MET C 184 -25.96 14.53 -18.03
C MET C 184 -27.33 14.20 -18.61
N GLY C 185 -27.42 13.05 -19.28
CA GLY C 185 -28.69 12.60 -19.84
C GLY C 185 -29.57 11.96 -18.79
N ARG C 186 -28.96 11.21 -17.89
CA ARG C 186 -29.67 10.56 -16.80
C ARG C 186 -30.24 11.59 -15.83
N MET C 187 -29.42 12.57 -15.46
CA MET C 187 -29.83 13.61 -14.53
C MET C 187 -30.95 14.48 -15.11
N ARG C 188 -30.79 14.86 -16.37
CA ARG C 188 -31.77 15.71 -17.05
C ARG C 188 -33.13 15.01 -17.17
N GLN C 189 -33.09 13.71 -17.45
CA GLN C 189 -34.31 12.92 -17.54
C GLN C 189 -34.99 12.81 -16.19
N LEU C 190 -34.19 12.55 -15.15
CA LEU C 190 -34.70 12.44 -13.79
C LEU C 190 -35.11 13.80 -13.25
N GLU C 191 -34.60 14.86 -13.86
CA GLU C 191 -34.98 16.22 -13.48
C GLU C 191 -36.40 16.50 -13.92
N LYS C 192 -36.79 15.89 -15.04
CA LYS C 192 -38.14 16.05 -15.57
C LYS C 192 -39.13 15.15 -14.84
N LYS C 193 -38.72 13.92 -14.59
CA LYS C 193 -39.58 12.94 -13.91
C LYS C 193 -39.90 13.37 -12.48
N LEU C 194 -38.94 14.00 -11.83
CA LEU C 194 -39.11 14.43 -10.44
C LEU C 194 -38.99 15.93 -10.28
N LYS C 195 -39.59 16.67 -11.20
CA LYS C 195 -39.50 18.14 -11.20
C LYS C 195 -40.15 18.75 -9.95
N ARG C 196 -41.38 18.33 -9.67
CA ARG C 196 -42.09 18.83 -8.49
C ARG C 196 -41.53 18.21 -7.22
N ALA C 197 -40.89 17.05 -7.37
CA ALA C 197 -40.34 16.33 -6.22
C ALA C 197 -39.09 17.01 -5.67
N ILE C 198 -38.16 17.34 -6.56
CA ILE C 198 -36.89 17.93 -6.16
C ILE C 198 -37.05 19.37 -5.67
N ASN C 199 -38.16 20.01 -6.05
CA ASN C 199 -38.43 21.37 -5.65
C ASN C 199 -38.91 21.47 -4.20
N LYS C 200 -39.42 20.36 -3.68
CA LYS C 200 -39.85 20.30 -2.29
C LYS C 200 -38.79 19.69 -1.39
N SER C 201 -37.96 18.82 -1.97
CA SER C 201 -36.91 18.15 -1.23
C SER C 201 -35.62 18.96 -1.24
N LYS C 202 -35.61 20.02 -2.03
CA LYS C 202 -34.44 20.89 -2.15
C LYS C 202 -33.97 21.49 -0.82
N PRO C 203 -34.91 22.04 0.00
CA PRO C 203 -34.41 22.58 1.26
C PRO C 203 -33.99 21.50 2.27
N TYR C 204 -34.37 20.26 2.00
CA TYR C 204 -33.98 19.15 2.86
C TYR C 204 -32.51 18.79 2.69
N PHE C 205 -32.10 18.62 1.43
CA PHE C 205 -30.73 18.25 1.13
C PHE C 205 -29.74 19.39 1.40
N GLU C 206 -30.23 20.62 1.36
CA GLU C 206 -29.41 21.78 1.65
C GLU C 206 -29.02 21.80 3.12
N LEU C 207 -29.98 21.52 4.00
CA LEU C 207 -29.71 21.40 5.42
C LEU C 207 -28.92 20.13 5.71
N LYS C 208 -29.10 19.13 4.85
CA LYS C 208 -28.34 17.88 4.97
C LYS C 208 -26.90 18.12 4.55
N ALA C 209 -26.72 18.89 3.48
CA ALA C 209 -25.38 19.23 3.00
C ALA C 209 -24.67 20.16 3.98
N LYS C 210 -25.43 21.10 4.53
CA LYS C 210 -24.90 22.03 5.53
C LYS C 210 -24.35 21.29 6.73
N TYR C 211 -25.09 20.30 7.20
CA TYR C 211 -24.68 19.49 8.34
C TYR C 211 -23.56 18.52 7.96
N TYR C 212 -23.61 18.03 6.72
CA TYR C 212 -22.57 17.14 6.21
C TYR C 212 -21.22 17.84 6.21
N VAL C 213 -21.24 19.12 5.85
CA VAL C 213 -20.05 19.95 5.88
C VAL C 213 -19.56 20.15 7.31
N GLN C 214 -20.49 20.53 8.19
CA GLN C 214 -20.17 20.78 9.59
C GLN C 214 -19.59 19.55 10.28
N LEU C 215 -20.25 18.42 10.11
CA LEU C 215 -19.83 17.18 10.77
C LEU C 215 -18.42 16.76 10.36
N GLU C 216 -18.14 16.81 9.07
CA GLU C 216 -16.79 16.50 8.58
C GLU C 216 -15.79 17.54 9.05
N GLN C 217 -16.25 18.78 9.18
CA GLN C 217 -15.39 19.89 9.57
C GLN C 217 -14.84 19.72 10.99
N LEU C 218 -15.73 19.51 11.95
CA LEU C 218 -15.30 19.42 13.35
C LEU C 218 -14.77 18.04 13.70
N LYS C 219 -14.98 17.06 12.82
CA LYS C 219 -14.40 15.74 13.02
C LYS C 219 -12.90 15.80 12.80
N LYS C 220 -12.49 16.67 11.88
CA LYS C 220 -11.08 16.93 11.63
C LYS C 220 -10.43 17.47 12.89
N THR C 221 -11.18 18.31 13.61
CA THR C 221 -10.70 18.90 14.85
C THR C 221 -10.61 17.85 15.96
N VAL C 222 -11.40 16.79 15.83
CA VAL C 222 -11.38 15.70 16.79
C VAL C 222 -10.23 14.75 16.51
N ASP C 223 -10.08 14.39 15.23
CA ASP C 223 -9.03 13.46 14.82
C ASP C 223 -7.64 14.02 15.08
N ASP C 224 -7.44 15.30 14.81
CA ASP C 224 -6.15 15.94 15.03
C ASP C 224 -5.79 15.94 16.51
N LEU C 225 -6.79 16.12 17.37
CA LEU C 225 -6.56 16.10 18.81
C LEU C 225 -6.21 14.69 19.27
N GLN C 226 -6.78 13.68 18.60
CA GLN C 226 -6.43 12.29 18.87
C GLN C 226 -4.99 12.02 18.45
N ALA C 227 -4.53 12.77 17.44
CA ALA C 227 -3.16 12.65 16.96
C ALA C 227 -2.19 13.36 17.88
N LYS C 228 -2.61 14.53 18.38
CA LYS C 228 -1.78 15.29 19.32
C LYS C 228 -1.69 14.57 20.66
N LEU C 229 -2.77 13.89 21.03
CA LEU C 229 -2.83 13.18 22.30
C LEU C 229 -1.86 12.00 22.33
N THR C 230 -1.78 11.28 21.22
CA THR C 230 -0.86 10.15 21.11
C THR C 230 0.59 10.61 21.11
N LEU C 231 0.83 11.79 20.54
CA LEU C 231 2.16 12.38 20.55
C LEU C 231 2.59 12.73 21.97
N ALA C 232 1.67 13.29 22.74
CA ALA C 232 1.92 13.62 24.13
C ALA C 232 2.23 12.37 24.93
N LYS C 233 1.50 11.30 24.64
CA LYS C 233 1.76 10.00 25.26
C LYS C 233 3.06 9.44 24.70
N GLY C 234 3.40 9.84 23.48
CA GLY C 234 4.63 9.39 22.85
C GLY C 234 5.86 9.96 23.53
N GLU C 235 5.87 11.27 23.73
CA GLU C 235 6.97 11.94 24.41
C GLU C 235 7.08 11.46 25.86
N TYR C 236 5.95 11.11 26.45
CA TYR C 236 5.90 10.60 27.81
C TYR C 236 6.63 9.26 27.90
N LYS C 237 6.40 8.40 26.91
CA LYS C 237 7.06 7.10 26.86
C LYS C 237 8.55 7.25 26.60
N MET C 238 8.90 8.22 25.76
CA MET C 238 10.30 8.49 25.46
C MET C 238 11.06 8.94 26.70
N ALA C 239 10.42 9.81 27.49
CA ALA C 239 11.02 10.31 28.72
C ALA C 239 11.31 9.17 29.67
N LEU C 240 10.42 8.18 29.71
CA LEU C 240 10.60 7.02 30.56
C LEU C 240 11.67 6.09 30.00
N LYS C 241 11.76 6.01 28.67
CA LYS C 241 12.79 5.22 28.03
C LYS C 241 14.16 5.85 28.20
N ASN C 242 14.20 7.17 28.17
CA ASN C 242 15.45 7.90 28.35
C ASN C 242 15.98 7.77 29.77
N LEU C 243 15.08 7.75 30.75
CA LEU C 243 15.46 7.62 32.15
C LEU C 243 16.03 6.23 32.44
N GLU C 244 15.41 5.21 31.85
CA GLU C 244 15.85 3.83 32.06
C GLU C 244 17.23 3.61 31.48
N MET C 245 17.57 4.37 30.44
CA MET C 245 18.90 4.32 29.85
C MET C 245 19.94 4.91 30.81
N ILE C 246 19.56 5.98 31.50
CA ILE C 246 20.44 6.60 32.49
C ILE C 246 20.63 5.68 33.68
N SER C 247 19.57 4.97 34.04
CA SER C 247 19.61 4.04 35.16
C SER C 247 20.56 2.87 34.88
N ASP C 248 20.37 2.22 33.73
CA ASP C 248 21.18 1.07 33.35
C ASP C 248 22.64 1.44 33.13
N GLU C 249 22.88 2.71 32.78
CA GLU C 249 24.24 3.20 32.56
C GLU C 249 25.05 3.20 33.85
N ILE C 250 24.40 3.55 34.95
CA ILE C 250 25.06 3.60 36.25
C ILE C 250 25.17 2.20 36.85
N HIS C 251 24.29 1.30 36.41
CA HIS C 251 24.34 -0.08 36.86
C HIS C 251 25.55 -0.81 36.29
N GLU C 252 26.11 -0.26 35.21
CA GLU C 252 27.31 -0.83 34.61
C GLU C 252 28.57 -0.31 35.30
N ARG C 253 28.40 0.68 36.17
CA ARG C 253 29.51 1.26 36.93
C ARG C 253 29.87 0.40 38.13
N ARG C 254 29.13 -0.69 38.32
CA ARG C 254 29.34 -1.58 39.46
C ARG C 254 30.31 -2.70 39.12
N ARG C 255 31.23 -2.44 38.21
CA ARG C 255 32.22 -3.42 37.78
C ARG C 255 33.63 -2.95 38.05
N ASP D 35 -7.42 0.06 -42.63
CA ASP D 35 -7.43 -1.16 -43.45
C ASP D 35 -6.14 -1.97 -43.32
N PRO D 36 -4.96 -1.33 -43.44
CA PRO D 36 -3.76 -2.17 -43.28
C PRO D 36 -3.46 -2.48 -41.81
N ARG D 37 -4.21 -1.87 -40.91
CA ARG D 37 -4.02 -2.07 -39.47
C ARG D 37 -4.71 -3.35 -39.00
N ILE D 38 -5.68 -3.82 -39.79
CA ILE D 38 -6.49 -4.96 -39.42
C ILE D 38 -5.68 -6.26 -39.39
N GLN D 39 -4.86 -6.47 -40.42
CA GLN D 39 -4.05 -7.68 -40.51
C GLN D 39 -3.06 -7.79 -39.36
N GLY D 40 -2.53 -6.64 -38.94
CA GLY D 40 -1.58 -6.59 -37.84
C GLY D 40 -2.18 -6.99 -36.51
N GLU D 41 -3.49 -6.77 -36.36
CA GLU D 41 -4.18 -7.11 -35.12
C GLU D 41 -4.80 -8.49 -35.17
N LEU D 42 -5.29 -8.87 -36.35
CA LEU D 42 -5.88 -10.21 -36.54
C LEU D 42 -4.82 -11.29 -36.40
N GLU D 43 -3.58 -10.94 -36.77
CA GLU D 43 -2.47 -11.87 -36.64
C GLU D 43 -2.05 -11.98 -35.18
N LYS D 44 -2.32 -10.94 -34.40
CA LYS D 44 -2.02 -10.93 -32.97
C LYS D 44 -3.09 -11.72 -32.20
N LEU D 45 -4.35 -11.45 -32.51
CA LEU D 45 -5.47 -12.17 -31.89
C LEU D 45 -5.34 -13.67 -32.13
N ASN D 46 -5.01 -14.05 -33.36
CA ASN D 46 -4.84 -15.44 -33.72
C ASN D 46 -3.62 -16.05 -33.05
N GLN D 47 -2.63 -15.21 -32.75
CA GLN D 47 -1.42 -15.65 -32.07
C GLN D 47 -1.61 -15.65 -30.55
N SER D 48 -2.38 -14.67 -30.06
CA SER D 48 -2.66 -14.58 -28.64
C SER D 48 -3.59 -15.72 -28.20
N THR D 49 -4.44 -16.16 -29.11
CA THR D 49 -5.34 -17.28 -28.82
C THR D 49 -4.54 -18.55 -28.56
N ASP D 50 -3.53 -18.78 -29.39
CA ASP D 50 -2.65 -19.93 -29.21
C ASP D 50 -1.74 -19.73 -28.00
N ASP D 51 -1.50 -18.47 -27.66
CA ASP D 51 -0.63 -18.14 -26.54
C ASP D 51 -1.33 -18.38 -25.20
N ILE D 52 -2.65 -18.20 -25.18
CA ILE D 52 -3.42 -18.42 -23.97
C ILE D 52 -3.54 -19.92 -23.66
N ASN D 53 -3.88 -20.69 -24.69
CA ASN D 53 -4.07 -22.14 -24.54
C ASN D 53 -2.80 -22.86 -24.12
N ARG D 54 -1.66 -22.42 -24.62
CA ARG D 54 -0.39 -23.04 -24.28
C ARG D 54 0.04 -22.68 -22.86
N ARG D 55 -0.48 -21.57 -22.35
CA ARG D 55 -0.19 -21.13 -20.98
C ARG D 55 -1.13 -21.81 -19.99
N GLU D 56 -2.41 -21.90 -20.35
CA GLU D 56 -3.42 -22.49 -19.48
C GLU D 56 -3.17 -23.97 -19.28
N THR D 57 -2.83 -24.67 -20.36
CA THR D 57 -2.54 -26.10 -20.29
C THR D 57 -1.29 -26.35 -19.47
N GLU D 58 -0.28 -25.51 -19.66
CA GLU D 58 0.97 -25.61 -18.91
C GLU D 58 0.71 -25.32 -17.43
N LEU D 59 -0.15 -24.34 -17.17
CA LEU D 59 -0.53 -24.00 -15.80
C LEU D 59 -1.32 -25.14 -15.16
N GLU D 60 -2.22 -25.74 -15.94
CA GLU D 60 -3.03 -26.85 -15.47
C GLU D 60 -2.16 -28.03 -15.09
N ASP D 61 -1.04 -28.18 -15.79
CA ASP D 61 -0.09 -29.26 -15.52
C ASP D 61 0.83 -28.87 -14.36
N ALA D 62 1.07 -27.57 -14.21
CA ALA D 62 1.96 -27.07 -13.17
C ALA D 62 1.31 -27.10 -11.79
N ARG D 63 0.01 -26.81 -11.74
CA ARG D 63 -0.70 -26.80 -10.47
C ARG D 63 -1.17 -28.20 -10.09
N GLN D 64 -1.21 -29.09 -11.09
CA GLN D 64 -1.52 -30.49 -10.85
C GLN D 64 -0.35 -31.16 -10.15
N LYS D 65 0.86 -30.75 -10.52
CA LYS D 65 2.08 -31.27 -9.89
C LYS D 65 2.24 -30.69 -8.50
N PHE D 66 1.47 -29.67 -8.18
CA PHE D 66 1.51 -29.06 -6.86
C PHE D 66 0.67 -29.85 -5.86
N ARG D 67 -0.57 -30.12 -6.22
CA ARG D 67 -1.46 -30.88 -5.34
C ARG D 67 -1.00 -32.34 -5.23
N SER D 68 -0.22 -32.79 -6.21
CA SER D 68 0.31 -34.15 -6.20
C SER D 68 1.36 -34.32 -5.11
N VAL D 69 2.21 -33.31 -4.93
CA VAL D 69 3.25 -33.37 -3.92
C VAL D 69 2.76 -32.80 -2.59
N LEU D 70 1.62 -32.10 -2.63
CA LEU D 70 1.03 -31.54 -1.42
C LEU D 70 0.43 -32.66 -0.56
N VAL D 71 -0.46 -33.44 -1.17
CA VAL D 71 -1.09 -34.55 -0.48
C VAL D 71 -0.07 -35.64 -0.18
N GLU D 72 0.99 -35.70 -0.99
CA GLU D 72 2.07 -36.64 -0.79
C GLU D 72 2.84 -36.29 0.48
N ALA D 73 3.04 -35.00 0.69
CA ALA D 73 3.74 -34.52 1.87
C ALA D 73 2.93 -34.80 3.14
N THR D 74 1.64 -34.59 3.06
CA THR D 74 0.77 -34.73 4.23
C THR D 74 0.61 -36.18 4.69
N VAL D 75 0.58 -37.11 3.74
CA VAL D 75 0.38 -38.52 4.08
C VAL D 75 1.67 -39.18 4.55
N LYS D 76 2.82 -38.65 4.12
CA LYS D 76 4.10 -39.22 4.51
C LYS D 76 4.59 -38.61 5.82
N LEU D 77 4.08 -37.43 6.15
CA LEU D 77 4.37 -36.82 7.44
C LEU D 77 3.53 -37.47 8.52
N ASP D 78 2.38 -38.02 8.12
CA ASP D 78 1.50 -38.72 9.05
C ASP D 78 2.04 -40.11 9.36
N GLU D 79 2.75 -40.69 8.40
CA GLU D 79 3.38 -42.00 8.59
C GLU D 79 4.54 -41.91 9.57
N LEU D 80 5.02 -40.69 9.81
CA LEU D 80 6.07 -40.46 10.78
C LEU D 80 5.45 -40.18 12.15
N VAL D 81 4.22 -39.67 12.15
CA VAL D 81 3.49 -39.45 13.39
C VAL D 81 2.98 -40.77 13.95
N LYS D 82 2.56 -41.66 13.06
CA LYS D 82 2.07 -42.98 13.47
C LYS D 82 3.21 -43.81 14.05
N LYS D 83 4.44 -43.46 13.67
CA LYS D 83 5.62 -44.13 14.21
C LYS D 83 5.90 -43.63 15.63
N ILE D 84 6.36 -42.39 15.74
CA ILE D 84 6.58 -41.75 17.03
C ILE D 84 5.92 -40.38 17.06
N GLY D 85 4.70 -40.32 17.59
CA GLY D 85 3.94 -39.08 17.63
C GLY D 85 3.93 -38.44 19.00
N LYS D 86 4.47 -39.16 19.99
CA LYS D 86 4.54 -38.65 21.35
C LYS D 86 5.50 -37.47 21.44
N ALA D 87 6.58 -37.54 20.67
CA ALA D 87 7.62 -36.52 20.72
C ALA D 87 7.34 -35.36 19.78
N VAL D 88 6.74 -35.65 18.63
CA VAL D 88 6.49 -34.66 17.59
C VAL D 88 5.69 -33.46 18.10
N GLU D 89 4.51 -33.73 18.65
CA GLU D 89 3.65 -32.68 19.17
C GLU D 89 4.27 -32.03 20.41
N ASP D 90 5.09 -32.80 21.11
CA ASP D 90 5.71 -32.33 22.36
C ASP D 90 6.94 -31.47 22.11
N SER D 91 7.61 -31.69 20.98
CA SER D 91 8.85 -30.98 20.67
C SER D 91 8.59 -29.69 19.90
N LYS D 92 7.34 -29.48 19.49
CA LYS D 92 6.97 -28.28 18.74
C LYS D 92 7.37 -26.95 19.41
N PRO D 93 7.24 -26.83 20.74
CA PRO D 93 7.71 -25.57 21.34
C PRO D 93 9.19 -25.29 21.10
N TYR D 94 10.01 -26.33 21.03
CA TYR D 94 11.44 -26.16 20.79
C TYR D 94 11.73 -25.58 19.41
N TRP D 95 11.22 -26.27 18.38
CA TRP D 95 11.45 -25.86 17.00
C TRP D 95 10.93 -24.47 16.72
N GLU D 96 9.79 -24.14 17.31
CA GLU D 96 9.20 -22.81 17.15
C GLU D 96 9.98 -21.78 17.95
N ALA D 97 10.74 -22.23 18.94
CA ALA D 97 11.60 -21.34 19.70
C ALA D 97 12.95 -21.18 19.00
N ARG D 98 13.38 -22.25 18.32
CA ARG D 98 14.61 -22.20 17.53
C ARG D 98 14.35 -21.38 16.27
N ARG D 99 13.10 -21.37 15.82
CA ARG D 99 12.67 -20.54 14.71
C ARG D 99 12.85 -19.06 15.03
N VAL D 100 12.47 -18.69 16.25
CA VAL D 100 12.57 -17.31 16.71
C VAL D 100 14.03 -16.86 16.78
N ALA D 101 14.89 -17.76 17.25
CA ALA D 101 16.32 -17.45 17.42
C ALA D 101 16.98 -17.06 16.10
N ARG D 102 16.73 -17.85 15.05
CA ARG D 102 17.32 -17.60 13.74
C ARG D 102 16.83 -16.27 13.17
N GLN D 103 15.60 -15.92 13.47
CA GLN D 103 15.04 -14.63 13.04
C GLN D 103 15.70 -13.49 13.79
N ALA D 104 15.89 -13.68 15.09
CA ALA D 104 16.55 -12.68 15.92
C ALA D 104 18.03 -12.57 15.57
N GLN D 105 18.58 -13.64 15.02
CA GLN D 105 19.97 -13.68 14.59
C GLN D 105 20.21 -12.73 13.42
N LEU D 106 19.32 -12.81 12.42
CA LEU D 106 19.43 -11.98 11.23
C LEU D 106 19.21 -10.50 11.55
N GLU D 107 18.37 -10.24 12.55
CA GLU D 107 18.10 -8.87 12.98
C GLU D 107 19.33 -8.28 13.65
N ALA D 108 20.10 -9.12 14.35
CA ALA D 108 21.31 -8.69 15.02
C ALA D 108 22.42 -8.39 14.01
N GLN D 109 22.48 -9.21 12.96
CA GLN D 109 23.48 -9.04 11.91
C GLN D 109 23.22 -7.76 11.12
N LYS D 110 21.97 -7.54 10.74
CA LYS D 110 21.58 -6.36 9.99
C LYS D 110 21.82 -5.09 10.81
N ALA D 111 21.53 -5.15 12.10
CA ALA D 111 21.73 -4.03 13.00
C ALA D 111 23.21 -3.73 13.17
N THR D 112 24.03 -4.78 13.14
CA THR D 112 25.47 -4.63 13.22
C THR D 112 26.00 -3.97 11.96
N GLN D 113 25.49 -4.42 10.81
CA GLN D 113 25.87 -3.85 9.52
C GLN D 113 25.50 -2.38 9.44
N ASP D 114 24.25 -2.07 9.82
CA ASP D 114 23.78 -0.69 9.82
C ASP D 114 24.58 0.16 10.79
N PHE D 115 25.04 -0.44 11.87
CA PHE D 115 25.90 0.25 12.83
C PHE D 115 27.29 0.43 12.26
N GLN D 116 27.75 -0.58 11.52
CA GLN D 116 29.07 -0.53 10.89
C GLN D 116 29.11 0.54 9.81
N ARG D 117 28.00 0.71 9.10
CA ARG D 117 27.90 1.73 8.07
C ARG D 117 27.78 3.12 8.68
N ALA D 118 26.98 3.24 9.73
CA ALA D 118 26.73 4.52 10.38
C ALA D 118 27.99 5.08 11.02
N THR D 119 28.88 4.19 11.44
CA THR D 119 30.16 4.61 12.02
C THR D 119 31.10 5.09 10.91
N GLU D 120 30.97 4.50 9.73
CA GLU D 120 31.75 4.93 8.57
C GLU D 120 31.31 6.31 8.11
N VAL D 121 30.05 6.65 8.39
CA VAL D 121 29.51 7.94 8.04
C VAL D 121 30.25 9.05 8.80
N LEU D 122 30.40 8.88 10.10
CA LEU D 122 31.08 9.85 10.94
C LEU D 122 32.57 9.92 10.61
N ARG D 123 33.15 8.78 10.25
CA ARG D 123 34.56 8.71 9.92
C ARG D 123 34.90 9.64 8.76
N ALA D 124 34.00 9.69 7.78
CA ALA D 124 34.17 10.58 6.63
C ALA D 124 33.67 11.98 6.95
N ALA D 125 32.63 12.06 7.78
CA ALA D 125 32.06 13.35 8.15
C ALA D 125 33.01 14.14 9.03
N LYS D 126 33.71 13.45 9.93
CA LYS D 126 34.69 14.08 10.80
C LYS D 126 35.96 14.39 10.01
N GLU D 127 36.16 13.65 8.93
CA GLU D 127 37.32 13.83 8.06
C GLU D 127 37.20 15.12 7.26
N THR D 128 35.98 15.42 6.82
CA THR D 128 35.72 16.59 5.98
C THR D 128 36.02 17.90 6.70
N ILE D 129 35.57 18.01 7.95
CA ILE D 129 35.73 19.25 8.70
C ILE D 129 37.16 19.47 9.16
N SER D 130 37.95 18.40 9.16
CA SER D 130 39.35 18.49 9.58
C SER D 130 40.28 18.70 8.39
N LEU D 131 39.92 18.14 7.26
CA LEU D 131 40.73 18.23 6.05
C LEU D 131 40.39 19.48 5.25
N ALA D 132 39.32 20.17 5.65
CA ALA D 132 38.79 21.32 4.92
C ALA D 132 39.82 22.41 4.70
N GLU D 133 40.68 22.65 5.68
CA GLU D 133 41.69 23.70 5.59
C GLU D 133 42.83 23.30 4.65
N GLN D 134 42.77 22.08 4.12
CA GLN D 134 43.82 21.57 3.25
C GLN D 134 43.28 21.21 1.87
N ARG D 135 42.01 20.81 1.81
CA ARG D 135 41.39 20.38 0.56
C ARG D 135 41.39 21.50 -0.49
N LEU D 136 41.20 22.73 -0.03
CA LEU D 136 41.07 23.87 -0.93
C LEU D 136 42.42 24.29 -1.52
N LEU D 137 43.51 23.80 -0.95
CA LEU D 137 44.85 24.17 -1.42
C LEU D 137 45.55 23.01 -2.12
N GLU D 138 45.52 21.84 -1.48
CA GLU D 138 46.25 20.68 -1.97
C GLU D 138 45.60 20.07 -3.21
N ASP D 139 44.41 19.48 -3.02
CA ASP D 139 43.75 18.73 -4.08
C ASP D 139 43.09 19.63 -5.12
N ASP D 140 42.37 20.65 -4.67
CA ASP D 140 41.56 21.48 -5.55
C ASP D 140 42.38 22.35 -6.49
N LYS D 141 42.09 22.22 -7.79
CA LYS D 141 42.72 23.03 -8.82
C LYS D 141 41.73 24.04 -9.37
N ARG D 142 40.49 23.59 -9.58
CA ARG D 142 39.42 24.47 -10.01
C ARG D 142 39.07 25.50 -8.94
N GLN D 143 38.58 26.65 -9.38
CA GLN D 143 38.30 27.75 -8.46
C GLN D 143 36.97 27.53 -7.72
N PHE D 144 36.11 26.71 -8.30
CA PHE D 144 34.78 26.45 -7.73
C PHE D 144 34.80 25.94 -6.28
N ASP D 145 35.94 25.42 -5.85
CA ASP D 145 36.10 24.93 -4.49
C ASP D 145 36.02 26.07 -3.47
N SER D 146 36.39 27.26 -3.91
CA SER D 146 36.38 28.43 -3.04
C SER D 146 34.96 28.78 -2.65
N ALA D 147 34.02 28.51 -3.56
CA ALA D 147 32.61 28.67 -3.26
C ALA D 147 32.13 27.52 -2.38
N TRP D 148 32.71 26.34 -2.61
CA TRP D 148 32.41 25.16 -1.82
C TRP D 148 32.87 25.34 -0.38
N GLN D 149 34.01 26.01 -0.21
CA GLN D 149 34.58 26.27 1.10
C GLN D 149 33.61 27.09 1.94
N GLU D 150 32.92 28.02 1.30
CA GLU D 150 31.90 28.83 1.96
C GLU D 150 30.61 28.04 2.10
N MET D 151 30.48 26.99 1.30
CA MET D 151 29.34 26.09 1.39
C MET D 151 29.63 24.91 2.32
N LEU D 152 30.84 24.90 2.88
CA LEU D 152 31.24 23.85 3.81
C LEU D 152 30.59 24.07 5.17
N ASN D 153 29.98 25.23 5.36
CA ASN D 153 29.26 25.52 6.59
C ASN D 153 27.95 24.74 6.66
N HIS D 154 27.57 24.13 5.53
CA HIS D 154 26.41 23.25 5.48
C HIS D 154 26.86 21.80 5.55
N ALA D 155 28.13 21.56 5.24
CA ALA D 155 28.71 20.22 5.31
C ALA D 155 28.98 19.83 6.75
N THR D 156 29.17 20.83 7.61
CA THR D 156 29.37 20.60 9.03
C THR D 156 28.03 20.41 9.74
N GLN D 157 26.96 20.76 9.04
CA GLN D 157 25.61 20.52 9.54
C GLN D 157 25.19 19.10 9.22
N ARG D 158 25.93 18.49 8.29
CA ARG D 158 25.69 17.11 7.89
C ARG D 158 26.24 16.14 8.93
N VAL D 159 27.32 16.55 9.59
CA VAL D 159 27.96 15.70 10.60
C VAL D 159 27.14 15.70 11.90
N MET D 160 26.28 16.70 12.05
CA MET D 160 25.39 16.78 13.20
C MET D 160 24.27 15.75 13.06
N GLU D 161 23.84 15.53 11.82
CA GLU D 161 22.81 14.55 11.53
C GLU D 161 23.41 13.14 11.44
N ALA D 162 24.72 13.09 11.24
CA ALA D 162 25.43 11.82 11.15
C ALA D 162 25.48 11.12 12.50
N GLU D 163 25.78 11.88 13.55
CA GLU D 163 25.86 11.34 14.90
C GLU D 163 24.51 10.83 15.37
N GLN D 164 23.44 11.52 14.98
CA GLN D 164 22.09 11.11 15.34
C GLN D 164 21.74 9.78 14.67
N THR D 165 22.22 9.58 13.45
CA THR D 165 21.98 8.34 12.73
C THR D 165 22.85 7.22 13.29
N LYS D 166 23.94 7.59 13.94
CA LYS D 166 24.84 6.62 14.55
C LYS D 166 24.30 6.10 15.87
N THR D 167 23.89 7.03 16.73
CA THR D 167 23.40 6.67 18.06
C THR D 167 22.12 5.83 17.98
N ARG D 168 21.38 5.99 16.90
CA ARG D 168 20.21 5.16 16.65
C ARG D 168 20.64 3.75 16.24
N SER D 169 21.69 3.69 15.42
CA SER D 169 22.17 2.42 14.89
C SER D 169 22.81 1.54 15.96
N GLU D 170 23.36 2.17 16.99
CA GLU D 170 24.06 1.43 18.03
C GLU D 170 23.10 0.88 19.09
N LEU D 171 22.02 1.61 19.36
CA LEU D 171 21.03 1.15 20.33
C LEU D 171 20.23 -0.01 19.73
N VAL D 172 19.98 0.07 18.43
CA VAL D 172 19.32 -1.01 17.71
C VAL D 172 20.21 -2.25 17.72
N HIS D 173 21.50 -2.02 17.53
CA HIS D 173 22.49 -3.10 17.56
C HIS D 173 22.46 -3.83 18.90
N LYS D 174 22.33 -3.08 19.98
CA LYS D 174 22.28 -3.65 21.32
C LYS D 174 20.96 -4.34 21.59
N GLU D 175 19.86 -3.73 21.17
CA GLU D 175 18.53 -4.29 21.36
C GLU D 175 18.38 -5.62 20.61
N THR D 176 18.83 -5.65 19.36
CA THR D 176 18.77 -6.87 18.56
C THR D 176 19.68 -7.94 19.13
N ALA D 177 20.77 -7.52 19.76
CA ALA D 177 21.67 -8.45 20.44
C ALA D 177 21.02 -8.97 21.71
N ALA D 178 20.26 -8.10 22.37
CA ALA D 178 19.53 -8.48 23.58
C ALA D 178 18.46 -9.52 23.26
N ARG D 179 17.72 -9.27 22.18
CA ARG D 179 16.70 -10.20 21.72
C ARG D 179 17.31 -11.54 21.31
N TYR D 180 18.51 -11.47 20.74
CA TYR D 180 19.22 -12.66 20.30
C TYR D 180 19.62 -13.55 21.47
N ASN D 181 20.24 -12.94 22.48
CA ASN D 181 20.65 -13.67 23.67
C ASN D 181 19.48 -14.34 24.37
N ALA D 182 18.36 -13.63 24.42
CA ALA D 182 17.15 -14.16 25.04
C ALA D 182 16.57 -15.31 24.22
N ALA D 183 16.57 -15.14 22.90
CA ALA D 183 16.03 -16.16 22.00
C ALA D 183 16.87 -17.44 22.04
N MET D 184 18.18 -17.28 22.16
CA MET D 184 19.07 -18.42 22.29
C MET D 184 18.86 -19.10 23.63
N GLY D 185 18.48 -18.31 24.64
CA GLY D 185 18.20 -18.82 25.96
C GLY D 185 16.98 -19.71 25.96
N ARG D 186 15.94 -19.28 25.26
CA ARG D 186 14.71 -20.05 25.16
C ARG D 186 14.95 -21.38 24.46
N MET D 187 15.67 -21.34 23.34
CA MET D 187 15.99 -22.54 22.57
C MET D 187 16.82 -23.52 23.41
N ARG D 188 17.79 -22.97 24.13
CA ARG D 188 18.69 -23.79 24.94
C ARG D 188 17.97 -24.38 26.15
N GLN D 189 17.05 -23.60 26.71
CA GLN D 189 16.27 -24.05 27.86
C GLN D 189 15.25 -25.11 27.45
N LEU D 190 14.55 -24.85 26.35
CA LEU D 190 13.53 -25.78 25.85
C LEU D 190 14.17 -27.04 25.30
N GLU D 191 15.45 -26.97 24.96
CA GLU D 191 16.19 -28.15 24.51
C GLU D 191 16.37 -29.13 25.67
N LYS D 192 16.54 -28.57 26.86
CA LYS D 192 16.71 -29.38 28.07
C LYS D 192 15.42 -30.09 28.46
N LYS D 193 14.32 -29.35 28.42
CA LYS D 193 13.01 -29.89 28.76
C LYS D 193 12.57 -31.00 27.79
N LEU D 194 13.01 -30.88 26.55
CA LEU D 194 12.57 -31.79 25.50
C LEU D 194 13.73 -32.54 24.86
N LYS D 195 14.66 -33.01 25.69
CA LYS D 195 15.81 -33.78 25.20
C LYS D 195 15.37 -35.04 24.47
N ARG D 196 14.48 -35.79 25.10
CA ARG D 196 13.97 -37.03 24.53
C ARG D 196 13.05 -36.76 23.35
N ALA D 197 12.41 -35.59 23.36
CA ALA D 197 11.42 -35.24 22.35
C ALA D 197 12.06 -34.85 21.02
N ILE D 198 12.94 -33.86 21.06
CA ILE D 198 13.52 -33.29 19.84
C ILE D 198 14.45 -34.26 19.12
N ASN D 199 14.93 -35.28 19.83
CA ASN D 199 15.84 -36.25 19.24
C ASN D 199 15.13 -37.25 18.35
N LYS D 200 13.89 -37.57 18.68
CA LYS D 200 13.10 -38.51 17.89
C LYS D 200 12.28 -37.78 16.83
N SER D 201 12.09 -36.48 17.03
CA SER D 201 11.28 -35.67 16.12
C SER D 201 12.14 -35.00 15.06
N LYS D 202 13.46 -35.06 15.24
CA LYS D 202 14.39 -34.46 14.30
C LYS D 202 14.25 -34.98 12.86
N PRO D 203 14.07 -36.31 12.67
CA PRO D 203 13.87 -36.73 11.28
C PRO D 203 12.50 -36.39 10.71
N TYR D 204 11.61 -35.87 11.55
CA TYR D 204 10.28 -35.47 11.10
C TYR D 204 10.28 -34.06 10.52
N PHE D 205 10.80 -33.12 11.31
CA PHE D 205 10.78 -31.72 10.93
C PHE D 205 11.72 -31.41 9.78
N GLU D 206 12.74 -32.25 9.58
CA GLU D 206 13.66 -32.07 8.47
C GLU D 206 13.05 -32.63 7.19
N LEU D 207 12.03 -33.48 7.35
CA LEU D 207 11.26 -33.99 6.22
C LEU D 207 10.12 -33.03 5.89
N LYS D 208 9.72 -32.26 6.88
CA LYS D 208 8.67 -31.25 6.69
C LYS D 208 9.23 -30.06 5.92
N ALA D 209 10.41 -29.60 6.34
CA ALA D 209 11.05 -28.45 5.71
C ALA D 209 11.52 -28.78 4.30
N LYS D 210 11.91 -30.03 4.08
CA LYS D 210 12.36 -30.47 2.77
C LYS D 210 11.26 -30.34 1.73
N TYR D 211 10.06 -30.75 2.11
CA TYR D 211 8.91 -30.67 1.22
C TYR D 211 8.35 -29.24 1.18
N TYR D 212 8.40 -28.56 2.31
CA TYR D 212 7.88 -27.19 2.40
C TYR D 212 8.55 -26.26 1.40
N VAL D 213 9.87 -26.36 1.29
CA VAL D 213 10.61 -25.54 0.35
C VAL D 213 10.39 -26.03 -1.08
N GLN D 214 10.07 -27.31 -1.21
CA GLN D 214 9.86 -27.90 -2.54
C GLN D 214 8.58 -27.40 -3.18
N LEU D 215 7.47 -27.50 -2.47
CA LEU D 215 6.19 -27.06 -3.03
C LEU D 215 6.09 -25.54 -3.04
N GLU D 216 6.91 -24.87 -2.22
CA GLU D 216 6.98 -23.42 -2.25
C GLU D 216 7.54 -22.96 -3.59
N GLN D 217 8.46 -23.77 -4.13
CA GLN D 217 8.99 -23.53 -5.47
C GLN D 217 7.91 -23.82 -6.51
N LEU D 218 7.04 -24.77 -6.19
CA LEU D 218 5.94 -25.13 -7.08
C LEU D 218 4.79 -24.15 -6.95
N LYS D 219 4.62 -23.58 -5.76
CA LYS D 219 3.63 -22.52 -5.54
C LYS D 219 3.99 -21.30 -6.38
N LYS D 220 5.29 -21.05 -6.49
CA LYS D 220 5.79 -19.94 -7.29
C LYS D 220 5.57 -20.20 -8.78
N THR D 221 5.85 -21.44 -9.19
CA THR D 221 5.72 -21.83 -10.60
C THR D 221 4.26 -21.76 -11.06
N VAL D 222 3.33 -21.94 -10.12
CA VAL D 222 1.91 -21.84 -10.42
C VAL D 222 1.49 -20.38 -10.50
N ASP D 223 1.89 -19.60 -9.49
CA ASP D 223 1.48 -18.20 -9.38
C ASP D 223 1.93 -17.35 -10.57
N ASP D 224 3.22 -17.42 -10.91
CA ASP D 224 3.75 -16.59 -11.98
C ASP D 224 3.23 -17.00 -13.35
N LEU D 225 2.90 -18.29 -13.48
CA LEU D 225 2.35 -18.81 -14.73
C LEU D 225 0.96 -18.24 -14.98
N GLN D 226 0.19 -18.06 -13.91
CA GLN D 226 -1.15 -17.49 -14.02
C GLN D 226 -1.05 -15.99 -14.24
N ALA D 227 0.06 -15.41 -13.79
CA ALA D 227 0.32 -13.99 -14.04
C ALA D 227 0.61 -13.77 -15.52
N LYS D 228 1.26 -14.75 -16.13
CA LYS D 228 1.52 -14.72 -17.57
C LYS D 228 0.24 -15.01 -18.34
N LEU D 229 -0.60 -15.88 -17.78
CA LEU D 229 -1.84 -16.29 -18.42
C LEU D 229 -2.84 -15.14 -18.47
N THR D 230 -2.95 -14.40 -17.37
CA THR D 230 -3.84 -13.24 -17.32
C THR D 230 -3.31 -12.13 -18.21
N LEU D 231 -1.99 -12.07 -18.35
CA LEU D 231 -1.36 -11.10 -19.24
C LEU D 231 -1.63 -11.48 -20.68
N ALA D 232 -1.65 -12.79 -20.95
CA ALA D 232 -1.97 -13.29 -22.27
C ALA D 232 -3.41 -12.95 -22.62
N LYS D 233 -4.30 -13.08 -21.64
CA LYS D 233 -5.69 -12.67 -21.80
C LYS D 233 -5.76 -11.17 -22.03
N GLY D 234 -4.83 -10.44 -21.42
CA GLY D 234 -4.72 -9.01 -21.62
C GLY D 234 -4.36 -8.69 -23.05
N GLU D 235 -3.43 -9.45 -23.61
CA GLU D 235 -3.02 -9.30 -25.00
C GLU D 235 -4.21 -9.50 -25.95
N TYR D 236 -5.03 -10.50 -25.62
CA TYR D 236 -6.19 -10.81 -26.44
C TYR D 236 -7.24 -9.71 -26.35
N LYS D 237 -7.50 -9.24 -25.15
CA LYS D 237 -8.52 -8.21 -24.91
C LYS D 237 -8.09 -6.87 -25.49
N MET D 238 -6.81 -6.54 -25.36
CA MET D 238 -6.28 -5.29 -25.91
C MET D 238 -6.33 -5.29 -27.42
N ALA D 239 -6.19 -6.47 -28.02
CA ALA D 239 -6.22 -6.60 -29.47
C ALA D 239 -7.65 -6.59 -29.99
N LEU D 240 -8.60 -6.92 -29.11
CA LEU D 240 -10.02 -6.85 -29.46
C LEU D 240 -10.51 -5.41 -29.44
N LYS D 241 -9.98 -4.63 -28.50
CA LYS D 241 -10.35 -3.22 -28.39
C LYS D 241 -9.83 -2.44 -29.58
N ASN D 242 -8.70 -2.86 -30.12
CA ASN D 242 -8.12 -2.21 -31.30
C ASN D 242 -9.03 -2.32 -32.51
N LEU D 243 -9.57 -3.50 -32.75
CA LEU D 243 -10.42 -3.75 -33.91
C LEU D 243 -11.73 -2.98 -33.83
N GLU D 244 -12.32 -2.92 -32.64
CA GLU D 244 -13.57 -2.19 -32.46
C GLU D 244 -13.38 -0.71 -32.73
N MET D 245 -12.22 -0.20 -32.35
CA MET D 245 -11.87 1.20 -32.63
C MET D 245 -11.61 1.41 -34.11
N ILE D 246 -10.95 0.45 -34.74
CA ILE D 246 -10.75 0.48 -36.19
C ILE D 246 -12.09 0.45 -36.90
N SER D 247 -13.00 -0.37 -36.38
CA SER D 247 -14.36 -0.47 -36.92
C SER D 247 -15.10 0.86 -36.74
N ASP D 248 -15.02 1.42 -35.54
CA ASP D 248 -15.74 2.65 -35.23
C ASP D 248 -15.18 3.87 -35.97
N GLU D 249 -13.88 3.86 -36.23
CA GLU D 249 -13.23 4.97 -36.92
C GLU D 249 -13.68 5.07 -38.38
N ILE D 250 -13.83 3.91 -39.03
CA ILE D 250 -14.27 3.86 -40.42
C ILE D 250 -15.72 4.35 -40.53
N HIS D 251 -16.53 4.06 -39.52
CA HIS D 251 -17.91 4.53 -39.48
C HIS D 251 -17.98 6.05 -39.37
N GLU D 252 -17.03 6.63 -38.65
CA GLU D 252 -17.00 8.08 -38.46
C GLU D 252 -16.67 8.82 -39.75
N ARG D 253 -15.90 8.18 -40.61
CA ARG D 253 -15.52 8.78 -41.89
C ARG D 253 -16.70 8.79 -42.85
N ARG D 254 -17.72 8.00 -42.55
CA ARG D 254 -18.90 7.90 -43.38
C ARG D 254 -20.08 8.68 -42.80
N ARG D 255 -19.80 9.42 -41.72
CA ARG D 255 -20.82 10.25 -41.08
C ARG D 255 -20.73 11.69 -41.57
N SER D 256 -19.50 12.19 -41.67
CA SER D 256 -19.28 13.58 -42.12
C SER D 256 -19.17 13.64 -43.64
N SER D 257 -19.25 12.48 -44.29
CA SER D 257 -19.18 12.41 -45.74
C SER D 257 -20.43 12.99 -46.38
N ALA D 258 -21.59 12.60 -45.86
CA ALA D 258 -22.89 13.06 -46.34
C ALA D 258 -23.05 12.82 -47.84
N MET D 259 -23.09 11.54 -48.22
CA MET D 259 -23.22 11.18 -49.62
C MET D 259 -24.61 11.51 -50.16
N GLY D 260 -25.64 11.14 -49.39
CA GLY D 260 -27.01 11.40 -49.79
C GLY D 260 -28.01 11.04 -48.70
N ARG E 6 38.36 -10.49 14.45
CA ARG E 6 37.81 -11.26 13.32
C ARG E 6 38.77 -12.35 12.90
N ASP E 7 39.27 -13.12 13.87
CA ASP E 7 40.20 -14.21 13.59
C ASP E 7 39.67 -15.54 14.12
N ASP E 8 38.47 -15.52 14.67
CA ASP E 8 37.85 -16.73 15.19
C ASP E 8 37.05 -17.47 14.12
N GLU E 9 37.16 -17.00 12.88
CA GLU E 9 36.44 -17.61 11.77
C GLU E 9 37.11 -18.91 11.32
N TYR E 10 36.31 -19.94 11.11
CA TYR E 10 36.81 -21.23 10.67
C TYR E 10 35.76 -21.96 9.85
N ASP E 11 36.15 -23.07 9.23
CA ASP E 11 35.23 -23.85 8.41
C ASP E 11 34.85 -25.17 9.07
N TYR E 12 35.86 -25.96 9.44
CA TYR E 12 35.63 -27.23 10.11
C TYR E 12 36.06 -27.19 11.57
N LEU E 13 35.63 -28.19 12.35
CA LEU E 13 35.95 -28.24 13.76
C LEU E 13 36.24 -29.67 14.20
N PHE E 14 37.51 -30.05 14.13
CA PHE E 14 37.93 -31.38 14.57
C PHE E 14 38.09 -31.41 16.08
N LYS E 15 37.84 -32.58 16.68
CA LYS E 15 37.93 -32.73 18.12
C LYS E 15 38.94 -33.80 18.53
N VAL E 16 40.02 -33.37 19.16
CA VAL E 16 41.04 -34.29 19.66
C VAL E 16 41.11 -34.21 21.19
N VAL E 17 41.57 -35.29 21.81
CA VAL E 17 41.60 -35.35 23.27
C VAL E 17 42.98 -35.69 23.81
N LEU E 18 43.28 -35.18 25.00
CA LEU E 18 44.51 -35.49 25.70
C LEU E 18 44.26 -36.48 26.83
N ILE E 19 44.83 -37.68 26.70
CA ILE E 19 44.61 -38.73 27.69
C ILE E 19 45.93 -39.31 28.20
N GLY E 20 45.84 -40.04 29.32
CA GLY E 20 47.01 -40.60 29.95
C GLY E 20 47.02 -40.31 31.44
N ASP E 21 48.16 -40.52 32.09
CA ASP E 21 48.29 -40.25 33.51
C ASP E 21 48.49 -38.76 33.78
N SER E 22 48.16 -38.33 35.00
CA SER E 22 48.32 -36.93 35.37
C SER E 22 49.74 -36.66 35.86
N GLY E 23 50.26 -35.50 35.51
CA GLY E 23 51.60 -35.10 35.92
C GLY E 23 52.63 -35.22 34.81
N VAL E 24 52.21 -35.78 33.69
CA VAL E 24 53.10 -35.96 32.55
C VAL E 24 53.35 -34.62 31.85
N GLY E 25 52.44 -33.67 32.08
CA GLY E 25 52.60 -32.33 31.53
C GLY E 25 51.95 -32.15 30.18
N LYS E 26 50.79 -32.78 29.99
CA LYS E 26 50.03 -32.62 28.75
C LYS E 26 49.56 -31.17 28.62
N SER E 27 49.18 -30.58 29.75
CA SER E 27 48.69 -29.21 29.78
C SER E 27 49.78 -28.21 29.41
N ASN E 28 50.98 -28.45 29.91
CA ASN E 28 52.10 -27.53 29.71
C ASN E 28 52.80 -27.74 28.37
N LEU E 29 52.46 -28.82 27.68
CA LEU E 29 53.08 -29.14 26.40
C LEU E 29 52.47 -28.30 25.27
N LEU E 30 51.17 -28.08 25.34
CA LEU E 30 50.47 -27.30 24.33
C LEU E 30 50.22 -25.87 24.80
N SER E 31 51.15 -25.34 25.59
CA SER E 31 51.00 -24.01 26.16
C SER E 31 51.27 -22.92 25.13
N ARG E 32 52.34 -23.08 24.36
CA ARG E 32 52.73 -22.09 23.36
C ARG E 32 51.92 -22.24 22.07
N PHE E 33 51.51 -23.47 21.78
CA PHE E 33 50.78 -23.76 20.56
C PHE E 33 49.31 -23.38 20.68
N THR E 34 48.57 -24.19 21.43
CA THR E 34 47.13 -24.00 21.60
C THR E 34 46.80 -22.78 22.43
N ARG E 35 45.55 -22.37 22.38
CA ARG E 35 45.06 -21.26 23.19
C ARG E 35 43.95 -21.74 24.13
N ASN E 36 44.25 -21.81 25.43
CA ASN E 36 43.26 -22.20 26.41
C ASN E 36 42.13 -21.17 26.50
N GLU E 37 40.91 -21.61 26.25
CA GLU E 37 39.77 -20.72 26.20
C GLU E 37 39.27 -20.34 27.60
N PHE E 38 39.83 -20.97 28.61
CA PHE E 38 39.49 -20.65 29.99
C PHE E 38 40.64 -19.94 30.69
N ASN E 39 40.34 -18.80 31.30
CA ASN E 39 41.35 -18.01 31.99
C ASN E 39 41.82 -18.65 33.29
N LEU E 40 40.96 -19.50 33.85
CA LEU E 40 41.27 -20.16 35.11
C LEU E 40 41.20 -21.68 34.96
N GLU E 41 41.92 -22.39 35.83
CA GLU E 41 41.96 -23.85 35.80
C GLU E 41 40.56 -24.46 35.97
N SER E 42 40.22 -25.38 35.08
CA SER E 42 38.91 -26.00 35.12
C SER E 42 38.99 -27.47 35.55
N LYS E 43 40.20 -28.01 35.61
CA LYS E 43 40.40 -29.39 36.03
C LYS E 43 39.94 -29.59 37.47
N SER E 44 40.20 -28.60 38.31
CA SER E 44 39.81 -28.66 39.71
C SER E 44 38.28 -28.55 39.86
N THR E 45 37.65 -27.93 38.87
CA THR E 45 36.20 -27.74 38.89
C THR E 45 35.50 -28.66 37.89
N ILE E 46 35.59 -28.31 36.61
CA ILE E 46 34.93 -29.07 35.55
C ILE E 46 35.56 -30.44 35.39
N GLY E 47 36.88 -30.52 35.56
CA GLY E 47 37.61 -31.76 35.39
C GLY E 47 38.32 -31.78 34.05
N VAL E 48 37.76 -31.08 33.08
CA VAL E 48 38.32 -31.03 31.73
C VAL E 48 38.64 -29.60 31.33
N GLU E 49 39.80 -29.41 30.68
CA GLU E 49 40.20 -28.10 30.20
C GLU E 49 40.12 -28.03 28.67
N PHE E 50 39.84 -26.84 28.15
CA PHE E 50 39.72 -26.67 26.70
C PHE E 50 40.78 -25.74 26.14
N ALA E 51 41.30 -26.09 24.97
CA ALA E 51 42.26 -25.28 24.25
C ALA E 51 42.12 -25.55 22.75
N THR E 52 42.47 -24.57 21.92
CA THR E 52 42.28 -24.72 20.49
C THR E 52 43.35 -24.01 19.65
N ARG E 53 43.55 -24.51 18.43
CA ARG E 53 44.49 -23.91 17.49
C ARG E 53 44.02 -24.15 16.06
N SER E 54 43.64 -23.07 15.39
CA SER E 54 43.11 -23.17 14.03
C SER E 54 44.21 -22.99 12.98
N ILE E 55 44.29 -23.95 12.07
CA ILE E 55 45.26 -23.88 10.97
C ILE E 55 44.56 -24.00 9.62
N GLN E 56 45.30 -23.77 8.55
CA GLN E 56 44.74 -23.85 7.20
C GLN E 56 45.19 -25.13 6.50
N VAL E 57 44.22 -25.96 6.12
CA VAL E 57 44.49 -27.21 5.43
C VAL E 57 43.63 -27.36 4.19
N ASP E 58 44.28 -27.59 3.05
CA ASP E 58 43.60 -27.78 1.76
C ASP E 58 42.71 -26.60 1.39
N GLY E 59 43.13 -25.40 1.77
CA GLY E 59 42.42 -24.19 1.41
C GLY E 59 41.36 -23.77 2.42
N LYS E 60 41.10 -24.62 3.40
CA LYS E 60 40.08 -24.34 4.40
C LYS E 60 40.67 -24.20 5.80
N THR E 61 40.14 -23.25 6.56
CA THR E 61 40.60 -23.02 7.93
C THR E 61 40.01 -24.04 8.89
N ILE E 62 40.86 -24.93 9.40
CA ILE E 62 40.41 -25.97 10.32
C ILE E 62 40.76 -25.66 11.77
N LYS E 63 39.73 -25.51 12.59
CA LYS E 63 39.91 -25.22 14.01
C LYS E 63 39.74 -26.50 14.83
N ALA E 64 40.86 -27.07 15.26
CA ALA E 64 40.84 -28.29 16.06
C ALA E 64 40.59 -27.98 17.53
N GLN E 65 39.69 -28.73 18.15
CA GLN E 65 39.37 -28.52 19.56
C GLN E 65 40.03 -29.58 20.43
N ILE E 66 40.89 -29.14 21.34
CA ILE E 66 41.63 -30.05 22.21
C ILE E 66 40.98 -30.16 23.59
N TRP E 67 40.50 -31.35 23.91
CA TRP E 67 39.93 -31.61 25.23
C TRP E 67 40.98 -32.23 26.14
N ASP E 68 41.29 -31.53 27.24
CA ASP E 68 42.36 -31.97 28.13
C ASP E 68 41.94 -33.15 28.99
N THR E 69 42.86 -33.63 29.82
CA THR E 69 42.63 -34.80 30.67
C THR E 69 41.48 -34.58 31.65
N ALA E 70 40.55 -35.54 31.68
CA ALA E 70 39.40 -35.46 32.56
C ALA E 70 39.78 -35.67 34.02
N GLY E 71 40.79 -36.50 34.26
CA GLY E 71 41.25 -36.78 35.60
C GLY E 71 40.67 -38.07 36.15
N GLN E 72 41.44 -38.72 37.03
CA GLN E 72 41.04 -40.01 37.59
C GLN E 72 40.04 -39.87 38.73
N GLU E 73 40.27 -38.86 39.57
CA GLU E 73 39.57 -38.72 40.86
C GLU E 73 38.05 -38.68 40.75
N ARG E 74 37.52 -37.74 39.97
CA ARG E 74 36.07 -37.64 39.83
C ARG E 74 35.64 -37.49 38.36
N TYR E 75 34.33 -37.45 38.16
CA TYR E 75 33.73 -37.26 36.84
C TYR E 75 34.18 -38.28 35.80
N ARG E 76 34.29 -39.53 36.22
CA ARG E 76 34.64 -40.61 35.30
C ARG E 76 33.43 -41.10 34.53
N ALA E 77 32.24 -40.91 35.11
CA ALA E 77 31.01 -41.36 34.48
C ALA E 77 30.69 -40.53 33.23
N ILE E 78 31.12 -39.28 33.24
CA ILE E 78 30.86 -38.37 32.12
C ILE E 78 31.98 -38.43 31.07
N THR E 79 32.97 -39.27 31.32
CA THR E 79 34.06 -39.46 30.36
C THR E 79 33.55 -40.18 29.13
N SER E 80 32.37 -40.79 29.25
CA SER E 80 31.72 -41.42 28.11
C SER E 80 31.37 -40.36 27.07
N ALA E 81 30.87 -39.21 27.53
CA ALA E 81 30.55 -38.10 26.64
C ALA E 81 31.81 -37.37 26.22
N TYR E 82 32.87 -37.52 27.01
CA TYR E 82 34.17 -36.93 26.71
C TYR E 82 34.81 -37.60 25.51
N TYR E 83 34.72 -38.93 25.47
CA TYR E 83 35.33 -39.72 24.41
C TYR E 83 34.49 -39.72 23.13
N ARG E 84 33.19 -39.50 23.27
CA ARG E 84 32.30 -39.49 22.11
C ARG E 84 32.59 -38.30 21.20
N GLY E 85 32.39 -38.52 19.90
CA GLY E 85 32.58 -37.45 18.92
C GLY E 85 34.02 -37.05 18.72
N ALA E 86 34.94 -37.80 19.32
CA ALA E 86 36.36 -37.51 19.19
C ALA E 86 36.88 -37.94 17.81
N VAL E 87 37.71 -37.10 17.22
CA VAL E 87 38.31 -37.40 15.93
C VAL E 87 39.72 -37.97 16.11
N GLY E 88 40.46 -37.39 17.04
CA GLY E 88 41.80 -37.85 17.32
C GLY E 88 42.08 -37.93 18.81
N ALA E 89 43.25 -38.44 19.18
CA ALA E 89 43.63 -38.59 20.58
C ALA E 89 45.15 -38.58 20.72
N LEU E 90 45.63 -38.01 21.83
CA LEU E 90 47.06 -37.94 22.10
C LEU E 90 47.43 -38.61 23.42
N LEU E 91 48.12 -39.74 23.33
CA LEU E 91 48.64 -40.40 24.52
C LEU E 91 50.00 -39.84 24.90
N VAL E 92 50.06 -39.18 26.05
CA VAL E 92 51.30 -38.59 26.51
C VAL E 92 51.79 -39.27 27.80
N TYR E 93 52.84 -40.08 27.67
CA TYR E 93 53.42 -40.77 28.81
C TYR E 93 54.82 -40.22 29.09
N ASP E 94 55.25 -40.32 30.34
CA ASP E 94 56.58 -39.85 30.72
C ASP E 94 57.63 -40.94 30.47
N ILE E 95 58.71 -40.56 29.80
CA ILE E 95 59.77 -41.52 29.46
C ILE E 95 60.56 -41.95 30.69
N ALA E 96 60.54 -41.13 31.74
CA ALA E 96 61.26 -41.43 32.97
C ALA E 96 60.46 -42.40 33.83
N LYS E 97 59.14 -42.28 33.79
CA LYS E 97 58.26 -43.16 34.56
C LYS E 97 57.72 -44.29 33.69
N HIS E 98 58.20 -45.51 33.97
CA HIS E 98 57.79 -46.68 33.20
C HIS E 98 56.32 -47.02 33.44
N LEU E 99 55.76 -46.49 34.52
CA LEU E 99 54.38 -46.76 34.88
C LEU E 99 53.41 -46.10 33.90
N THR E 100 53.78 -44.91 33.41
CA THR E 100 52.94 -44.18 32.48
C THR E 100 52.89 -44.86 31.11
N TYR E 101 53.90 -45.67 30.83
CA TYR E 101 53.96 -46.41 29.57
C TYR E 101 53.10 -47.66 29.63
N GLU E 102 52.74 -48.07 30.84
CA GLU E 102 51.90 -49.24 31.03
C GLU E 102 50.42 -48.86 31.13
N ASN E 103 50.17 -47.61 31.51
CA ASN E 103 48.81 -47.12 31.66
C ASN E 103 48.18 -46.68 30.34
N VAL E 104 49.01 -46.28 29.39
CA VAL E 104 48.52 -45.86 28.08
C VAL E 104 47.90 -47.05 27.33
N GLU E 105 48.27 -48.26 27.75
CA GLU E 105 47.68 -49.47 27.20
C GLU E 105 46.26 -49.63 27.73
N ARG E 106 45.98 -48.99 28.87
CA ARG E 106 44.67 -49.04 29.49
C ARG E 106 43.78 -47.90 28.99
N TRP E 107 44.41 -46.80 28.59
CA TRP E 107 43.68 -45.68 28.03
C TRP E 107 43.31 -45.96 26.58
N LEU E 108 44.08 -46.82 25.93
CA LEU E 108 43.78 -47.26 24.57
C LEU E 108 42.52 -48.10 24.56
N LYS E 109 42.44 -49.06 25.48
CA LYS E 109 41.28 -49.91 25.60
C LYS E 109 40.09 -49.14 26.16
N GLU E 110 40.36 -47.94 26.68
CA GLU E 110 39.32 -47.05 27.15
C GLU E 110 38.67 -46.32 25.97
N LEU E 111 39.45 -46.12 24.91
CA LEU E 111 38.95 -45.50 23.69
C LEU E 111 38.14 -46.49 22.85
N ARG E 112 38.57 -47.74 22.87
CA ARG E 112 37.93 -48.78 22.07
C ARG E 112 36.55 -49.15 22.62
N ASP E 113 36.26 -48.71 23.84
CA ASP E 113 35.00 -49.03 24.49
C ASP E 113 34.00 -47.88 24.41
N HIS E 114 34.49 -46.66 24.55
CA HIS E 114 33.62 -45.49 24.60
C HIS E 114 33.78 -44.56 23.39
N ALA E 115 35.02 -44.30 23.01
CA ALA E 115 35.30 -43.38 21.91
C ALA E 115 34.95 -43.98 20.56
N ASP E 116 35.02 -43.16 19.52
CA ASP E 116 34.70 -43.59 18.16
C ASP E 116 35.73 -44.59 17.65
N SER E 117 35.28 -45.48 16.76
CA SER E 117 36.15 -46.51 16.20
C SER E 117 37.14 -45.93 15.20
N ASN E 118 36.66 -45.01 14.37
CA ASN E 118 37.50 -44.40 13.34
C ASN E 118 38.22 -43.16 13.87
N ILE E 119 39.12 -43.36 14.82
CA ILE E 119 39.92 -42.27 15.37
C ILE E 119 41.39 -42.47 15.08
N VAL E 120 42.13 -41.38 14.99
CA VAL E 120 43.56 -41.44 14.73
C VAL E 120 44.34 -41.01 15.98
N ILE E 121 45.07 -41.94 16.57
CA ILE E 121 45.76 -41.70 17.83
C ILE E 121 47.28 -41.55 17.64
N MET E 122 47.88 -40.63 18.39
CA MET E 122 49.32 -40.43 18.35
C MET E 122 49.95 -40.61 19.73
N LEU E 123 50.84 -41.58 19.85
CA LEU E 123 51.53 -41.86 21.12
C LEU E 123 52.71 -40.92 21.31
N VAL E 124 52.68 -40.14 22.39
CA VAL E 124 53.72 -39.15 22.64
C VAL E 124 54.50 -39.44 23.91
N GLY E 125 55.82 -39.51 23.78
CA GLY E 125 56.70 -39.69 24.93
C GLY E 125 57.40 -38.38 25.28
N ASN E 126 56.89 -37.69 26.28
CA ASN E 126 57.44 -36.40 26.67
C ASN E 126 58.35 -36.49 27.89
N LYS E 127 59.44 -35.73 27.87
CA LYS E 127 60.38 -35.70 28.98
C LYS E 127 60.00 -34.60 29.98
N SER E 128 59.10 -34.93 30.89
CA SER E 128 58.66 -33.98 31.92
C SER E 128 59.62 -34.01 33.09
N ASP E 129 59.92 -35.21 33.59
CA ASP E 129 60.87 -35.36 34.69
C ASP E 129 62.26 -34.97 34.21
N LEU E 130 62.71 -33.80 34.63
CA LEU E 130 63.95 -33.21 34.13
C LEU E 130 65.19 -33.74 34.85
N ARG E 131 65.01 -34.77 35.67
CA ARG E 131 66.10 -35.26 36.50
C ARG E 131 66.38 -36.76 36.35
N HIS E 132 65.63 -37.43 35.48
CA HIS E 132 65.77 -38.88 35.35
C HIS E 132 66.02 -39.34 33.92
N LEU E 133 66.65 -40.50 33.79
CA LEU E 133 66.93 -41.09 32.49
C LEU E 133 65.69 -41.79 31.94
N ARG E 134 65.78 -42.28 30.70
CA ARG E 134 64.65 -42.93 30.06
C ARG E 134 64.51 -44.37 30.51
N ALA E 135 63.46 -44.64 31.30
CA ALA E 135 63.16 -46.00 31.74
C ALA E 135 62.56 -46.80 30.60
N VAL E 136 61.91 -46.09 29.68
CA VAL E 136 61.28 -46.72 28.52
C VAL E 136 62.11 -46.50 27.26
N PRO E 137 62.56 -47.60 26.64
CA PRO E 137 63.36 -47.53 25.42
C PRO E 137 62.57 -47.02 24.23
N THR E 138 63.17 -46.13 23.45
CA THR E 138 62.53 -45.55 22.28
C THR E 138 62.21 -46.63 21.25
N ASP E 139 63.08 -47.63 21.16
CA ASP E 139 62.91 -48.72 20.20
C ASP E 139 61.63 -49.52 20.47
N GLU E 140 61.44 -49.93 21.72
CA GLU E 140 60.27 -50.72 22.10
C GLU E 140 59.01 -49.86 22.14
N ALA E 141 59.19 -48.57 22.37
CA ALA E 141 58.06 -47.64 22.41
C ALA E 141 57.53 -47.36 21.01
N ARG E 142 58.44 -47.12 20.08
CA ARG E 142 58.06 -46.84 18.70
C ARG E 142 57.51 -48.09 18.01
N ALA E 143 58.01 -49.25 18.44
CA ALA E 143 57.55 -50.52 17.88
C ALA E 143 56.12 -50.82 18.32
N PHE E 144 55.84 -50.57 19.59
CA PHE E 144 54.52 -50.85 20.15
C PHE E 144 53.43 -49.98 19.53
N ALA E 145 53.79 -48.75 19.19
CA ALA E 145 52.83 -47.80 18.62
C ALA E 145 52.37 -48.23 17.23
N GLU E 146 53.27 -48.80 16.45
CA GLU E 146 52.96 -49.22 15.09
C GLU E 146 52.29 -50.59 15.06
N LYS E 147 52.29 -51.28 16.20
CA LYS E 147 51.63 -52.57 16.32
C LYS E 147 50.13 -52.39 16.50
N ASN E 148 49.73 -51.23 17.02
CA ASN E 148 48.33 -50.93 17.23
C ASN E 148 47.77 -49.99 16.17
N GLY E 149 48.54 -49.80 15.10
CA GLY E 149 48.15 -48.92 14.02
C GLY E 149 48.08 -47.47 14.47
N LEU E 150 49.06 -47.06 15.27
CA LEU E 150 49.09 -45.71 15.81
C LEU E 150 50.40 -44.99 15.46
N SER E 151 50.38 -43.66 15.54
CA SER E 151 51.57 -42.87 15.29
C SER E 151 52.40 -42.73 16.56
N PHE E 152 53.61 -42.23 16.44
CA PHE E 152 54.50 -42.08 17.59
C PHE E 152 55.48 -40.93 17.44
N ILE E 153 55.77 -40.26 18.54
CA ILE E 153 56.75 -39.19 18.56
C ILE E 153 57.25 -38.95 19.99
N GLU E 154 58.57 -38.84 20.14
CA GLU E 154 59.19 -38.66 21.45
C GLU E 154 59.84 -37.29 21.54
N THR E 155 59.29 -36.42 22.37
CA THR E 155 59.74 -35.03 22.44
C THR E 155 60.21 -34.62 23.84
N SER E 156 60.85 -33.46 23.90
CA SER E 156 61.33 -32.91 25.17
C SER E 156 60.70 -31.54 25.43
N ALA E 157 61.00 -30.97 26.59
CA ALA E 157 60.41 -29.69 26.98
C ALA E 157 61.03 -28.52 26.22
N LEU E 158 62.31 -28.66 25.87
CA LEU E 158 63.04 -27.60 25.18
C LEU E 158 62.58 -27.46 23.72
N ASP E 159 62.97 -28.42 22.89
CA ASP E 159 62.64 -28.39 21.47
C ASP E 159 61.17 -28.67 21.21
N SER E 160 60.40 -27.61 20.99
CA SER E 160 58.98 -27.75 20.69
C SER E 160 58.76 -27.74 19.18
N THR E 161 59.80 -28.10 18.43
CA THR E 161 59.73 -28.08 16.97
C THR E 161 59.00 -29.30 16.43
N ASN E 162 59.32 -30.48 16.95
CA ASN E 162 58.74 -31.72 16.47
C ASN E 162 57.25 -31.84 16.81
N VAL E 163 56.85 -31.22 17.91
CA VAL E 163 55.46 -31.32 18.37
C VAL E 163 54.48 -30.63 17.42
N GLU E 164 54.76 -29.37 17.12
CA GLU E 164 53.88 -28.56 16.30
C GLU E 164 53.74 -29.11 14.89
N ALA E 165 54.80 -29.75 14.40
CA ALA E 165 54.80 -30.33 13.06
C ALA E 165 53.91 -31.56 12.99
N ALA E 166 53.71 -32.22 14.13
CA ALA E 166 52.87 -33.41 14.20
C ALA E 166 51.39 -33.02 14.31
N PHE E 167 51.13 -31.86 14.89
CA PHE E 167 49.76 -31.36 15.05
C PHE E 167 49.21 -30.86 13.71
N GLN E 168 50.12 -30.49 12.81
CA GLN E 168 49.74 -30.01 11.49
C GLN E 168 49.47 -31.20 10.56
N THR E 169 50.05 -32.34 10.91
CA THR E 169 49.92 -33.55 10.10
C THR E 169 48.64 -34.32 10.40
N ILE E 170 48.31 -34.43 11.69
CA ILE E 170 47.15 -35.20 12.13
C ILE E 170 45.84 -34.65 11.54
N LEU E 171 45.74 -33.33 11.46
CA LEU E 171 44.51 -32.70 10.98
C LEU E 171 44.35 -32.85 9.46
N THR E 172 45.47 -32.86 8.75
CA THR E 172 45.45 -32.98 7.30
C THR E 172 44.97 -34.36 6.86
N GLU E 173 45.33 -35.38 7.63
CA GLU E 173 44.96 -36.76 7.31
C GLU E 173 43.46 -36.99 7.42
N ILE E 174 42.81 -36.24 8.31
CA ILE E 174 41.37 -36.36 8.50
C ILE E 174 40.63 -35.90 7.25
N TYR E 175 40.99 -34.73 6.75
CA TYR E 175 40.39 -34.19 5.54
C TYR E 175 41.04 -34.80 4.30
N ARG F 6 -11.64 33.05 -24.48
CA ARG F 6 -11.42 31.85 -25.28
C ARG F 6 -12.66 30.96 -25.31
N ASP F 7 -13.37 30.99 -26.44
CA ASP F 7 -14.53 30.15 -26.69
C ASP F 7 -15.61 30.28 -25.61
N ASP F 8 -15.98 29.15 -25.02
CA ASP F 8 -17.07 29.11 -24.05
C ASP F 8 -16.61 29.42 -22.63
N GLU F 9 -15.52 30.17 -22.50
CA GLU F 9 -15.05 30.59 -21.19
C GLU F 9 -15.65 31.95 -20.85
N TYR F 10 -16.47 31.99 -19.80
CA TYR F 10 -17.14 33.21 -19.39
C TYR F 10 -17.40 33.25 -17.89
N ASP F 11 -17.53 34.45 -17.35
CA ASP F 11 -17.81 34.62 -15.93
C ASP F 11 -19.31 34.82 -15.69
N TYR F 12 -19.87 35.84 -16.33
CA TYR F 12 -21.29 36.13 -16.19
C TYR F 12 -22.05 35.82 -17.48
N LEU F 13 -23.37 35.67 -17.37
CA LEU F 13 -24.21 35.36 -18.52
C LEU F 13 -25.51 36.17 -18.47
N PHE F 14 -25.58 37.21 -19.30
CA PHE F 14 -26.78 38.04 -19.37
C PHE F 14 -27.69 37.57 -20.52
N LYS F 15 -28.97 37.87 -20.41
CA LYS F 15 -29.94 37.46 -21.43
C LYS F 15 -30.78 38.63 -21.93
N VAL F 16 -30.52 39.03 -23.18
CA VAL F 16 -31.32 40.05 -23.84
C VAL F 16 -32.24 39.39 -24.86
N VAL F 17 -33.29 40.09 -25.27
CA VAL F 17 -34.25 39.53 -26.21
C VAL F 17 -34.54 40.48 -27.37
N LEU F 18 -34.87 39.91 -28.52
CA LEU F 18 -35.26 40.70 -29.69
C LEU F 18 -36.77 40.63 -29.88
N ILE F 19 -37.39 41.77 -30.13
CA ILE F 19 -38.84 41.82 -30.33
C ILE F 19 -39.22 42.84 -31.40
N GLY F 20 -40.45 42.74 -31.89
CA GLY F 20 -40.94 43.63 -32.93
C GLY F 20 -41.74 42.87 -33.97
N ASP F 21 -41.82 43.42 -35.18
CA ASP F 21 -42.53 42.77 -36.27
C ASP F 21 -41.59 41.95 -37.14
N SER F 22 -42.08 40.81 -37.62
CA SER F 22 -41.30 39.95 -38.50
C SER F 22 -41.24 40.52 -39.91
N GLY F 23 -40.03 40.84 -40.35
CA GLY F 23 -39.83 41.40 -41.68
C GLY F 23 -39.04 42.69 -41.65
N VAL F 24 -38.80 43.20 -40.45
CA VAL F 24 -38.04 44.44 -40.28
C VAL F 24 -36.57 44.26 -40.64
N GLY F 25 -35.93 43.25 -40.04
CA GLY F 25 -34.53 43.01 -40.23
C GLY F 25 -33.85 42.72 -38.91
N LYS F 26 -34.50 41.92 -38.08
CA LYS F 26 -33.99 41.60 -36.75
C LYS F 26 -33.00 40.45 -36.80
N SER F 27 -33.33 39.42 -37.57
CA SER F 27 -32.49 38.24 -37.68
C SER F 27 -31.26 38.51 -38.54
N ASN F 28 -31.24 39.66 -39.21
CA ASN F 28 -30.12 40.03 -40.06
C ASN F 28 -29.46 41.31 -39.58
N LEU F 29 -29.64 41.64 -38.30
CA LEU F 29 -29.08 42.84 -37.72
C LEU F 29 -27.78 42.53 -36.96
N LEU F 30 -27.74 41.37 -36.33
CA LEU F 30 -26.56 40.96 -35.57
C LEU F 30 -25.94 39.69 -36.15
N SER F 31 -25.77 39.68 -37.46
CA SER F 31 -25.23 38.51 -38.15
C SER F 31 -23.70 38.51 -38.14
N ARG F 32 -23.11 39.69 -38.16
CA ARG F 32 -21.65 39.83 -38.19
C ARG F 32 -21.07 39.92 -36.79
N PHE F 33 -21.88 40.34 -35.82
CA PHE F 33 -21.42 40.52 -34.46
C PHE F 33 -21.56 39.25 -33.64
N THR F 34 -22.78 38.72 -33.57
CA THR F 34 -23.07 37.56 -32.72
C THR F 34 -22.75 36.24 -33.42
N ARG F 35 -22.83 35.15 -32.66
CA ARG F 35 -22.59 33.82 -33.20
C ARG F 35 -23.83 32.94 -33.02
N ASN F 36 -24.50 32.62 -34.12
CA ASN F 36 -25.65 31.73 -34.07
C ASN F 36 -25.21 30.30 -33.75
N GLU F 37 -25.78 29.72 -32.71
CA GLU F 37 -25.36 28.41 -32.22
C GLU F 37 -26.01 27.26 -32.99
N PHE F 38 -27.13 27.54 -33.66
CA PHE F 38 -27.84 26.52 -34.41
C PHE F 38 -27.50 26.59 -35.90
N ASN F 39 -27.31 25.43 -36.51
CA ASN F 39 -26.97 25.36 -37.92
C ASN F 39 -28.15 25.66 -38.83
N LEU F 40 -29.36 25.32 -38.37
CA LEU F 40 -30.57 25.54 -39.15
C LEU F 40 -31.51 26.51 -38.43
N GLU F 41 -32.52 26.98 -39.15
CA GLU F 41 -33.48 27.92 -38.58
C GLU F 41 -34.37 27.24 -37.56
N SER F 42 -34.49 27.87 -36.39
CA SER F 42 -35.32 27.32 -35.32
C SER F 42 -36.60 28.13 -35.16
N LYS F 43 -36.68 29.28 -35.84
CA LYS F 43 -37.87 30.12 -35.78
C LYS F 43 -39.05 29.45 -36.47
N SER F 44 -38.75 28.56 -37.41
CA SER F 44 -39.79 27.82 -38.13
C SER F 44 -40.12 26.51 -37.43
N THR F 45 -39.20 26.05 -36.59
CA THR F 45 -39.39 24.79 -35.87
C THR F 45 -39.58 25.04 -34.38
N ILE F 46 -38.49 25.37 -33.69
CA ILE F 46 -38.53 25.66 -32.26
C ILE F 46 -39.36 26.91 -31.98
N GLY F 47 -39.08 27.97 -32.72
CA GLY F 47 -39.78 29.22 -32.57
C GLY F 47 -38.85 30.38 -32.28
N VAL F 48 -37.79 30.10 -31.54
CA VAL F 48 -36.83 31.12 -31.15
C VAL F 48 -35.41 30.79 -31.64
N GLU F 49 -34.76 31.77 -32.27
CA GLU F 49 -33.40 31.60 -32.75
C GLU F 49 -32.41 32.10 -31.70
N PHE F 50 -31.28 31.41 -31.58
CA PHE F 50 -30.29 31.76 -30.56
C PHE F 50 -28.98 32.26 -31.15
N ALA F 51 -28.38 33.24 -30.47
CA ALA F 51 -27.10 33.79 -30.85
C ALA F 51 -26.44 34.43 -29.63
N THR F 52 -25.11 34.43 -29.59
CA THR F 52 -24.39 34.95 -28.43
C THR F 52 -22.97 35.38 -28.74
N ARG F 53 -22.45 36.30 -27.93
CA ARG F 53 -21.06 36.72 -27.99
C ARG F 53 -20.59 37.23 -26.64
N SER F 54 -19.46 36.71 -26.17
CA SER F 54 -18.91 37.10 -24.88
C SER F 54 -17.94 38.28 -25.04
N ILE F 55 -18.11 39.29 -24.20
CA ILE F 55 -17.20 40.43 -24.17
C ILE F 55 -16.69 40.66 -22.75
N GLN F 56 -15.52 41.27 -22.63
CA GLN F 56 -14.93 41.53 -21.33
C GLN F 56 -15.34 42.89 -20.78
N VAL F 57 -16.10 42.88 -19.70
CA VAL F 57 -16.56 44.10 -19.05
C VAL F 57 -16.14 44.13 -17.59
N ASP F 58 -15.49 45.23 -17.18
CA ASP F 58 -15.00 45.40 -15.82
C ASP F 58 -14.04 44.29 -15.40
N GLY F 59 -13.21 43.84 -16.35
CA GLY F 59 -12.22 42.82 -16.08
C GLY F 59 -12.79 41.41 -16.07
N LYS F 60 -14.10 41.29 -16.24
CA LYS F 60 -14.76 40.00 -16.25
C LYS F 60 -15.42 39.72 -17.59
N THR F 61 -15.26 38.49 -18.08
CA THR F 61 -15.85 38.09 -19.36
C THR F 61 -17.35 37.86 -19.22
N ILE F 62 -18.14 38.65 -19.94
CA ILE F 62 -19.59 38.55 -19.88
C ILE F 62 -20.17 38.01 -21.18
N LYS F 63 -20.76 36.82 -21.11
CA LYS F 63 -21.37 36.20 -22.28
C LYS F 63 -22.85 36.52 -22.38
N ALA F 64 -23.20 37.46 -23.25
CA ALA F 64 -24.58 37.87 -23.44
C ALA F 64 -25.30 36.95 -24.43
N GLN F 65 -26.41 36.38 -23.99
CA GLN F 65 -27.21 35.50 -24.85
C GLN F 65 -28.36 36.27 -25.50
N ILE F 66 -28.41 36.25 -26.82
CA ILE F 66 -29.43 36.98 -27.55
C ILE F 66 -30.55 36.06 -28.03
N TRP F 67 -31.75 36.26 -27.49
CA TRP F 67 -32.91 35.50 -27.92
C TRP F 67 -33.67 36.24 -29.01
N ASP F 68 -33.65 35.68 -30.21
CA ASP F 68 -34.29 36.30 -31.37
C ASP F 68 -35.81 36.34 -31.21
N THR F 69 -36.46 37.15 -32.05
CA THR F 69 -37.90 37.28 -32.02
C THR F 69 -38.59 35.95 -32.33
N ALA F 70 -39.51 35.55 -31.47
CA ALA F 70 -40.29 34.34 -31.69
C ALA F 70 -41.09 34.45 -32.97
N GLY F 71 -41.92 35.49 -33.06
CA GLY F 71 -42.74 35.72 -34.23
C GLY F 71 -44.13 36.17 -33.87
N GLN F 72 -44.99 36.28 -34.88
CA GLN F 72 -46.36 36.73 -34.68
C GLN F 72 -47.31 35.55 -34.54
N GLU F 73 -47.05 34.50 -35.32
CA GLU F 73 -47.92 33.32 -35.34
C GLU F 73 -47.77 32.48 -34.08
N ARG F 74 -48.91 32.17 -33.45
CA ARG F 74 -48.96 31.27 -32.30
C ARG F 74 -48.19 31.80 -31.08
N TYR F 75 -47.42 30.92 -30.46
CA TYR F 75 -46.68 31.21 -29.23
C TYR F 75 -47.60 31.71 -28.11
N ARG F 76 -48.60 30.90 -27.77
CA ARG F 76 -49.53 31.23 -26.69
C ARG F 76 -48.96 30.83 -25.34
N ALA F 77 -48.04 29.87 -25.34
CA ALA F 77 -47.42 29.40 -24.12
C ALA F 77 -45.90 29.50 -24.20
N ILE F 78 -45.38 29.54 -25.42
CA ILE F 78 -43.94 29.63 -25.64
C ILE F 78 -43.41 31.00 -25.22
N THR F 79 -44.14 32.05 -25.59
CA THR F 79 -43.73 33.42 -25.24
C THR F 79 -43.95 33.71 -23.76
N SER F 80 -44.67 32.84 -23.07
CA SER F 80 -44.89 33.00 -21.64
C SER F 80 -43.62 32.73 -20.85
N ALA F 81 -42.88 31.71 -21.25
CA ALA F 81 -41.63 31.35 -20.58
C ALA F 81 -40.43 31.89 -21.36
N TYR F 82 -40.71 32.65 -22.41
CA TYR F 82 -39.67 33.24 -23.24
C TYR F 82 -39.10 34.51 -22.63
N TYR F 83 -39.99 35.39 -22.18
CA TYR F 83 -39.56 36.66 -21.59
C TYR F 83 -39.10 36.47 -20.15
N ARG F 84 -39.27 35.26 -19.62
CA ARG F 84 -38.83 34.94 -18.28
C ARG F 84 -37.31 34.96 -18.18
N GLY F 85 -36.78 35.54 -17.10
CA GLY F 85 -35.35 35.59 -16.88
C GLY F 85 -34.62 36.47 -17.88
N ALA F 86 -35.34 37.41 -18.48
CA ALA F 86 -34.75 38.34 -19.42
C ALA F 86 -34.23 39.58 -18.70
N VAL F 87 -33.00 39.97 -19.01
CA VAL F 87 -32.38 41.14 -18.40
C VAL F 87 -32.55 42.37 -19.29
N GLY F 88 -32.15 42.24 -20.55
CA GLY F 88 -32.28 43.32 -21.50
C GLY F 88 -33.33 43.02 -22.56
N ALA F 89 -33.64 44.03 -23.38
CA ALA F 89 -34.61 43.87 -24.45
C ALA F 89 -34.33 44.84 -25.58
N LEU F 90 -34.57 44.42 -26.81
CA LEU F 90 -34.30 45.24 -27.98
C LEU F 90 -35.52 45.36 -28.89
N LEU F 91 -36.10 46.55 -28.94
CA LEU F 91 -37.23 46.82 -29.82
C LEU F 91 -36.75 47.24 -31.21
N VAL F 92 -36.91 46.35 -32.18
CA VAL F 92 -36.45 46.62 -33.54
C VAL F 92 -37.63 46.84 -34.48
N TYR F 93 -37.77 48.08 -34.96
CA TYR F 93 -38.82 48.43 -35.90
C TYR F 93 -38.23 48.98 -37.19
N ASP F 94 -38.97 48.86 -38.28
CA ASP F 94 -38.53 49.42 -39.55
C ASP F 94 -38.99 50.86 -39.67
N ILE F 95 -38.04 51.78 -39.82
CA ILE F 95 -38.36 53.21 -39.92
C ILE F 95 -39.09 53.52 -41.21
N ALA F 96 -39.03 52.58 -42.16
CA ALA F 96 -39.70 52.76 -43.45
C ALA F 96 -41.19 52.45 -43.34
N LYS F 97 -41.55 51.66 -42.33
CA LYS F 97 -42.95 51.29 -42.11
C LYS F 97 -43.46 51.86 -40.79
N HIS F 98 -44.40 52.79 -40.88
CA HIS F 98 -44.97 53.42 -39.69
C HIS F 98 -45.77 52.42 -38.88
N LEU F 99 -46.18 51.33 -39.52
CA LEU F 99 -46.94 50.27 -38.85
C LEU F 99 -46.08 49.56 -37.81
N THR F 100 -44.81 49.36 -38.13
CA THR F 100 -43.89 48.66 -37.25
C THR F 100 -43.54 49.50 -36.01
N TYR F 101 -43.71 50.81 -36.13
CA TYR F 101 -43.41 51.72 -35.03
C TYR F 101 -44.49 51.67 -33.96
N GLU F 102 -45.70 51.29 -34.36
CA GLU F 102 -46.82 51.23 -33.44
C GLU F 102 -46.94 49.85 -32.79
N ASN F 103 -46.45 48.84 -33.50
CA ASN F 103 -46.52 47.47 -33.00
C ASN F 103 -45.50 47.18 -31.91
N VAL F 104 -44.35 47.85 -31.99
CA VAL F 104 -43.31 47.69 -30.99
C VAL F 104 -43.71 48.37 -29.67
N GLU F 105 -44.74 49.20 -29.75
CA GLU F 105 -45.32 49.82 -28.56
C GLU F 105 -46.20 48.81 -27.84
N ARG F 106 -46.61 47.77 -28.55
CA ARG F 106 -47.41 46.70 -27.98
C ARG F 106 -46.53 45.65 -27.33
N TRP F 107 -45.40 45.35 -27.96
CA TRP F 107 -44.43 44.41 -27.41
C TRP F 107 -43.78 45.00 -26.17
N LEU F 108 -43.72 46.32 -26.10
CA LEU F 108 -43.19 47.01 -24.94
C LEU F 108 -44.11 46.79 -23.74
N LYS F 109 -45.41 46.89 -23.99
CA LYS F 109 -46.41 46.66 -22.96
C LYS F 109 -46.48 45.18 -22.61
N GLU F 110 -46.03 44.35 -23.55
CA GLU F 110 -45.98 42.90 -23.33
C GLU F 110 -44.89 42.55 -22.32
N LEU F 111 -43.86 43.39 -22.26
CA LEU F 111 -42.76 43.20 -21.32
C LEU F 111 -43.18 43.56 -19.90
N ARG F 112 -44.12 44.48 -19.78
CA ARG F 112 -44.61 44.93 -18.48
C ARG F 112 -45.54 43.90 -17.86
N ASP F 113 -45.93 42.90 -18.64
CA ASP F 113 -46.88 41.90 -18.18
C ASP F 113 -46.21 40.54 -17.93
N HIS F 114 -45.39 40.11 -18.88
CA HIS F 114 -44.75 38.80 -18.79
C HIS F 114 -43.30 38.88 -18.32
N ALA F 115 -42.53 39.79 -18.90
CA ALA F 115 -41.11 39.92 -18.60
C ALA F 115 -40.87 40.48 -17.20
N ASP F 116 -39.62 40.55 -16.81
CA ASP F 116 -39.23 41.05 -15.49
C ASP F 116 -39.47 42.56 -15.40
N SER F 117 -39.71 43.04 -14.18
CA SER F 117 -39.96 44.46 -13.95
C SER F 117 -38.69 45.29 -14.13
N ASN F 118 -37.57 44.75 -13.65
CA ASN F 118 -36.29 45.44 -13.74
C ASN F 118 -35.51 45.06 -15.00
N ILE F 119 -36.00 45.51 -16.15
CA ILE F 119 -35.34 45.24 -17.42
C ILE F 119 -34.91 46.52 -18.11
N VAL F 120 -33.95 46.41 -19.02
CA VAL F 120 -33.46 47.56 -19.77
C VAL F 120 -33.81 47.42 -21.24
N ILE F 121 -34.51 48.41 -21.77
CA ILE F 121 -35.01 48.36 -23.15
C ILE F 121 -34.40 49.47 -24.01
N MET F 122 -34.10 49.16 -25.26
CA MET F 122 -33.58 50.14 -26.20
C MET F 122 -34.31 50.06 -27.53
N LEU F 123 -34.94 51.16 -27.93
CA LEU F 123 -35.65 51.23 -29.20
C LEU F 123 -34.67 51.39 -30.36
N VAL F 124 -34.70 50.44 -31.29
CA VAL F 124 -33.80 50.47 -32.43
C VAL F 124 -34.57 50.54 -33.75
N GLY F 125 -34.20 51.51 -34.59
CA GLY F 125 -34.85 51.68 -35.88
C GLY F 125 -33.89 51.51 -37.04
N ASN F 126 -34.07 50.44 -37.81
CA ASN F 126 -33.24 50.20 -38.98
C ASN F 126 -34.03 50.31 -40.28
N LYS F 127 -33.31 50.38 -41.39
CA LYS F 127 -33.93 50.55 -42.70
C LYS F 127 -33.47 49.49 -43.69
N SER F 128 -34.44 48.86 -44.36
CA SER F 128 -34.14 47.90 -45.42
C SER F 128 -33.99 48.63 -46.75
N ASP F 129 -33.02 48.20 -47.56
CA ASP F 129 -32.73 48.86 -48.82
C ASP F 129 -33.79 48.56 -49.88
N LEU F 130 -35.01 49.02 -49.64
CA LEU F 130 -36.10 48.85 -50.59
C LEU F 130 -36.52 50.19 -51.18
N ARG F 131 -35.63 51.16 -51.10
CA ARG F 131 -35.90 52.53 -51.53
C ARG F 131 -37.13 53.12 -50.82
N HIS F 132 -37.34 52.70 -49.58
CA HIS F 132 -38.45 53.20 -48.79
C HIS F 132 -37.99 54.28 -47.83
N LEU F 133 -38.52 55.49 -48.00
CA LEU F 133 -38.11 56.64 -47.19
C LEU F 133 -38.58 56.51 -45.75
N ARG F 134 -38.15 57.45 -44.91
CA ARG F 134 -38.49 57.44 -43.49
C ARG F 134 -39.99 57.68 -43.27
N ALA F 135 -40.62 56.75 -42.57
CA ALA F 135 -42.02 56.90 -42.18
C ALA F 135 -42.11 57.22 -40.69
N VAL F 136 -40.95 57.21 -40.03
CA VAL F 136 -40.87 57.50 -38.61
C VAL F 136 -39.90 58.63 -38.33
N PRO F 137 -40.40 59.76 -37.79
CA PRO F 137 -39.57 60.91 -37.45
C PRO F 137 -38.60 60.61 -36.31
N THR F 138 -37.39 61.16 -36.40
CA THR F 138 -36.36 60.91 -35.40
C THR F 138 -36.65 61.64 -34.10
N ASP F 139 -37.32 62.78 -34.20
CA ASP F 139 -37.61 63.61 -33.03
C ASP F 139 -38.71 63.01 -32.16
N GLU F 140 -39.75 62.48 -32.79
CA GLU F 140 -40.86 61.89 -32.06
C GLU F 140 -40.49 60.54 -31.46
N ALA F 141 -39.56 59.85 -32.11
CA ALA F 141 -39.14 58.53 -31.64
C ALA F 141 -38.26 58.64 -30.41
N ARG F 142 -37.36 59.62 -30.41
CA ARG F 142 -36.47 59.84 -29.28
C ARG F 142 -37.24 60.35 -28.06
N ALA F 143 -38.28 61.13 -28.32
CA ALA F 143 -39.12 61.66 -27.25
C ALA F 143 -39.93 60.57 -26.59
N PHE F 144 -40.41 59.62 -27.39
CA PHE F 144 -41.21 58.51 -26.89
C PHE F 144 -40.35 57.55 -26.06
N ALA F 145 -39.06 57.53 -26.35
CA ALA F 145 -38.14 56.65 -25.65
C ALA F 145 -37.78 57.20 -24.27
N GLU F 146 -37.89 58.52 -24.11
CA GLU F 146 -37.55 59.17 -22.86
C GLU F 146 -38.73 59.22 -21.90
N LYS F 147 -39.92 58.94 -22.42
CA LYS F 147 -41.13 58.92 -21.60
C LYS F 147 -41.22 57.61 -20.81
N ASN F 148 -40.79 56.52 -21.44
CA ASN F 148 -40.81 55.21 -20.80
C ASN F 148 -39.50 54.92 -20.07
N GLY F 149 -38.59 55.89 -20.11
CA GLY F 149 -37.30 55.73 -19.47
C GLY F 149 -36.42 54.72 -20.17
N LEU F 150 -36.39 54.79 -21.50
CA LEU F 150 -35.63 53.84 -22.30
C LEU F 150 -34.58 54.54 -23.16
N SER F 151 -33.90 53.78 -24.00
CA SER F 151 -32.89 54.32 -24.91
C SER F 151 -33.35 54.24 -26.35
N PHE F 152 -32.61 54.88 -27.25
CA PHE F 152 -32.98 54.91 -28.66
C PHE F 152 -31.78 55.21 -29.56
N ILE F 153 -31.76 54.55 -30.73
CA ILE F 153 -30.71 54.76 -31.71
C ILE F 153 -31.11 54.24 -33.08
N GLU F 154 -30.88 55.04 -34.12
CA GLU F 154 -31.13 54.61 -35.49
C GLU F 154 -29.83 54.37 -36.24
N THR F 155 -29.70 53.19 -36.83
CA THR F 155 -28.50 52.84 -37.59
C THR F 155 -28.85 52.30 -38.97
N SER F 156 -27.84 52.20 -39.82
CA SER F 156 -28.03 51.68 -41.18
C SER F 156 -27.43 50.28 -41.30
N ALA F 157 -27.37 49.79 -42.53
CA ALA F 157 -26.81 48.46 -42.79
C ALA F 157 -25.40 48.58 -43.37
N LEU F 158 -25.01 49.79 -43.76
CA LEU F 158 -23.69 50.01 -44.33
C LEU F 158 -22.60 50.00 -43.25
N ASP F 159 -22.60 51.04 -42.42
CA ASP F 159 -21.61 51.16 -41.36
C ASP F 159 -21.90 50.20 -40.21
N SER F 160 -23.04 50.41 -39.55
CA SER F 160 -23.45 49.61 -38.39
C SER F 160 -22.39 49.63 -37.29
N THR F 161 -21.62 50.70 -37.23
CA THR F 161 -20.55 50.84 -36.24
C THR F 161 -21.13 51.22 -34.87
N ASN F 162 -22.24 51.96 -34.89
CA ASN F 162 -22.89 52.39 -33.67
C ASN F 162 -23.75 51.27 -33.07
N VAL F 163 -23.94 50.21 -33.84
CA VAL F 163 -24.71 49.06 -33.36
C VAL F 163 -23.93 48.31 -32.28
N GLU F 164 -22.67 48.03 -32.56
CA GLU F 164 -21.82 47.32 -31.62
C GLU F 164 -21.49 48.19 -30.41
N ALA F 165 -21.42 49.50 -30.63
CA ALA F 165 -21.16 50.44 -29.56
C ALA F 165 -22.33 50.49 -28.58
N ALA F 166 -23.52 50.19 -29.09
CA ALA F 166 -24.71 50.13 -28.25
C ALA F 166 -24.69 48.86 -27.40
N PHE F 167 -24.07 47.82 -27.92
CA PHE F 167 -23.94 46.56 -27.21
C PHE F 167 -22.88 46.67 -26.11
N GLN F 168 -21.91 47.54 -26.33
CA GLN F 168 -20.84 47.77 -25.36
C GLN F 168 -21.37 48.53 -24.15
N THR F 169 -22.52 49.17 -24.32
CA THR F 169 -23.09 50.02 -23.27
C THR F 169 -24.16 49.28 -22.46
N ILE F 170 -24.96 48.47 -23.14
CA ILE F 170 -26.09 47.79 -22.50
C ILE F 170 -25.65 46.83 -21.39
N LEU F 171 -24.51 46.17 -21.59
CA LEU F 171 -24.02 45.19 -20.62
C LEU F 171 -23.29 45.86 -19.45
N THR F 172 -22.73 47.03 -19.70
CA THR F 172 -22.00 47.76 -18.68
C THR F 172 -22.95 48.30 -17.61
N GLU F 173 -24.13 48.72 -18.04
CA GLU F 173 -25.11 49.29 -17.13
C GLU F 173 -25.69 48.27 -16.17
N ILE F 174 -25.69 47.00 -16.59
CA ILE F 174 -26.21 45.92 -15.76
C ILE F 174 -25.30 45.64 -14.57
N TYR F 175 -24.00 45.53 -14.86
CA TYR F 175 -23.01 45.28 -13.82
C TYR F 175 -22.65 46.59 -13.12
N ASP G 7 -3.83 -3.07 29.14
CA ASP G 7 -4.39 -1.99 28.35
C ASP G 7 -3.70 -0.67 28.63
N ASP G 8 -3.08 -0.09 27.61
CA ASP G 8 -2.35 1.17 27.76
C ASP G 8 -3.21 2.37 27.38
N GLU G 9 -4.50 2.12 27.17
CA GLU G 9 -5.43 3.19 26.80
C GLU G 9 -6.02 3.84 28.05
N TYR G 10 -5.80 5.15 28.19
CA TYR G 10 -6.32 5.90 29.32
C TYR G 10 -6.77 7.29 28.88
N ASP G 11 -7.31 8.05 29.83
CA ASP G 11 -7.78 9.40 29.54
C ASP G 11 -6.92 10.44 30.25
N TYR G 12 -7.13 10.58 31.56
CA TYR G 12 -6.41 11.57 32.36
C TYR G 12 -5.18 10.95 33.03
N LEU G 13 -4.30 11.83 33.54
CA LEU G 13 -3.08 11.39 34.18
C LEU G 13 -2.77 12.26 35.39
N PHE G 14 -2.98 11.72 36.58
CA PHE G 14 -2.71 12.45 37.82
C PHE G 14 -1.33 12.10 38.38
N LYS G 15 -0.73 13.05 39.10
CA LYS G 15 0.58 12.84 39.69
C LYS G 15 0.55 12.89 41.22
N VAL G 16 0.87 11.76 41.85
CA VAL G 16 0.98 11.71 43.29
C VAL G 16 2.41 11.33 43.70
N VAL G 17 2.87 11.85 44.82
CA VAL G 17 4.24 11.62 45.25
C VAL G 17 4.32 11.01 46.65
N LEU G 18 5.36 10.21 46.88
CA LEU G 18 5.61 9.62 48.18
C LEU G 18 6.78 10.33 48.86
N ILE G 19 6.58 10.74 50.10
CA ILE G 19 7.63 11.43 50.84
C ILE G 19 7.72 10.95 52.29
N GLY G 20 8.73 11.42 53.00
CA GLY G 20 8.97 11.00 54.37
C GLY G 20 10.41 10.56 54.55
N ASP G 21 10.64 9.62 55.45
CA ASP G 21 11.98 9.09 55.68
C ASP G 21 12.13 7.71 55.06
N SER G 22 13.37 7.35 54.72
CA SER G 22 13.63 6.06 54.10
C SER G 22 13.72 4.95 55.14
N GLY G 23 13.20 3.78 54.79
CA GLY G 23 13.21 2.63 55.68
C GLY G 23 11.90 2.43 56.41
N VAL G 24 10.91 3.23 56.06
CA VAL G 24 9.59 3.14 56.69
C VAL G 24 8.71 2.13 55.98
N GLY G 25 9.19 1.60 54.86
CA GLY G 25 8.43 0.64 54.08
C GLY G 25 7.53 1.32 53.07
N LYS G 26 8.01 2.40 52.48
CA LYS G 26 7.23 3.17 51.51
C LYS G 26 7.40 2.63 50.10
N SER G 27 8.57 2.03 49.83
CA SER G 27 8.86 1.48 48.51
C SER G 27 8.30 0.07 48.36
N ASN G 28 7.84 -0.49 49.48
CA ASN G 28 7.28 -1.84 49.48
C ASN G 28 5.79 -1.84 49.82
N LEU G 29 5.25 -0.65 50.03
CA LEU G 29 3.85 -0.50 50.41
C LEU G 29 2.93 -0.74 49.22
N LEU G 30 3.42 -0.44 48.02
CA LEU G 30 2.63 -0.60 46.80
C LEU G 30 3.23 -1.65 45.87
N SER G 31 3.62 -2.79 46.44
CA SER G 31 4.20 -3.87 45.66
C SER G 31 3.10 -4.77 45.08
N ARG G 32 1.95 -4.79 45.75
CA ARG G 32 0.82 -5.60 45.31
C ARG G 32 -0.11 -4.81 44.40
N PHE G 33 -0.32 -3.55 44.75
CA PHE G 33 -1.27 -2.70 44.05
C PHE G 33 -0.73 -2.18 42.73
N THR G 34 0.34 -1.39 42.80
CA THR G 34 0.89 -0.72 41.62
C THR G 34 1.73 -1.66 40.76
N ARG G 35 2.21 -1.12 39.64
CA ARG G 35 3.06 -1.87 38.72
C ARG G 35 4.37 -1.13 38.46
N ASN G 36 5.49 -1.74 38.87
CA ASN G 36 6.79 -1.15 38.65
C ASN G 36 7.17 -1.15 37.16
N GLU G 37 7.43 0.03 36.62
CA GLU G 37 7.73 0.17 35.21
C GLU G 37 9.18 -0.24 34.88
N PHE G 38 10.10 0.15 35.75
CA PHE G 38 11.51 -0.18 35.55
C PHE G 38 11.83 -1.56 36.10
N ASN G 39 12.73 -2.27 35.42
CA ASN G 39 13.12 -3.62 35.83
C ASN G 39 14.12 -3.61 36.97
N LEU G 40 14.88 -2.53 37.08
CA LEU G 40 15.88 -2.40 38.14
C LEU G 40 15.60 -1.19 39.02
N GLU G 41 16.20 -1.15 40.20
CA GLU G 41 16.03 -0.04 41.12
C GLU G 41 16.56 1.25 40.51
N SER G 42 15.81 2.34 40.68
CA SER G 42 16.17 3.62 40.11
C SER G 42 16.33 4.70 41.18
N LYS G 43 16.28 4.29 42.44
CA LYS G 43 16.46 5.23 43.55
C LYS G 43 17.95 5.52 43.78
N SER G 44 18.79 4.56 43.43
CA SER G 44 20.23 4.70 43.59
C SER G 44 20.86 5.37 42.38
N THR G 45 20.26 5.17 41.22
CA THR G 45 20.78 5.73 39.98
C THR G 45 20.08 7.04 39.61
N ILE G 46 18.82 6.93 39.21
CA ILE G 46 18.03 8.09 38.81
C ILE G 46 17.67 8.97 40.01
N GLY G 47 17.19 8.33 41.08
CA GLY G 47 16.80 9.04 42.27
C GLY G 47 15.32 8.86 42.58
N VAL G 48 14.51 8.79 41.52
CA VAL G 48 13.07 8.63 41.67
C VAL G 48 12.59 7.36 40.97
N GLU G 49 11.88 6.51 41.70
CA GLU G 49 11.36 5.27 41.13
C GLU G 49 9.91 5.47 40.68
N PHE G 50 9.52 4.79 39.60
CA PHE G 50 8.20 4.99 39.02
C PHE G 50 7.32 3.75 39.10
N ALA G 51 6.04 3.99 39.36
CA ALA G 51 5.02 2.94 39.40
C ALA G 51 3.65 3.56 39.13
N THR G 52 2.75 2.81 38.53
CA THR G 52 1.44 3.35 38.17
C THR G 52 0.37 2.27 37.98
N ARG G 53 -0.89 2.70 38.06
CA ARG G 53 -2.03 1.83 37.82
C ARG G 53 -3.26 2.66 37.52
N SER G 54 -3.98 2.29 36.46
CA SER G 54 -5.15 3.06 36.02
C SER G 54 -6.46 2.47 36.57
N ILE G 55 -7.32 3.35 37.07
CA ILE G 55 -8.65 2.96 37.52
C ILE G 55 -9.71 3.83 36.86
N GLN G 56 -10.97 3.46 37.03
CA GLN G 56 -12.07 4.20 36.41
C GLN G 56 -12.77 5.12 37.41
N VAL G 57 -12.72 6.42 37.15
CA VAL G 57 -13.35 7.41 38.00
C VAL G 57 -14.17 8.40 37.18
N ASP G 58 -15.43 8.60 37.57
CA ASP G 58 -16.33 9.54 36.91
C ASP G 58 -16.53 9.23 35.43
N GLY G 59 -16.55 7.94 35.09
CA GLY G 59 -16.81 7.50 33.73
C GLY G 59 -15.58 7.47 32.85
N LYS G 60 -14.46 7.96 33.37
CA LYS G 60 -13.21 7.98 32.61
C LYS G 60 -12.12 7.18 33.32
N THR G 61 -11.22 6.60 32.53
CA THR G 61 -10.12 5.82 33.08
C THR G 61 -8.96 6.71 33.47
N ILE G 62 -8.76 6.88 34.78
CA ILE G 62 -7.70 7.73 35.29
C ILE G 62 -6.45 6.94 35.64
N LYS G 63 -5.34 7.27 34.98
CA LYS G 63 -4.06 6.62 35.23
C LYS G 63 -3.18 7.48 36.11
N ALA G 64 -3.11 7.15 37.40
CA ALA G 64 -2.32 7.92 38.35
C ALA G 64 -0.86 7.49 38.34
N GLN G 65 0.03 8.48 38.26
CA GLN G 65 1.47 8.21 38.26
C GLN G 65 2.05 8.43 39.65
N ILE G 66 2.71 7.41 40.19
CA ILE G 66 3.28 7.49 41.53
C ILE G 66 4.80 7.67 41.46
N TRP G 67 5.26 8.87 41.80
CA TRP G 67 6.69 9.15 41.89
C TRP G 67 7.18 8.80 43.29
N ASP G 68 8.05 7.79 43.38
CA ASP G 68 8.56 7.33 44.67
C ASP G 68 9.47 8.37 45.31
N THR G 69 9.76 8.19 46.59
CA THR G 69 10.58 9.12 47.35
C THR G 69 11.99 9.24 46.78
N ALA G 70 12.43 10.48 46.56
CA ALA G 70 13.78 10.74 46.07
C ALA G 70 14.81 10.25 47.08
N GLY G 71 14.67 10.69 48.32
CA GLY G 71 15.58 10.31 49.38
C GLY G 71 16.11 11.51 50.13
N GLN G 72 16.97 11.26 51.11
CA GLN G 72 17.54 12.33 51.92
C GLN G 72 18.88 12.80 51.36
N GLU G 73 19.65 11.86 50.83
CA GLU G 73 21.00 12.16 50.34
C GLU G 73 20.98 12.97 49.05
N ARG G 74 21.62 14.14 49.09
CA ARG G 74 21.74 15.02 47.93
C ARG G 74 20.39 15.35 47.30
N TYR G 75 20.32 15.22 45.98
CA TYR G 75 19.09 15.44 45.22
C TYR G 75 18.52 16.84 45.46
N ARG G 76 19.29 17.86 45.14
CA ARG G 76 18.85 19.24 45.31
C ARG G 76 18.15 19.77 44.06
N ALA G 77 18.53 19.24 42.91
CA ALA G 77 17.99 19.72 41.64
C ALA G 77 16.83 18.87 41.16
N ILE G 78 16.94 17.55 41.33
CA ILE G 78 15.91 16.63 40.85
C ILE G 78 14.64 16.73 41.68
N THR G 79 14.76 17.23 42.90
CA THR G 79 13.60 17.39 43.78
C THR G 79 12.82 18.66 43.43
N SER G 80 13.45 19.55 42.67
CA SER G 80 12.79 20.77 42.23
C SER G 80 11.73 20.46 41.19
N ALA G 81 12.02 19.50 40.32
CA ALA G 81 11.08 19.07 39.29
C ALA G 81 10.26 17.88 39.76
N TYR G 82 10.66 17.30 40.90
CA TYR G 82 9.94 16.18 41.49
C TYR G 82 8.60 16.64 42.05
N TYR G 83 8.65 17.63 42.93
CA TYR G 83 7.44 18.19 43.53
C TYR G 83 6.66 19.02 42.53
N ARG G 84 7.34 19.45 41.47
CA ARG G 84 6.72 20.27 40.44
C ARG G 84 5.68 19.47 39.64
N GLY G 85 4.49 20.04 39.49
CA GLY G 85 3.44 19.42 38.72
C GLY G 85 2.75 18.27 39.45
N ALA G 86 3.05 18.12 40.72
CA ALA G 86 2.44 17.06 41.53
C ALA G 86 1.03 17.46 41.95
N VAL G 87 0.07 16.57 41.71
CA VAL G 87 -1.32 16.83 42.06
C VAL G 87 -1.60 16.44 43.50
N GLY G 88 -1.25 15.21 43.86
CA GLY G 88 -1.44 14.72 45.21
C GLY G 88 -0.12 14.41 45.89
N ALA G 89 -0.18 14.12 47.18
CA ALA G 89 1.01 13.78 47.95
C ALA G 89 0.68 12.80 49.07
N LEU G 90 1.62 11.91 49.37
CA LEU G 90 1.40 10.90 50.41
C LEU G 90 2.57 10.85 51.39
N LEU G 91 2.32 11.28 52.62
CA LEU G 91 3.32 11.20 53.68
C LEU G 91 3.39 9.79 54.26
N VAL G 92 4.51 9.13 54.06
CA VAL G 92 4.70 7.78 54.59
C VAL G 92 5.80 7.74 55.64
N TYR G 93 5.42 7.54 56.89
CA TYR G 93 6.38 7.46 57.98
C TYR G 93 6.19 6.17 58.78
N ASP G 94 7.15 5.87 59.63
CA ASP G 94 7.09 4.65 60.45
C ASP G 94 6.49 4.95 61.82
N ILE G 95 5.50 4.15 62.22
CA ILE G 95 4.82 4.35 63.48
C ILE G 95 5.72 3.94 64.66
N ALA G 96 6.76 3.18 64.36
CA ALA G 96 7.71 2.76 65.37
C ALA G 96 8.68 3.88 65.73
N LYS G 97 8.97 4.73 64.75
CA LYS G 97 9.90 5.84 64.94
C LYS G 97 9.15 7.17 65.06
N HIS G 98 9.25 7.79 66.23
CA HIS G 98 8.62 9.08 66.46
C HIS G 98 9.37 10.19 65.74
N LEU G 99 10.61 9.90 65.34
CA LEU G 99 11.44 10.85 64.62
C LEU G 99 10.89 11.09 63.22
N THR G 100 10.36 10.04 62.61
CA THR G 100 9.78 10.13 61.28
C THR G 100 8.49 10.96 61.29
N TYR G 101 7.88 11.05 62.47
CA TYR G 101 6.66 11.83 62.64
C TYR G 101 6.96 13.33 62.67
N GLU G 102 8.20 13.67 63.01
CA GLU G 102 8.62 15.07 63.05
C GLU G 102 9.28 15.48 61.73
N ASN G 103 9.78 14.49 60.99
CA ASN G 103 10.42 14.77 59.71
C ASN G 103 9.40 15.03 58.61
N VAL G 104 8.25 14.37 58.69
CA VAL G 104 7.19 14.58 57.71
C VAL G 104 6.62 15.99 57.81
N GLU G 105 6.88 16.65 58.93
CA GLU G 105 6.51 18.05 59.11
C GLU G 105 7.43 18.93 58.26
N ARG G 106 8.67 18.47 58.08
CA ARG G 106 9.62 19.15 57.21
C ARG G 106 9.27 18.92 55.75
N TRP G 107 8.82 17.71 55.45
CA TRP G 107 8.41 17.36 54.08
C TRP G 107 7.14 18.10 53.71
N LEU G 108 6.35 18.46 54.72
CA LEU G 108 5.17 19.30 54.50
C LEU G 108 5.60 20.71 54.13
N LYS G 109 6.65 21.20 54.80
CA LYS G 109 7.24 22.48 54.48
C LYS G 109 7.94 22.41 53.13
N GLU G 110 8.37 21.20 52.76
CA GLU G 110 9.03 20.96 51.49
C GLU G 110 8.01 21.09 50.35
N LEU G 111 6.76 20.76 50.64
CA LEU G 111 5.68 20.85 49.66
C LEU G 111 5.21 22.30 49.49
N ARG G 112 5.40 23.10 50.52
CA ARG G 112 4.97 24.49 50.50
C ARG G 112 5.97 25.38 49.77
N ASP G 113 7.14 24.82 49.46
CA ASP G 113 8.20 25.58 48.82
C ASP G 113 8.38 25.21 47.35
N HIS G 114 8.36 23.91 47.06
CA HIS G 114 8.59 23.45 45.70
C HIS G 114 7.30 22.94 45.03
N ALA G 115 6.52 22.16 45.75
CA ALA G 115 5.30 21.58 45.20
C ALA G 115 4.22 22.64 45.00
N ASP G 116 3.17 22.26 44.29
CA ASP G 116 2.06 23.18 44.01
C ASP G 116 1.28 23.48 45.29
N SER G 117 0.64 24.64 45.33
CA SER G 117 -0.14 25.05 46.49
C SER G 117 -1.44 24.25 46.59
N ASN G 118 -2.05 23.99 45.44
CA ASN G 118 -3.32 23.27 45.40
C ASN G 118 -3.12 21.75 45.30
N ILE G 119 -2.63 21.15 46.38
CA ILE G 119 -2.40 19.71 46.41
C ILE G 119 -3.19 19.05 47.54
N VAL G 120 -3.51 17.77 47.34
CA VAL G 120 -4.24 17.01 48.36
C VAL G 120 -3.33 15.98 49.00
N ILE G 121 -2.99 16.20 50.26
CA ILE G 121 -2.02 15.35 50.96
C ILE G 121 -2.73 14.39 51.92
N MET G 122 -2.13 13.23 52.15
CA MET G 122 -2.70 12.25 53.07
C MET G 122 -1.59 11.57 53.90
N LEU G 123 -1.61 11.82 55.20
CA LEU G 123 -0.63 11.24 56.11
C LEU G 123 -0.89 9.75 56.33
N VAL G 124 0.09 8.92 55.97
CA VAL G 124 -0.04 7.48 56.10
C VAL G 124 1.08 6.89 56.94
N GLY G 125 0.71 6.18 58.01
CA GLY G 125 1.69 5.56 58.89
C GLY G 125 1.60 4.06 58.89
N ASN G 126 2.73 3.40 58.68
CA ASN G 126 2.76 1.93 58.63
C ASN G 126 3.89 1.35 59.47
N LYS G 127 3.91 0.03 59.58
CA LYS G 127 4.93 -0.67 60.35
C LYS G 127 5.75 -1.61 59.46
N HIS G 132 9.64 -1.62 67.20
CA HIS G 132 8.40 -1.73 66.45
C HIS G 132 7.26 -2.22 67.33
N LEU G 133 7.44 -2.11 68.64
CA LEU G 133 6.45 -2.59 69.60
C LEU G 133 5.26 -1.65 69.71
N ARG G 134 5.51 -0.35 69.58
CA ARG G 134 4.46 0.65 69.68
C ARG G 134 3.48 0.51 68.52
N ALA G 135 2.20 0.32 68.84
CA ALA G 135 1.19 0.07 67.82
C ALA G 135 -0.02 0.98 67.96
N VAL G 136 -0.61 1.30 66.81
CA VAL G 136 -1.82 2.13 66.71
C VAL G 136 -1.81 3.39 67.59
N PRO G 137 -0.88 4.33 67.34
CA PRO G 137 -0.98 5.62 68.00
C PRO G 137 -1.80 6.60 67.17
N THR G 138 -3.08 6.29 66.96
CA THR G 138 -3.93 7.11 66.10
C THR G 138 -4.16 8.51 66.66
N ASP G 139 -4.08 8.63 67.99
CA ASP G 139 -4.37 9.90 68.66
C ASP G 139 -3.30 10.95 68.38
N GLU G 140 -2.06 10.52 68.18
CA GLU G 140 -0.97 11.45 67.93
C GLU G 140 -0.73 11.70 66.45
N ALA G 141 -1.40 10.92 65.61
CA ALA G 141 -1.21 11.03 64.16
C ALA G 141 -2.38 11.72 63.47
N ARG G 142 -3.58 11.46 63.96
CA ARG G 142 -4.79 11.99 63.35
C ARG G 142 -5.00 13.47 63.69
N ALA G 143 -4.37 13.92 64.76
CA ALA G 143 -4.52 15.29 65.22
C ALA G 143 -3.81 16.29 64.31
N PHE G 144 -2.54 16.02 64.02
CA PHE G 144 -1.71 16.93 63.23
C PHE G 144 -2.12 16.95 61.76
N ALA G 145 -2.76 15.87 61.31
CA ALA G 145 -3.14 15.75 59.91
C ALA G 145 -4.32 16.66 59.55
N GLU G 146 -5.18 16.92 60.52
CA GLU G 146 -6.38 17.71 60.28
C GLU G 146 -6.16 19.20 60.52
N LYS G 147 -5.02 19.54 61.14
CA LYS G 147 -4.68 20.93 61.40
C LYS G 147 -4.25 21.63 60.12
N ASN G 148 -3.64 20.87 59.22
CA ASN G 148 -3.18 21.41 57.94
C ASN G 148 -4.20 21.22 56.83
N GLY G 149 -5.36 20.69 57.19
CA GLY G 149 -6.43 20.45 56.23
C GLY G 149 -6.11 19.30 55.29
N LEU G 150 -5.65 18.18 55.86
CA LEU G 150 -5.26 17.02 55.08
C LEU G 150 -6.06 15.79 55.50
N SER G 151 -5.92 14.71 54.73
CA SER G 151 -6.57 13.45 55.04
C SER G 151 -5.64 12.56 55.87
N PHE G 152 -6.18 11.47 56.39
CA PHE G 152 -5.40 10.57 57.24
C PHE G 152 -5.96 9.15 57.28
N ILE G 153 -5.06 8.17 57.25
CA ILE G 153 -5.42 6.77 57.43
C ILE G 153 -4.19 5.97 57.84
N GLU G 154 -4.31 5.24 58.95
CA GLU G 154 -3.19 4.47 59.48
C GLU G 154 -3.40 2.98 59.24
N THR G 155 -2.51 2.38 58.46
CA THR G 155 -2.57 0.96 58.16
C THR G 155 -1.28 0.25 58.57
N SER G 156 -1.11 -0.99 58.13
CA SER G 156 0.08 -1.75 58.44
C SER G 156 0.60 -2.48 57.20
N ALA G 157 1.50 -3.45 57.42
CA ALA G 157 2.12 -4.18 56.33
C ALA G 157 1.29 -5.40 55.94
N LEU G 158 0.67 -6.03 56.93
CA LEU G 158 -0.07 -7.27 56.70
C LEU G 158 -1.37 -7.01 55.95
N ASP G 159 -2.22 -6.15 56.50
CA ASP G 159 -3.50 -5.84 55.88
C ASP G 159 -3.39 -4.71 54.87
N SER G 160 -4.05 -4.88 53.73
CA SER G 160 -4.01 -3.89 52.66
C SER G 160 -5.41 -3.57 52.14
N THR G 161 -6.42 -3.97 52.91
CA THR G 161 -7.81 -3.73 52.53
C THR G 161 -8.15 -2.25 52.69
N ASN G 162 -7.71 -1.64 53.79
CA ASN G 162 -7.94 -0.22 54.02
C ASN G 162 -7.03 0.65 53.16
N VAL G 163 -5.88 0.10 52.77
CA VAL G 163 -4.91 0.82 51.97
C VAL G 163 -5.45 1.21 50.60
N GLU G 164 -6.05 0.24 49.92
CA GLU G 164 -6.57 0.46 48.57
C GLU G 164 -7.76 1.41 48.57
N ALA G 165 -8.53 1.39 49.65
CA ALA G 165 -9.72 2.22 49.76
C ALA G 165 -9.38 3.71 49.80
N ALA G 166 -8.14 4.02 50.20
CA ALA G 166 -7.69 5.40 50.27
C ALA G 166 -7.36 5.96 48.89
N PHE G 167 -6.93 5.09 47.99
CA PHE G 167 -6.58 5.50 46.63
C PHE G 167 -7.82 5.81 45.80
N GLN G 168 -8.95 5.25 46.21
CA GLN G 168 -10.22 5.51 45.53
C GLN G 168 -10.79 6.86 45.95
N THR G 169 -10.22 7.44 47.00
CA THR G 169 -10.69 8.71 47.53
C THR G 169 -9.79 9.86 47.09
N ILE G 170 -8.49 9.60 47.03
CA ILE G 170 -7.50 10.64 46.70
C ILE G 170 -7.67 11.15 45.27
N LEU G 171 -8.25 10.31 44.40
CA LEU G 171 -8.37 10.65 42.98
C LEU G 171 -9.74 11.24 42.66
N THR G 172 -10.76 10.85 43.41
CA THR G 172 -12.11 11.33 43.18
C THR G 172 -12.25 12.79 43.57
N GLU G 173 -11.55 13.19 44.62
CA GLU G 173 -11.59 14.57 45.11
C GLU G 173 -10.99 15.54 44.09
N ILE G 174 -10.03 15.05 43.31
CA ILE G 174 -9.38 15.88 42.30
C ILE G 174 -10.34 16.23 41.18
N TYR G 175 -10.98 15.22 40.61
CA TYR G 175 -11.94 15.43 39.53
C TYR G 175 -13.33 15.73 40.11
N ARG H 6 -16.50 -8.27 -15.43
CA ARG H 6 -17.30 -8.65 -16.59
C ARG H 6 -17.37 -10.16 -16.74
N ASP H 7 -16.80 -10.87 -15.76
CA ASP H 7 -16.74 -12.33 -15.78
C ASP H 7 -16.10 -12.86 -17.06
N ASP H 8 -15.00 -12.22 -17.47
CA ASP H 8 -14.29 -12.62 -18.67
C ASP H 8 -13.29 -13.75 -18.36
N GLU H 9 -13.59 -14.53 -17.33
CA GLU H 9 -12.71 -15.60 -16.91
C GLU H 9 -13.06 -16.91 -17.61
N TYR H 10 -12.06 -17.55 -18.20
CA TYR H 10 -12.24 -18.81 -18.91
C TYR H 10 -10.94 -19.60 -18.92
N ASP H 11 -11.01 -20.86 -19.36
CA ASP H 11 -9.83 -21.70 -19.39
C ASP H 11 -9.29 -21.86 -20.81
N TYR H 12 -10.02 -22.58 -21.65
CA TYR H 12 -9.59 -22.80 -23.02
C TYR H 12 -10.32 -21.87 -24.00
N LEU H 13 -9.68 -21.58 -25.12
CA LEU H 13 -10.26 -20.71 -26.14
C LEU H 13 -10.18 -21.36 -27.51
N PHE H 14 -11.31 -21.91 -27.98
CA PHE H 14 -11.37 -22.54 -29.29
C PHE H 14 -11.76 -21.53 -30.36
N LYS H 15 -11.17 -21.68 -31.54
CA LYS H 15 -11.45 -20.78 -32.66
C LYS H 15 -12.17 -21.50 -33.80
N VAL H 16 -13.45 -21.18 -33.98
CA VAL H 16 -14.21 -21.74 -35.09
C VAL H 16 -14.54 -20.63 -36.08
N VAL H 17 -14.75 -21.01 -37.34
CA VAL H 17 -15.01 -20.03 -38.39
C VAL H 17 -16.30 -20.32 -39.14
N LEU H 18 -16.96 -19.26 -39.60
CA LEU H 18 -18.15 -19.39 -40.44
C LEU H 18 -17.79 -19.09 -41.89
N ILE H 19 -18.16 -19.98 -42.80
CA ILE H 19 -17.88 -19.78 -44.22
C ILE H 19 -19.07 -20.17 -45.08
N GLY H 20 -18.97 -19.85 -46.37
CA GLY H 20 -20.07 -20.09 -47.29
C GLY H 20 -20.44 -18.82 -48.03
N ASP H 21 -21.65 -18.79 -48.59
CA ASP H 21 -22.12 -17.61 -49.32
C ASP H 21 -22.81 -16.63 -48.40
N SER H 22 -22.66 -15.34 -48.69
CA SER H 22 -23.31 -14.30 -47.91
C SER H 22 -24.76 -14.12 -48.35
N GLY H 23 -25.68 -14.09 -47.40
CA GLY H 23 -27.09 -13.95 -47.69
C GLY H 23 -27.90 -15.09 -47.13
N VAL H 24 -27.21 -16.14 -46.68
CA VAL H 24 -27.85 -17.30 -46.09
C VAL H 24 -28.48 -16.93 -44.75
N GLY H 25 -27.75 -16.18 -43.95
CA GLY H 25 -28.23 -15.77 -42.63
C GLY H 25 -27.28 -16.23 -41.54
N LYS H 26 -26.01 -16.31 -41.87
CA LYS H 26 -24.98 -16.80 -40.95
C LYS H 26 -24.84 -15.92 -39.71
N SER H 27 -25.01 -14.62 -39.89
CA SER H 27 -24.87 -13.67 -38.79
C SER H 27 -26.14 -13.59 -37.94
N ASN H 28 -27.19 -14.25 -38.40
CA ASN H 28 -28.46 -14.24 -37.70
C ASN H 28 -28.78 -15.57 -37.03
N LEU H 29 -28.02 -16.61 -37.38
CA LEU H 29 -28.19 -17.92 -36.79
C LEU H 29 -27.73 -17.95 -35.34
N LEU H 30 -26.64 -17.24 -35.06
CA LEU H 30 -26.05 -17.23 -33.73
C LEU H 30 -26.37 -15.94 -32.98
N SER H 31 -27.54 -15.38 -33.23
CA SER H 31 -27.97 -14.15 -32.59
C SER H 31 -28.42 -14.41 -31.15
N ARG H 32 -29.17 -15.49 -30.95
CA ARG H 32 -29.67 -15.85 -29.64
C ARG H 32 -28.60 -16.53 -28.81
N PHE H 33 -27.75 -17.31 -29.47
CA PHE H 33 -26.74 -18.10 -28.80
C PHE H 33 -25.52 -17.26 -28.39
N THR H 34 -24.85 -16.68 -29.37
CA THR H 34 -23.60 -15.96 -29.14
C THR H 34 -23.81 -14.53 -28.67
N ARG H 35 -22.71 -13.90 -28.27
CA ARG H 35 -22.73 -12.51 -27.82
C ARG H 35 -21.74 -11.68 -28.64
N ASN H 36 -22.26 -10.78 -29.48
CA ASN H 36 -21.41 -9.92 -30.29
C ASN H 36 -20.61 -8.95 -29.44
N GLU H 37 -19.29 -9.03 -29.52
CA GLU H 37 -18.41 -8.22 -28.69
C GLU H 37 -18.31 -6.79 -29.20
N PHE H 38 -18.63 -6.58 -30.47
CA PHE H 38 -18.61 -5.24 -31.05
C PHE H 38 -19.98 -4.58 -31.00
N ASN H 39 -19.99 -3.26 -30.90
CA ASN H 39 -21.24 -2.50 -30.82
C ASN H 39 -21.84 -2.22 -32.19
N LEU H 40 -21.02 -2.35 -33.23
CA LEU H 40 -21.47 -2.09 -34.59
C LEU H 40 -21.03 -3.21 -35.54
N GLU H 41 -21.73 -3.34 -36.66
CA GLU H 41 -21.39 -4.32 -37.68
C GLU H 41 -20.00 -4.04 -38.25
N SER H 42 -19.15 -5.06 -38.25
CA SER H 42 -17.78 -4.90 -38.73
C SER H 42 -17.57 -5.57 -40.07
N LYS H 43 -18.65 -6.01 -40.70
CA LYS H 43 -18.58 -6.60 -42.03
C LYS H 43 -18.33 -5.54 -43.09
N SER H 44 -18.81 -4.33 -42.82
CA SER H 44 -18.65 -3.21 -43.74
C SER H 44 -17.31 -2.52 -43.53
N THR H 45 -16.77 -2.65 -42.32
CA THR H 45 -15.50 -2.02 -41.99
C THR H 45 -14.36 -3.03 -41.96
N ILE H 46 -14.32 -3.84 -40.91
CA ILE H 46 -13.29 -4.86 -40.75
C ILE H 46 -13.47 -5.99 -41.77
N GLY H 47 -14.70 -6.44 -41.91
CA GLY H 47 -15.02 -7.54 -42.81
C GLY H 47 -15.49 -8.76 -42.05
N VAL H 48 -14.85 -9.03 -40.92
CA VAL H 48 -15.18 -10.17 -40.09
C VAL H 48 -15.78 -9.72 -38.75
N GLU H 49 -16.94 -10.27 -38.42
CA GLU H 49 -17.61 -9.91 -37.16
C GLU H 49 -17.28 -10.93 -36.08
N PHE H 50 -17.19 -10.45 -34.83
CA PHE H 50 -16.81 -11.32 -33.72
C PHE H 50 -17.95 -11.55 -32.75
N ALA H 51 -18.13 -12.81 -32.35
CA ALA H 51 -19.13 -13.20 -31.37
C ALA H 51 -18.64 -14.44 -30.63
N THR H 52 -19.07 -14.60 -29.38
CA THR H 52 -18.57 -15.70 -28.55
C THR H 52 -19.50 -16.06 -27.40
N ARG H 53 -19.44 -17.32 -26.99
CA ARG H 53 -20.15 -17.80 -25.80
C ARG H 53 -19.34 -18.92 -25.14
N SER H 54 -19.19 -18.82 -23.82
CA SER H 54 -18.42 -19.80 -23.07
C SER H 54 -19.32 -20.86 -22.43
N ILE H 55 -19.05 -22.11 -22.75
CA ILE H 55 -19.76 -23.24 -22.14
C ILE H 55 -18.76 -24.13 -21.41
N GLN H 56 -19.28 -25.07 -20.62
CA GLN H 56 -18.42 -25.97 -19.84
C GLN H 56 -18.31 -27.35 -20.48
N VAL H 57 -17.10 -27.71 -20.86
CA VAL H 57 -16.81 -29.01 -21.46
C VAL H 57 -15.67 -29.70 -20.73
N ASP H 58 -15.91 -30.95 -20.32
CA ASP H 58 -14.92 -31.76 -19.62
C ASP H 58 -14.43 -31.12 -18.32
N GLY H 59 -15.34 -30.42 -17.64
CA GLY H 59 -15.03 -29.82 -16.36
C GLY H 59 -14.36 -28.46 -16.45
N LYS H 60 -14.10 -28.01 -17.66
CA LYS H 60 -13.44 -26.72 -17.87
C LYS H 60 -14.27 -25.79 -18.75
N THR H 61 -14.33 -24.53 -18.38
CA THR H 61 -15.07 -23.53 -19.16
C THR H 61 -14.33 -23.17 -20.43
N ILE H 62 -14.91 -23.52 -21.58
CA ILE H 62 -14.29 -23.26 -22.87
C ILE H 62 -15.00 -22.13 -23.61
N LYS H 63 -14.27 -21.04 -23.84
CA LYS H 63 -14.82 -19.89 -24.56
C LYS H 63 -14.48 -19.96 -26.04
N ALA H 64 -15.46 -20.38 -26.84
CA ALA H 64 -15.27 -20.49 -28.28
C ALA H 64 -15.47 -19.15 -28.98
N GLN H 65 -14.45 -18.70 -29.69
CA GLN H 65 -14.54 -17.44 -30.43
C GLN H 65 -14.99 -17.69 -31.87
N ILE H 66 -16.19 -17.22 -32.19
CA ILE H 66 -16.76 -17.42 -33.51
C ILE H 66 -16.41 -16.27 -34.46
N TRP H 67 -15.56 -16.55 -35.43
CA TRP H 67 -15.23 -15.56 -36.45
C TRP H 67 -16.25 -15.65 -37.58
N ASP H 68 -17.11 -14.64 -37.68
CA ASP H 68 -18.17 -14.62 -38.69
C ASP H 68 -17.58 -14.60 -40.11
N THR H 69 -18.40 -14.96 -41.08
CA THR H 69 -17.97 -14.98 -42.47
C THR H 69 -17.50 -13.60 -42.92
N ALA H 70 -16.30 -13.55 -43.46
CA ALA H 70 -15.76 -12.31 -44.01
C ALA H 70 -16.69 -11.77 -45.08
N GLY H 71 -16.94 -12.58 -46.10
CA GLY H 71 -17.83 -12.21 -47.17
C GLY H 71 -17.31 -12.65 -48.53
N GLN H 72 -17.57 -11.83 -49.54
CA GLN H 72 -17.16 -12.15 -50.90
C GLN H 72 -16.35 -11.02 -51.52
N GLU H 73 -16.57 -9.80 -51.04
CA GLU H 73 -15.91 -8.62 -51.59
C GLU H 73 -14.48 -8.47 -51.07
N ARG H 74 -13.53 -8.43 -52.00
CA ARG H 74 -12.10 -8.27 -51.69
C ARG H 74 -11.57 -9.37 -50.77
N TYR H 75 -11.04 -8.96 -49.63
CA TYR H 75 -10.48 -9.89 -48.64
C TYR H 75 -9.35 -10.74 -49.23
N ARG H 76 -8.51 -10.13 -50.05
CA ARG H 76 -7.40 -10.85 -50.68
C ARG H 76 -6.25 -11.05 -49.71
N ALA H 77 -6.20 -10.24 -48.67
CA ALA H 77 -5.13 -10.34 -47.67
C ALA H 77 -5.69 -10.61 -46.28
N ILE H 78 -6.99 -10.40 -46.12
CA ILE H 78 -7.65 -10.61 -44.84
C ILE H 78 -7.91 -12.10 -44.59
N THR H 79 -8.38 -12.80 -45.62
CA THR H 79 -8.70 -14.21 -45.50
C THR H 79 -7.46 -15.09 -45.38
N SER H 80 -6.29 -14.50 -45.62
CA SER H 80 -5.03 -15.24 -45.53
C SER H 80 -4.69 -15.60 -44.09
N ALA H 81 -4.85 -14.63 -43.19
CA ALA H 81 -4.57 -14.85 -41.77
C ALA H 81 -5.85 -15.20 -41.02
N TYR H 82 -6.96 -15.27 -41.74
CA TYR H 82 -8.25 -15.61 -41.17
C TYR H 82 -8.34 -17.10 -40.87
N TYR H 83 -7.99 -17.92 -41.86
CA TYR H 83 -8.08 -19.36 -41.74
C TYR H 83 -6.95 -19.93 -40.89
N ARG H 84 -5.89 -19.16 -40.72
CA ARG H 84 -4.75 -19.59 -39.91
C ARG H 84 -5.14 -19.72 -38.44
N GLY H 85 -4.72 -20.81 -37.82
CA GLY H 85 -4.97 -21.02 -36.40
C GLY H 85 -6.41 -21.43 -36.11
N ALA H 86 -7.15 -21.79 -37.14
CA ALA H 86 -8.53 -22.22 -36.97
C ALA H 86 -8.59 -23.66 -36.48
N VAL H 87 -9.46 -23.91 -35.50
CA VAL H 87 -9.62 -25.25 -34.95
C VAL H 87 -10.82 -25.94 -35.58
N GLY H 88 -11.97 -25.27 -35.54
CA GLY H 88 -13.19 -25.79 -36.13
C GLY H 88 -13.65 -24.97 -37.32
N ALA H 89 -14.66 -25.46 -38.02
CA ALA H 89 -15.21 -24.78 -39.18
C ALA H 89 -16.67 -25.13 -39.40
N LEU H 90 -17.47 -24.14 -39.77
CA LEU H 90 -18.90 -24.35 -39.95
C LEU H 90 -19.37 -23.90 -41.32
N LEU H 91 -19.67 -24.85 -42.20
CA LEU H 91 -20.23 -24.55 -43.51
C LEU H 91 -21.72 -24.25 -43.40
N VAL H 92 -22.11 -23.04 -43.82
CA VAL H 92 -23.51 -22.65 -43.78
C VAL H 92 -24.02 -22.27 -45.17
N TYR H 93 -24.92 -23.08 -45.70
CA TYR H 93 -25.52 -22.81 -47.00
C TYR H 93 -27.04 -22.77 -46.90
N ASP H 94 -27.66 -21.95 -47.74
CA ASP H 94 -29.11 -21.84 -47.76
C ASP H 94 -29.72 -23.04 -48.48
N ILE H 95 -30.70 -23.68 -47.85
CA ILE H 95 -31.33 -24.87 -48.41
C ILE H 95 -32.35 -24.50 -49.49
N ALA H 96 -32.62 -23.20 -49.62
CA ALA H 96 -33.57 -22.73 -50.63
C ALA H 96 -32.85 -22.50 -51.97
N LYS H 97 -31.52 -22.59 -51.95
CA LYS H 97 -30.73 -22.41 -53.15
C LYS H 97 -29.74 -23.56 -53.34
N HIS H 98 -29.79 -24.20 -54.50
CA HIS H 98 -28.88 -25.30 -54.82
C HIS H 98 -27.48 -24.77 -55.12
N LEU H 99 -27.40 -23.49 -55.46
CA LEU H 99 -26.13 -22.86 -55.80
C LEU H 99 -25.21 -22.74 -54.58
N THR H 100 -25.80 -22.46 -53.43
CA THR H 100 -25.03 -22.30 -52.20
C THR H 100 -24.49 -23.64 -51.70
N TYR H 101 -25.14 -24.72 -52.11
CA TYR H 101 -24.73 -26.07 -51.72
C TYR H 101 -23.46 -26.50 -52.46
N GLU H 102 -23.23 -25.91 -53.63
CA GLU H 102 -22.06 -26.25 -54.43
C GLU H 102 -20.91 -25.29 -54.18
N ASN H 103 -21.22 -24.12 -53.62
CA ASN H 103 -20.20 -23.12 -53.33
C ASN H 103 -19.38 -23.47 -52.09
N VAL H 104 -20.01 -24.15 -51.14
CA VAL H 104 -19.33 -24.55 -49.91
C VAL H 104 -18.26 -25.60 -50.19
N GLU H 105 -18.34 -26.22 -51.37
CA GLU H 105 -17.33 -27.18 -51.80
C GLU H 105 -16.03 -26.45 -52.13
N ARG H 106 -16.16 -25.19 -52.55
CA ARG H 106 -15.01 -24.36 -52.83
C ARG H 106 -14.35 -23.89 -51.55
N TRP H 107 -15.18 -23.60 -50.55
CA TRP H 107 -14.68 -23.18 -49.24
C TRP H 107 -13.97 -24.34 -48.53
N LEU H 108 -14.31 -25.56 -48.93
CA LEU H 108 -13.66 -26.74 -48.38
C LEU H 108 -12.23 -26.86 -48.87
N LYS H 109 -12.03 -26.62 -50.17
CA LYS H 109 -10.69 -26.66 -50.76
C LYS H 109 -9.88 -25.46 -50.31
N GLU H 110 -10.56 -24.42 -49.86
CA GLU H 110 -9.90 -23.22 -49.35
C GLU H 110 -9.28 -23.50 -47.98
N LEU H 111 -9.91 -24.38 -47.21
CA LEU H 111 -9.43 -24.76 -45.90
C LEU H 111 -8.20 -25.67 -45.98
N ARG H 112 -8.15 -26.45 -47.05
CA ARG H 112 -7.05 -27.39 -47.24
C ARG H 112 -5.76 -26.69 -47.66
N ASP H 113 -5.88 -25.41 -48.01
CA ASP H 113 -4.74 -24.64 -48.49
C ASP H 113 -4.20 -23.71 -47.41
N HIS H 114 -5.08 -22.88 -46.84
CA HIS H 114 -4.66 -21.87 -45.87
C HIS H 114 -4.88 -22.32 -44.43
N ALA H 115 -6.06 -22.86 -44.16
CA ALA H 115 -6.41 -23.30 -42.80
C ALA H 115 -5.59 -24.53 -42.40
N ASP H 116 -5.66 -24.87 -41.12
CA ASP H 116 -4.94 -26.03 -40.59
C ASP H 116 -5.48 -27.32 -41.20
N SER H 117 -4.61 -28.32 -41.34
CA SER H 117 -5.01 -29.60 -41.91
C SER H 117 -5.92 -30.37 -40.95
N ASN H 118 -5.58 -30.34 -39.67
CA ASN H 118 -6.35 -31.02 -38.64
C ASN H 118 -7.48 -30.16 -38.09
N ILE H 119 -8.50 -29.94 -38.90
CA ILE H 119 -9.66 -29.16 -38.47
C ILE H 119 -10.94 -29.99 -38.53
N VAL H 120 -11.89 -29.65 -37.67
CA VAL H 120 -13.17 -30.36 -37.65
C VAL H 120 -14.27 -29.49 -38.24
N ILE H 121 -14.85 -29.95 -39.35
CA ILE H 121 -15.83 -29.16 -40.07
C ILE H 121 -17.24 -29.75 -39.93
N MET H 122 -18.24 -28.88 -39.86
CA MET H 122 -19.63 -29.33 -39.75
C MET H 122 -20.53 -28.61 -40.76
N LEU H 123 -21.00 -29.36 -41.75
CA LEU H 123 -21.87 -28.81 -42.79
C LEU H 123 -23.29 -28.58 -42.27
N VAL H 124 -23.72 -27.33 -42.25
CA VAL H 124 -25.04 -26.96 -41.75
C VAL H 124 -25.85 -26.22 -42.81
N GLY H 125 -27.10 -26.61 -42.99
CA GLY H 125 -27.98 -25.96 -43.95
C GLY H 125 -29.24 -25.40 -43.33
N ASN H 126 -29.41 -24.09 -43.43
CA ASN H 126 -30.59 -23.43 -42.87
C ASN H 126 -31.43 -22.73 -43.94
N LYS H 127 -32.56 -22.19 -43.52
CA LYS H 127 -33.47 -21.50 -44.43
C LYS H 127 -33.75 -20.08 -43.97
N SER H 128 -33.56 -19.12 -44.87
CA SER H 128 -33.80 -17.71 -44.56
C SER H 128 -35.26 -17.34 -44.76
N HIS H 132 -39.91 -21.31 -46.92
CA HIS H 132 -39.60 -21.70 -48.29
C HIS H 132 -39.40 -23.21 -48.41
N LEU H 133 -39.20 -23.67 -49.64
CA LEU H 133 -39.02 -25.09 -49.90
C LEU H 133 -37.54 -25.46 -49.96
N ARG H 134 -37.26 -26.76 -49.94
CA ARG H 134 -35.88 -27.25 -50.03
C ARG H 134 -35.45 -27.42 -51.49
N ALA H 135 -34.25 -26.93 -51.80
CA ALA H 135 -33.71 -27.07 -53.15
C ALA H 135 -32.85 -28.32 -53.25
N VAL H 136 -32.30 -28.75 -52.13
CA VAL H 136 -31.48 -29.96 -52.08
C VAL H 136 -32.04 -30.96 -51.09
N PRO H 137 -32.21 -32.22 -51.52
CA PRO H 137 -32.64 -33.28 -50.61
C PRO H 137 -31.63 -33.52 -49.50
N THR H 138 -32.11 -33.89 -48.32
CA THR H 138 -31.25 -34.07 -47.16
C THR H 138 -30.23 -35.20 -47.37
N ASP H 139 -30.65 -36.24 -48.08
CA ASP H 139 -29.81 -37.41 -48.30
C ASP H 139 -28.58 -37.11 -49.17
N GLU H 140 -28.78 -36.30 -50.21
CA GLU H 140 -27.68 -35.95 -51.10
C GLU H 140 -26.68 -35.02 -50.41
N ALA H 141 -27.17 -34.20 -49.50
CA ALA H 141 -26.32 -33.27 -48.77
C ALA H 141 -25.57 -33.97 -47.65
N ARG H 142 -26.18 -35.01 -47.10
CA ARG H 142 -25.59 -35.77 -46.00
C ARG H 142 -24.57 -36.77 -46.52
N ALA H 143 -24.76 -37.22 -47.75
CA ALA H 143 -23.86 -38.21 -48.36
C ALA H 143 -22.52 -37.57 -48.73
N PHE H 144 -22.57 -36.38 -49.33
CA PHE H 144 -21.36 -35.68 -49.74
C PHE H 144 -20.56 -35.19 -48.53
N ALA H 145 -21.27 -34.95 -47.42
CA ALA H 145 -20.62 -34.49 -46.19
C ALA H 145 -19.77 -35.60 -45.58
N GLU H 146 -20.19 -36.85 -45.78
CA GLU H 146 -19.47 -37.99 -45.23
C GLU H 146 -18.35 -38.46 -46.14
N LYS H 147 -18.30 -37.90 -47.35
CA LYS H 147 -17.25 -38.23 -48.31
C LYS H 147 -15.95 -37.52 -47.94
N ASN H 148 -16.07 -36.31 -47.40
CA ASN H 148 -14.92 -35.52 -46.99
C ASN H 148 -14.65 -35.63 -45.50
N GLY H 149 -15.39 -36.52 -44.83
CA GLY H 149 -15.23 -36.73 -43.41
C GLY H 149 -15.73 -35.55 -42.59
N LEU H 150 -16.95 -35.09 -42.90
CA LEU H 150 -17.53 -33.95 -42.21
C LEU H 150 -18.84 -34.31 -41.54
N SER H 151 -19.31 -33.45 -40.65
CA SER H 151 -20.59 -33.65 -39.98
C SER H 151 -21.72 -33.02 -40.79
N PHE H 152 -22.95 -33.22 -40.35
CA PHE H 152 -24.10 -32.69 -41.07
C PHE H 152 -25.33 -32.55 -40.17
N ILE H 153 -26.05 -31.43 -40.33
CA ILE H 153 -27.27 -31.18 -39.57
C ILE H 153 -28.09 -30.06 -40.20
N GLU H 154 -29.38 -30.33 -40.40
CA GLU H 154 -30.28 -29.34 -40.99
C GLU H 154 -31.21 -28.73 -39.95
N THR H 155 -31.19 -27.41 -39.85
CA THR H 155 -32.03 -26.69 -38.90
C THR H 155 -32.75 -25.51 -39.56
N SER H 156 -33.54 -24.79 -38.78
CA SER H 156 -34.22 -23.60 -39.27
C SER H 156 -33.92 -22.42 -38.36
N ALA H 157 -34.49 -21.26 -38.69
CA ALA H 157 -34.25 -20.05 -37.92
C ALA H 157 -35.30 -19.85 -36.82
N LEU H 158 -36.47 -20.46 -37.02
CA LEU H 158 -37.57 -20.30 -36.08
C LEU H 158 -37.33 -21.08 -34.78
N ASP H 159 -37.35 -22.39 -34.87
CA ASP H 159 -37.19 -23.25 -33.70
C ASP H 159 -35.79 -23.11 -33.08
N SER H 160 -34.78 -23.42 -33.88
CA SER H 160 -33.38 -23.36 -33.45
C SER H 160 -33.14 -24.23 -32.21
N THR H 161 -33.81 -25.39 -32.17
CA THR H 161 -33.67 -26.31 -31.05
C THR H 161 -32.52 -27.29 -31.29
N ASN H 162 -32.29 -27.61 -32.56
CA ASN H 162 -31.20 -28.52 -32.92
C ASN H 162 -29.90 -27.78 -33.17
N VAL H 163 -29.99 -26.46 -33.28
CA VAL H 163 -28.83 -25.61 -33.52
C VAL H 163 -27.85 -25.66 -32.36
N GLU H 164 -28.36 -25.44 -31.15
CA GLU H 164 -27.54 -25.37 -29.95
C GLU H 164 -26.87 -26.71 -29.62
N ALA H 165 -27.52 -27.79 -30.02
CA ALA H 165 -27.03 -29.14 -29.72
C ALA H 165 -25.79 -29.47 -30.55
N ALA H 166 -25.63 -28.78 -31.67
CA ALA H 166 -24.50 -29.05 -32.58
C ALA H 166 -23.20 -28.45 -32.05
N PHE H 167 -23.32 -27.42 -31.21
CA PHE H 167 -22.16 -26.77 -30.63
C PHE H 167 -21.60 -27.53 -29.44
N GLN H 168 -22.45 -28.35 -28.82
CA GLN H 168 -22.04 -29.12 -27.65
C GLN H 168 -21.18 -30.31 -28.06
N THR H 169 -21.21 -30.64 -29.35
CA THR H 169 -20.47 -31.78 -29.87
C THR H 169 -19.16 -31.35 -30.52
N ILE H 170 -19.20 -30.21 -31.22
CA ILE H 170 -18.04 -29.72 -31.95
C ILE H 170 -16.88 -29.37 -31.02
N LEU H 171 -17.21 -29.00 -29.78
CA LEU H 171 -16.18 -28.62 -28.82
C LEU H 171 -15.73 -29.81 -27.98
N THR H 172 -16.54 -30.85 -27.95
CA THR H 172 -16.23 -32.06 -27.18
C THR H 172 -15.21 -32.93 -27.91
N GLU H 173 -15.29 -32.93 -29.23
CA GLU H 173 -14.40 -33.74 -30.05
C GLU H 173 -12.97 -33.19 -30.07
N ILE H 174 -12.84 -31.88 -29.82
CA ILE H 174 -11.54 -31.24 -29.80
C ILE H 174 -10.73 -31.68 -28.58
N TYR H 175 -11.35 -31.61 -27.41
CA TYR H 175 -10.70 -32.01 -26.17
C TYR H 175 -10.73 -33.54 -26.03
#